data_9RKR
#
_entry.id   9RKR
#
_cell.length_a   1.00
_cell.length_b   1.00
_cell.length_c   1.00
_cell.angle_alpha   90.00
_cell.angle_beta   90.00
_cell.angle_gamma   90.00
#
_symmetry.space_group_name_H-M   'P 1'
#
_entity_poly.entity_id   1
_entity_poly.type   'polypeptide(L)'
_entity_poly.pdbx_seq_one_letter_code
;MNYETLLPLQTIREHAKCDDNPRVTDTLLSLYREAAFEAAELYTGMSFTPQKTIVEPVRIKNRKGKIVLSQVPIAGRPVV
FTGGGLGSPLELIPFPNSNVLHFPNGSPDRFQTWGDCHTCGVPSQLMATYVAGRRCESSVPAGIIMGVLKLIAWNINNPG
DEIMSVRNTSTANAQGLIGGTNNGAVVSGAQDEWFRYRRVIL
;
_entity_poly.pdbx_strand_id   I,J,K,L,M,N,O,P,Q,R,S,T
#
# COMPACT_ATOMS: atom_id res chain seq x y z
N MET A 1 -18.57 -27.77 44.27
CA MET A 1 -17.67 -27.21 45.32
C MET A 1 -18.12 -25.79 45.66
N ASN A 2 -17.68 -25.28 46.80
CA ASN A 2 -18.21 -24.01 47.31
C ASN A 2 -17.52 -22.81 46.67
N TYR A 3 -17.79 -22.56 45.39
CA TYR A 3 -17.31 -21.35 44.75
C TYR A 3 -17.95 -20.10 45.31
N GLU A 4 -19.05 -20.24 46.05
CA GLU A 4 -19.73 -19.06 46.59
C GLU A 4 -18.83 -18.26 47.51
N THR A 5 -18.13 -18.94 48.42
CA THR A 5 -17.29 -18.23 49.38
C THR A 5 -16.14 -17.49 48.69
N LEU A 6 -15.81 -17.84 47.45
CA LEU A 6 -14.73 -17.17 46.75
C LEU A 6 -15.22 -15.97 45.96
N LEU A 7 -16.44 -16.02 45.44
CA LEU A 7 -16.96 -14.96 44.58
C LEU A 7 -18.48 -15.02 44.60
N PRO A 8 -19.10 -14.36 45.58
CA PRO A 8 -20.57 -14.43 45.69
C PRO A 8 -21.27 -13.91 44.44
N LEU A 9 -22.40 -14.52 44.11
CA LEU A 9 -23.16 -14.12 42.93
C LEU A 9 -23.52 -12.65 42.97
N GLN A 10 -23.73 -12.10 44.17
CA GLN A 10 -24.10 -10.70 44.28
C GLN A 10 -23.06 -9.79 43.65
N THR A 11 -21.78 -10.06 43.92
CA THR A 11 -20.72 -9.24 43.35
C THR A 11 -20.70 -9.35 41.83
N ILE A 12 -20.88 -10.55 41.29
CA ILE A 12 -20.88 -10.72 39.84
C ILE A 12 -22.03 -9.92 39.23
N ARG A 13 -23.22 -10.02 39.82
CA ARG A 13 -24.36 -9.28 39.30
C ARG A 13 -24.12 -7.78 39.38
N GLU A 14 -23.52 -7.31 40.48
CA GLU A 14 -23.25 -5.89 40.64
C GLU A 14 -22.27 -5.41 39.58
N HIS A 15 -21.23 -6.21 39.31
CA HIS A 15 -20.24 -5.82 38.31
C HIS A 15 -20.85 -5.74 36.92
N ALA A 16 -21.67 -6.71 36.54
CA ALA A 16 -22.24 -6.76 35.21
C ALA A 16 -23.49 -5.91 35.05
N LYS A 17 -23.96 -5.28 36.12
CA LYS A 17 -25.13 -4.40 36.06
C LYS A 17 -26.31 -5.13 35.42
N CYS A 18 -26.58 -6.34 35.92
CA CYS A 18 -27.68 -7.16 35.43
C CYS A 18 -28.51 -7.74 36.57
N ASP A 19 -28.48 -7.11 37.74
CA ASP A 19 -29.20 -7.64 38.89
C ASP A 19 -30.70 -7.68 38.66
N ASP A 20 -31.24 -6.80 37.81
CA ASP A 20 -32.67 -6.72 37.56
C ASP A 20 -33.06 -7.32 36.22
N ASN A 21 -32.25 -8.22 35.69
CA ASN A 21 -32.54 -8.85 34.41
C ASN A 21 -33.01 -10.28 34.65
N PRO A 22 -34.26 -10.64 34.32
CA PRO A 22 -34.72 -12.01 34.57
C PRO A 22 -34.26 -13.02 33.54
N ARG A 23 -33.58 -12.57 32.49
CA ARG A 23 -33.11 -13.44 31.42
C ARG A 23 -31.89 -14.26 31.81
N VAL A 24 -31.26 -13.97 32.94
CA VAL A 24 -30.06 -14.69 33.35
C VAL A 24 -30.30 -15.32 34.71
N THR A 25 -30.74 -16.58 34.70
CA THR A 25 -31.05 -17.27 35.94
C THR A 25 -29.78 -17.62 36.69
N ASP A 26 -29.96 -18.13 37.91
CA ASP A 26 -28.81 -18.48 38.74
C ASP A 26 -27.98 -19.63 38.15
N THR A 27 -28.63 -20.60 37.51
CA THR A 27 -27.91 -21.74 36.97
C THR A 27 -26.91 -21.30 35.90
N LEU A 28 -27.33 -20.40 35.01
CA LEU A 28 -26.44 -19.95 33.95
C LEU A 28 -25.23 -19.23 34.53
N LEU A 29 -25.44 -18.38 35.53
CA LEU A 29 -24.32 -17.68 36.16
C LEU A 29 -23.39 -18.66 36.86
N SER A 30 -23.95 -19.69 37.50
CA SER A 30 -23.11 -20.71 38.11
C SER A 30 -22.27 -21.43 37.07
N LEU A 31 -22.86 -21.76 35.92
CA LEU A 31 -22.11 -22.39 34.86
C LEU A 31 -20.98 -21.49 34.37
N TYR A 32 -21.27 -20.21 34.17
CA TYR A 32 -20.23 -19.28 33.73
C TYR A 32 -19.12 -19.20 34.75
N ARG A 33 -19.46 -19.12 36.03
CA ARG A 33 -18.44 -19.04 37.07
C ARG A 33 -17.57 -20.28 37.08
N GLU A 34 -18.19 -21.46 36.98
CA GLU A 34 -17.41 -22.69 36.98
C GLU A 34 -16.47 -22.75 35.79
N ALA A 35 -16.97 -22.38 34.61
CA ALA A 35 -16.12 -22.40 33.42
C ALA A 35 -14.97 -21.41 33.55
N ALA A 36 -15.25 -20.20 34.07
CA ALA A 36 -14.21 -19.20 34.21
C ALA A 36 -13.14 -19.66 35.19
N PHE A 37 -13.54 -20.23 36.33
CA PHE A 37 -12.56 -20.72 37.28
C PHE A 37 -11.75 -21.87 36.71
N GLU A 38 -12.39 -22.75 35.95
CA GLU A 38 -11.65 -23.82 35.29
C GLU A 38 -10.61 -23.26 34.33
N ALA A 39 -10.99 -22.27 33.52
CA ALA A 39 -10.06 -21.68 32.58
C ALA A 39 -8.89 -21.02 33.30
N ALA A 40 -9.20 -20.30 34.39
CA ALA A 40 -8.13 -19.66 35.16
C ALA A 40 -7.17 -20.69 35.74
N GLU A 41 -7.71 -21.78 36.30
CA GLU A 41 -6.86 -22.81 36.86
C GLU A 41 -5.97 -23.43 35.80
N LEU A 42 -6.54 -23.72 34.63
CA LEU A 42 -5.73 -24.27 33.55
C LEU A 42 -4.63 -23.31 33.11
N TYR A 43 -4.96 -22.02 32.99
CA TYR A 43 -4.00 -21.08 32.45
C TYR A 43 -2.88 -20.77 33.43
N THR A 44 -3.23 -20.29 34.62
CA THR A 44 -2.20 -19.88 35.57
C THR A 44 -1.52 -21.07 36.24
N GLY A 45 -2.13 -22.24 36.22
CA GLY A 45 -1.53 -23.42 36.78
C GLY A 45 -1.61 -23.52 38.29
N MET A 46 -2.29 -22.60 38.96
CA MET A 46 -2.39 -22.60 40.42
C MET A 46 -3.55 -23.51 40.81
N SER A 47 -3.23 -24.70 41.33
CA SER A 47 -4.26 -25.61 41.78
C SER A 47 -5.11 -24.96 42.86
N PHE A 48 -6.42 -25.16 42.77
CA PHE A 48 -7.36 -24.46 43.65
C PHE A 48 -7.53 -25.24 44.95
N THR A 49 -8.54 -24.84 45.73
CA THR A 49 -8.68 -25.19 47.14
C THR A 49 -8.71 -26.69 47.44
N PRO A 50 -9.46 -27.51 46.69
CA PRO A 50 -9.62 -28.91 47.13
C PRO A 50 -8.31 -29.68 47.07
N GLN A 51 -7.78 -30.02 48.24
CA GLN A 51 -6.51 -30.75 48.30
C GLN A 51 -6.71 -32.18 47.84
N LYS A 52 -5.69 -32.72 47.18
CA LYS A 52 -5.75 -34.08 46.65
C LYS A 52 -4.36 -34.69 46.67
N THR A 53 -4.29 -35.95 47.06
CA THR A 53 -3.04 -36.71 47.04
C THR A 53 -2.88 -37.34 45.68
N ILE A 54 -1.67 -37.25 45.12
CA ILE A 54 -1.39 -37.67 43.76
C ILE A 54 -0.30 -38.73 43.79
N VAL A 55 -0.54 -39.83 43.08
CA VAL A 55 0.46 -40.89 42.89
C VAL A 55 0.52 -41.21 41.40
N GLU A 56 1.72 -41.15 40.83
CA GLU A 56 1.91 -41.35 39.41
C GLU A 56 3.29 -41.94 39.16
N PRO A 57 3.47 -42.71 38.09
CA PRO A 57 4.79 -43.24 37.76
C PRO A 57 5.68 -42.18 37.12
N VAL A 58 6.99 -42.43 37.20
CA VAL A 58 7.98 -41.50 36.66
C VAL A 58 8.98 -42.28 35.82
N ARG A 59 9.61 -41.58 34.88
CA ARG A 59 10.78 -42.06 34.15
C ARG A 59 11.72 -40.89 33.95
N ILE A 60 12.93 -40.99 34.51
CA ILE A 60 13.84 -39.86 34.52
C ILE A 60 14.17 -39.46 33.09
N LYS A 61 14.01 -38.17 32.78
CA LYS A 61 14.13 -37.66 31.42
C LYS A 61 15.55 -37.68 30.89
N ASN A 62 16.56 -37.86 31.72
CA ASN A 62 17.95 -37.78 31.27
C ASN A 62 18.73 -38.90 31.96
N ARG A 63 20.05 -38.81 31.91
CA ARG A 63 20.94 -39.83 32.45
C ARG A 63 21.64 -39.37 33.74
N LYS A 64 21.24 -38.24 34.31
CA LYS A 64 21.92 -37.68 35.47
C LYS A 64 20.93 -37.27 36.55
N GLY A 65 19.80 -37.96 36.63
CA GLY A 65 18.91 -37.81 37.76
C GLY A 65 17.95 -36.64 37.70
N LYS A 66 17.30 -36.40 36.56
CA LYS A 66 16.30 -35.34 36.45
C LYS A 66 14.93 -35.93 36.73
N ILE A 67 14.28 -35.47 37.80
CA ILE A 67 12.94 -35.91 38.14
C ILE A 67 11.93 -34.88 37.63
N VAL A 68 10.83 -35.37 37.07
CA VAL A 68 9.76 -34.52 36.57
C VAL A 68 8.44 -35.12 37.03
N LEU A 69 7.52 -34.26 37.49
CA LEU A 69 6.23 -34.69 37.99
C LEU A 69 5.12 -33.86 37.35
N SER A 70 3.93 -34.48 37.27
CA SER A 70 2.84 -33.88 36.49
C SER A 70 2.37 -32.56 37.08
N GLN A 71 2.18 -32.51 38.41
CA GLN A 71 1.60 -31.34 39.05
C GLN A 71 2.54 -30.81 40.12
N VAL A 72 2.32 -29.54 40.49
CA VAL A 72 3.15 -28.86 41.49
C VAL A 72 2.86 -29.44 42.86
N PRO A 73 3.86 -29.68 43.70
CA PRO A 73 3.60 -30.13 45.07
C PRO A 73 3.23 -28.97 45.97
N ILE A 74 2.62 -29.30 47.11
CA ILE A 74 2.32 -28.30 48.13
C ILE A 74 3.47 -28.22 49.12
N ALA A 75 3.66 -27.04 49.69
CA ALA A 75 4.79 -26.82 50.58
C ALA A 75 4.67 -27.67 51.84
N GLY A 76 5.81 -27.91 52.47
CA GLY A 76 5.87 -28.64 53.71
C GLY A 76 6.02 -30.15 53.56
N ARG A 77 4.96 -30.82 53.13
CA ARG A 77 4.99 -32.28 53.10
C ARG A 77 5.96 -32.76 52.03
N PRO A 78 6.94 -33.60 52.37
CA PRO A 78 7.88 -34.10 51.36
C PRO A 78 7.18 -34.98 50.33
N VAL A 79 7.72 -34.98 49.12
CA VAL A 79 7.30 -35.94 48.11
C VAL A 79 8.03 -37.25 48.34
N VAL A 80 7.27 -38.34 48.44
CA VAL A 80 7.81 -39.64 48.85
C VAL A 80 7.80 -40.57 47.65
N PHE A 81 8.90 -41.30 47.47
CA PHE A 81 9.05 -42.27 46.40
C PHE A 81 8.79 -43.67 46.94
N THR A 82 8.10 -44.48 46.16
CA THR A 82 7.74 -45.83 46.57
C THR A 82 7.92 -46.79 45.41
N GLY A 83 8.10 -48.06 45.74
CA GLY A 83 8.19 -49.11 44.74
C GLY A 83 9.40 -48.96 43.85
N GLY A 84 9.35 -49.64 42.71
CA GLY A 84 10.42 -49.58 41.74
C GLY A 84 11.69 -50.29 42.17
N GLY A 85 11.55 -51.26 43.07
CA GLY A 85 12.70 -52.00 43.54
C GLY A 85 13.59 -51.25 44.50
N LEU A 86 13.12 -50.11 45.03
CA LEU A 86 13.93 -49.31 45.93
C LEU A 86 14.26 -50.11 47.19
N GLY A 87 15.42 -49.81 47.78
CA GLY A 87 15.75 -50.38 49.07
C GLY A 87 14.73 -50.01 50.12
N SER A 88 14.22 -48.78 50.07
CA SER A 88 13.16 -48.33 50.96
C SER A 88 12.65 -47.00 50.44
N PRO A 89 11.35 -46.70 50.61
CA PRO A 89 10.83 -45.41 50.17
C PRO A 89 11.71 -44.26 50.60
N LEU A 90 11.72 -43.18 49.80
CA LEU A 90 12.58 -42.05 50.02
C LEU A 90 11.77 -40.76 49.93
N GLU A 91 12.07 -39.81 50.80
CA GLU A 91 11.33 -38.56 50.92
C GLU A 91 12.20 -37.39 50.48
N LEU A 92 11.61 -36.49 49.71
CA LEU A 92 12.28 -35.26 49.25
C LEU A 92 11.41 -34.06 49.57
N ILE A 93 12.06 -32.96 49.95
CA ILE A 93 11.33 -31.72 50.22
C ILE A 93 10.85 -31.13 48.90
N PRO A 94 9.66 -30.52 48.85
CA PRO A 94 9.18 -29.95 47.59
C PRO A 94 9.85 -28.61 47.31
N PHE A 95 10.48 -28.50 46.14
CA PHE A 95 11.01 -27.21 45.72
C PHE A 95 9.87 -26.29 45.32
N PRO A 96 9.73 -25.13 45.96
CA PRO A 96 8.55 -24.28 45.71
C PRO A 96 8.45 -23.87 44.24
N ASN A 97 7.21 -23.81 43.76
CA ASN A 97 6.86 -23.31 42.44
C ASN A 97 7.43 -24.15 41.31
N SER A 98 7.72 -25.42 41.55
CA SER A 98 8.21 -26.30 40.49
C SER A 98 7.97 -27.75 40.88
N ASN A 99 7.96 -28.63 39.88
CA ASN A 99 7.78 -30.07 40.09
C ASN A 99 8.88 -30.89 39.45
N VAL A 100 10.06 -30.29 39.21
CA VAL A 100 11.20 -30.99 38.65
C VAL A 100 12.31 -30.97 39.69
N LEU A 101 12.82 -32.15 40.04
CA LEU A 101 13.77 -32.31 41.13
C LEU A 101 14.97 -33.14 40.67
N HIS A 102 16.01 -33.13 41.51
CA HIS A 102 17.21 -33.92 41.28
C HIS A 102 17.13 -35.18 42.13
N PHE A 103 17.26 -36.33 41.48
CA PHE A 103 17.27 -37.61 42.18
C PHE A 103 18.58 -37.75 42.95
N GLN A 125 6.53 -50.13 37.48
CA GLN A 125 7.58 -49.14 37.27
C GLN A 125 7.75 -48.26 38.52
N LEU A 126 8.77 -47.42 38.51
CA LEU A 126 9.05 -46.58 39.67
C LEU A 126 7.86 -45.65 39.94
N MET A 127 7.57 -45.44 41.22
CA MET A 127 6.43 -44.66 41.65
C MET A 127 6.86 -43.53 42.59
N ALA A 128 6.10 -42.44 42.55
CA ALA A 128 6.27 -41.32 43.46
C ALA A 128 4.91 -40.70 43.72
N THR A 129 4.79 -39.98 44.82
CA THR A 129 3.52 -39.40 45.21
C THR A 129 3.73 -38.14 46.03
N TYR A 130 2.71 -37.30 46.06
CA TYR A 130 2.71 -36.06 46.84
C TYR A 130 1.29 -35.53 46.90
N VAL A 131 1.13 -34.34 47.47
CA VAL A 131 -0.17 -33.73 47.68
C VAL A 131 -0.12 -32.27 47.20
N ALA A 132 -1.20 -31.82 46.57
CA ALA A 132 -1.30 -30.46 46.07
C ALA A 132 -2.66 -29.89 46.42
N GLY A 133 -2.72 -28.56 46.52
CA GLY A 133 -3.91 -27.84 46.86
C GLY A 133 -3.58 -26.56 47.60
N ARG A 134 -4.59 -25.99 48.26
CA ARG A 134 -4.42 -24.77 49.04
C ARG A 134 -4.97 -24.98 50.44
N ARG A 135 -4.29 -24.38 51.41
CA ARG A 135 -4.70 -24.52 52.81
C ARG A 135 -6.04 -23.81 53.06
N CYS A 136 -6.19 -22.59 52.56
CA CYS A 136 -7.38 -21.80 52.84
C CYS A 136 -7.79 -21.04 51.59
N GLU A 137 -9.07 -20.67 51.55
CA GLU A 137 -9.64 -19.95 50.42
C GLU A 137 -9.29 -18.47 50.40
N SER A 138 -8.85 -17.90 51.54
CA SER A 138 -8.54 -16.48 51.59
C SER A 138 -7.27 -16.13 50.84
N SER A 139 -6.51 -17.12 50.39
CA SER A 139 -5.22 -16.87 49.75
C SER A 139 -5.35 -16.53 48.27
N VAL A 140 -6.56 -16.48 47.74
CA VAL A 140 -6.77 -16.18 46.32
C VAL A 140 -6.33 -14.74 46.04
N PRO A 141 -5.40 -14.51 45.12
CA PRO A 141 -5.04 -13.13 44.78
C PRO A 141 -6.19 -12.40 44.10
N ALA A 142 -6.17 -11.07 44.21
CA ALA A 142 -7.25 -10.27 43.65
C ALA A 142 -7.27 -10.32 42.13
N GLY A 143 -6.09 -10.37 41.50
CA GLY A 143 -6.04 -10.35 40.05
C GLY A 143 -6.82 -11.49 39.42
N ILE A 144 -6.77 -12.67 40.04
CA ILE A 144 -7.56 -13.80 39.53
C ILE A 144 -9.04 -13.44 39.55
N ILE A 145 -9.50 -12.81 40.62
CA ILE A 145 -10.91 -12.44 40.72
C ILE A 145 -11.27 -11.42 39.65
N MET A 146 -10.39 -10.44 39.44
CA MET A 146 -10.67 -9.43 38.42
C MET A 146 -10.76 -10.06 37.03
N GLY A 147 -9.83 -10.95 36.71
CA GLY A 147 -9.89 -11.63 35.43
C GLY A 147 -11.15 -12.46 35.27
N VAL A 148 -11.53 -13.19 36.32
CA VAL A 148 -12.75 -13.99 36.26
C VAL A 148 -13.96 -13.09 36.05
N LEU A 149 -14.00 -11.95 36.72
CA LEU A 149 -15.12 -11.02 36.54
C LEU A 149 -15.19 -10.53 35.10
N LYS A 150 -14.04 -10.16 34.53
CA LYS A 150 -14.06 -9.70 33.13
C LYS A 150 -14.52 -10.81 32.20
N LEU A 151 -14.04 -12.04 32.41
CA LEU A 151 -14.45 -13.13 31.54
C LEU A 151 -15.94 -13.42 31.65
N ILE A 152 -16.47 -13.40 32.86
CA ILE A 152 -17.91 -13.63 33.05
C ILE A 152 -18.70 -12.52 32.38
N ALA A 153 -18.26 -11.27 32.55
CA ALA A 153 -18.94 -10.16 31.90
C ALA A 153 -18.95 -10.31 30.39
N TRP A 154 -17.81 -10.72 29.82
CA TRP A 154 -17.77 -10.96 28.38
C TRP A 154 -18.76 -12.06 27.98
N ASN A 155 -18.74 -13.18 28.69
CA ASN A 155 -19.61 -14.29 28.31
C ASN A 155 -21.08 -13.93 28.43
N ILE A 156 -21.44 -13.06 29.38
CA ILE A 156 -22.84 -12.69 29.54
C ILE A 156 -23.35 -11.92 28.32
N ASN A 157 -22.50 -11.10 27.71
CA ASN A 157 -22.94 -10.16 26.68
C ASN A 157 -22.50 -10.55 25.27
N ASN A 158 -22.07 -11.80 25.05
CA ASN A 158 -21.63 -12.23 23.73
C ASN A 158 -21.83 -13.73 23.58
N PRO A 159 -22.97 -14.17 23.05
CA PRO A 159 -23.18 -15.62 22.87
C PRO A 159 -22.29 -16.24 21.81
N GLY A 160 -21.64 -15.44 20.96
CA GLY A 160 -20.74 -15.97 19.97
C GLY A 160 -21.36 -16.28 18.63
N ASP A 161 -22.16 -15.36 18.08
CA ASP A 161 -22.77 -15.55 16.77
C ASP A 161 -22.59 -14.32 15.87
N GLU A 162 -21.61 -13.48 16.16
CA GLU A 162 -21.34 -12.28 15.37
C GLU A 162 -19.85 -12.01 15.41
N ILE A 163 -19.41 -11.08 14.55
CA ILE A 163 -18.00 -10.74 14.45
C ILE A 163 -17.84 -9.23 14.40
N MET A 164 -17.20 -8.66 15.41
CA MET A 164 -16.97 -7.21 15.47
C MET A 164 -15.50 -6.89 15.21
N ASN A 182 -14.28 -13.55 18.76
CA ASN A 182 -15.13 -14.32 19.67
C ASN A 182 -14.30 -15.11 20.67
N ASN A 183 -12.99 -14.97 20.60
CA ASN A 183 -12.08 -15.60 21.56
C ASN A 183 -12.15 -14.81 22.86
N GLY A 184 -13.16 -15.14 23.67
CA GLY A 184 -13.43 -14.34 24.85
C GLY A 184 -12.25 -14.22 25.79
N ALA A 185 -11.54 -15.33 26.01
CA ALA A 185 -10.46 -15.32 26.97
C ALA A 185 -9.43 -14.24 26.68
N VAL A 186 -9.21 -13.93 25.40
CA VAL A 186 -8.16 -12.98 25.03
C VAL A 186 -8.71 -11.57 24.85
N VAL A 187 -9.67 -11.39 23.94
CA VAL A 187 -10.13 -10.05 23.62
C VAL A 187 -10.80 -9.35 24.79
N SER A 188 -11.36 -10.11 25.74
CA SER A 188 -11.99 -9.50 26.90
C SER A 188 -10.97 -8.92 27.88
N GLY A 189 -9.70 -9.29 27.77
CA GLY A 189 -8.67 -8.79 28.65
C GLY A 189 -8.44 -9.60 29.90
N ALA A 190 -9.27 -10.63 30.15
CA ALA A 190 -9.12 -11.42 31.36
C ALA A 190 -7.78 -12.16 31.38
N GLN A 191 -7.37 -12.69 30.23
CA GLN A 191 -6.18 -13.54 30.20
C GLN A 191 -4.94 -12.76 30.62
N ASP A 192 -4.78 -11.54 30.10
CA ASP A 192 -3.58 -10.76 30.40
C ASP A 192 -3.45 -10.43 31.87
N GLU A 193 -4.56 -10.31 32.60
CA GLU A 193 -4.48 -10.04 34.03
C GLU A 193 -3.77 -11.17 34.76
N TRP A 194 -4.06 -12.42 34.38
CA TRP A 194 -3.45 -13.56 35.03
C TRP A 194 -1.99 -13.75 34.65
N PHE A 195 -1.53 -13.11 33.58
CA PHE A 195 -0.17 -13.34 33.11
C PHE A 195 0.87 -12.92 34.15
N ARG A 196 0.49 -12.06 35.10
CA ARG A 196 1.44 -11.60 36.09
C ARG A 196 2.07 -12.77 36.84
N TYR A 197 1.34 -13.88 36.99
CA TYR A 197 1.78 -14.99 37.82
C TYR A 197 2.44 -16.11 37.03
N ARG A 198 2.20 -16.22 35.72
CA ARG A 198 2.66 -17.38 34.99
C ARG A 198 4.19 -17.49 35.00
N ARG A 199 4.89 -16.37 35.12
CA ARG A 199 6.34 -16.37 35.24
C ARG A 199 7.03 -17.03 34.05
N VAL A 200 8.01 -16.32 33.48
CA VAL A 200 8.75 -16.80 32.31
C VAL A 200 10.01 -17.52 32.77
N ILE A 201 10.56 -18.37 31.92
CA ILE A 201 11.75 -19.16 32.23
C ILE A 201 12.98 -18.32 31.90
N LEU A 202 13.80 -18.06 32.91
CA LEU A 202 14.97 -17.20 32.75
C LEU A 202 16.23 -17.89 33.29
N MET B 1 -3.49 -4.40 54.11
CA MET B 1 -2.97 -3.12 54.69
C MET B 1 -4.02 -2.03 54.53
N ASN B 2 -3.87 -0.94 55.27
CA ASN B 2 -4.88 0.12 55.33
C ASN B 2 -4.71 1.04 54.11
N TYR B 3 -5.18 0.53 52.96
CA TYR B 3 -5.09 1.30 51.73
C TYR B 3 -5.89 2.59 51.81
N GLU B 4 -7.01 2.59 52.54
CA GLU B 4 -7.81 3.80 52.65
C GLU B 4 -7.01 4.96 53.22
N THR B 5 -5.95 4.69 53.98
CA THR B 5 -5.10 5.76 54.47
C THR B 5 -4.26 6.37 53.36
N LEU B 6 -3.77 5.55 52.42
CA LEU B 6 -2.89 6.06 51.38
C LEU B 6 -3.67 6.81 50.30
N LEU B 7 -4.88 6.37 49.98
CA LEU B 7 -5.62 6.92 48.86
C LEU B 7 -7.10 6.91 49.20
N PRO B 8 -7.63 8.01 49.74
CA PRO B 8 -9.06 8.06 50.08
C PRO B 8 -9.93 7.78 48.87
N LEU B 9 -11.03 7.05 49.09
CA LEU B 9 -11.90 6.67 47.99
C LEU B 9 -12.47 7.89 47.27
N GLN B 10 -12.77 8.95 48.01
CA GLN B 10 -13.27 10.17 47.38
C GLN B 10 -12.26 10.70 46.37
N THR B 11 -10.97 10.50 46.63
CA THR B 11 -9.95 10.91 45.66
C THR B 11 -10.11 10.16 44.34
N ILE B 12 -10.30 8.84 44.41
CA ILE B 12 -10.53 8.07 43.19
C ILE B 12 -11.78 8.56 42.49
N ARG B 13 -12.86 8.78 43.24
CA ARG B 13 -14.09 9.23 42.63
C ARG B 13 -13.91 10.56 41.92
N GLU B 14 -13.10 11.46 42.49
CA GLU B 14 -12.85 12.75 41.85
C GLU B 14 -11.98 12.60 40.62
N HIS B 15 -10.94 11.76 40.67
CA HIS B 15 -10.05 11.63 39.53
C HIS B 15 -10.77 11.06 38.31
N ALA B 16 -11.50 9.98 38.50
CA ALA B 16 -12.23 9.35 37.40
C ALA B 16 -13.43 10.18 36.95
N LYS B 17 -13.78 11.24 37.69
CA LYS B 17 -14.93 12.06 37.37
C LYS B 17 -16.20 11.21 37.35
N CYS B 18 -16.39 10.49 38.45
CA CYS B 18 -17.52 9.57 38.60
C CYS B 18 -18.17 9.80 39.97
N ASP B 19 -18.42 11.06 40.29
CA ASP B 19 -19.10 11.43 41.52
C ASP B 19 -20.62 11.43 41.35
N ASP B 20 -21.11 10.76 40.31
CA ASP B 20 -22.55 10.55 40.12
C ASP B 20 -22.88 9.15 39.63
N ASN B 21 -21.99 8.17 39.82
CA ASN B 21 -22.14 6.90 39.15
C ASN B 21 -23.47 6.25 39.55
N PRO B 22 -24.20 5.65 38.60
CA PRO B 22 -25.52 5.10 38.94
C PRO B 22 -25.49 3.68 39.50
N ARG B 23 -24.46 2.88 39.22
CA ARG B 23 -24.44 1.50 39.67
C ARG B 23 -23.10 0.99 40.16
N VAL B 24 -22.06 1.82 40.24
CA VAL B 24 -20.76 1.39 40.77
C VAL B 24 -20.74 1.71 42.26
N THR B 25 -20.96 0.69 43.10
CA THR B 25 -20.97 0.88 44.53
C THR B 25 -19.55 0.78 45.10
N ASP B 26 -19.42 1.21 46.36
CA ASP B 26 -18.10 1.24 47.00
C ASP B 26 -17.54 -0.15 47.26
N THR B 27 -18.40 -1.14 47.48
CA THR B 27 -17.92 -2.50 47.72
C THR B 27 -17.15 -3.04 46.53
N LEU B 28 -17.33 -2.44 45.36
CA LEU B 28 -16.58 -2.83 44.18
C LEU B 28 -15.35 -1.95 43.95
N LEU B 29 -15.44 -0.67 44.30
CA LEU B 29 -14.28 0.19 44.22
C LEU B 29 -13.20 -0.29 45.18
N SER B 30 -13.57 -0.81 46.34
CA SER B 30 -12.57 -1.37 47.24
C SER B 30 -11.81 -2.51 46.58
N LEU B 31 -12.52 -3.41 45.90
CA LEU B 31 -11.86 -4.51 45.20
C LEU B 31 -10.96 -3.99 44.08
N TYR B 32 -11.43 -2.98 43.34
CA TYR B 32 -10.59 -2.42 42.27
C TYR B 32 -9.30 -1.84 42.84
N ARG B 33 -9.40 -1.08 43.93
CA ARG B 33 -8.21 -0.50 44.53
C ARG B 33 -7.27 -1.59 45.04
N GLU B 34 -7.83 -2.62 45.68
CA GLU B 34 -7.02 -3.74 46.14
C GLU B 34 -6.25 -4.36 44.98
N ALA B 35 -6.92 -4.62 43.87
CA ALA B 35 -6.24 -5.23 42.72
C ALA B 35 -5.19 -4.30 42.14
N ALA B 36 -5.48 -3.01 42.03
CA ALA B 36 -4.53 -2.08 41.42
C ALA B 36 -3.25 -1.97 42.25
N PHE B 37 -3.39 -1.85 43.57
CA PHE B 37 -2.19 -1.77 44.40
C PHE B 37 -1.37 -3.04 44.30
N GLU B 38 -2.02 -4.20 44.26
CA GLU B 38 -1.29 -5.45 44.09
C GLU B 38 -0.54 -5.47 42.77
N ALA B 39 -1.18 -5.01 41.69
CA ALA B 39 -0.50 -4.97 40.40
C ALA B 39 0.72 -4.06 40.44
N ALA B 40 0.57 -2.89 41.06
CA ALA B 40 1.70 -1.98 41.18
C ALA B 40 2.83 -2.63 41.97
N GLU B 41 2.50 -3.32 43.07
CA GLU B 41 3.53 -3.96 43.87
C GLU B 41 4.27 -5.02 43.07
N LEU B 42 3.54 -5.86 42.35
CA LEU B 42 4.21 -6.87 41.52
C LEU B 42 5.10 -6.22 40.48
N TYR B 43 4.64 -5.12 39.87
CA TYR B 43 5.44 -4.52 38.81
C TYR B 43 6.71 -3.89 39.36
N THR B 44 6.58 -2.90 40.24
CA THR B 44 7.75 -2.17 40.70
C THR B 44 8.60 -2.96 41.68
N GLY B 45 8.00 -3.84 42.46
CA GLY B 45 8.72 -4.60 43.48
C GLY B 45 8.74 -3.96 44.85
N MET B 46 8.23 -2.74 44.99
CA MET B 46 8.15 -2.07 46.29
C MET B 46 6.97 -2.68 47.04
N SER B 47 7.27 -3.38 48.13
CA SER B 47 6.25 -4.12 48.86
C SER B 47 5.42 -3.17 49.72
N PHE B 48 4.63 -3.77 50.62
CA PHE B 48 3.82 -3.02 51.58
C PHE B 48 4.07 -3.55 52.98
N THR B 49 3.85 -2.67 53.97
CA THR B 49 4.37 -2.77 55.33
C THR B 49 4.45 -4.18 55.89
N PRO B 50 3.34 -4.94 55.93
CA PRO B 50 3.35 -6.19 56.71
C PRO B 50 4.44 -7.14 56.26
N GLN B 51 5.09 -7.78 57.23
CA GLN B 51 6.16 -8.72 56.94
C GLN B 51 5.66 -10.16 56.98
N LYS B 52 6.47 -11.07 56.44
CA LYS B 52 6.13 -12.49 56.40
C LYS B 52 7.41 -13.32 56.37
N THR B 53 7.41 -14.43 57.11
CA THR B 53 8.56 -15.32 57.16
C THR B 53 8.44 -16.40 56.10
N ILE B 54 9.59 -16.86 55.61
CA ILE B 54 9.65 -17.82 54.51
C ILE B 54 10.73 -18.86 54.80
N VAL B 55 10.48 -20.09 54.35
CA VAL B 55 11.44 -21.18 54.45
C VAL B 55 11.41 -21.96 53.14
N GLU B 56 12.58 -22.34 52.65
CA GLU B 56 12.69 -22.99 51.35
C GLU B 56 13.94 -23.85 51.31
N PRO B 57 13.98 -24.87 50.44
CA PRO B 57 15.24 -25.55 50.16
C PRO B 57 15.99 -24.90 49.01
N VAL B 58 17.25 -25.29 48.86
CA VAL B 58 18.11 -24.77 47.81
C VAL B 58 18.89 -25.90 47.18
N ARG B 59 19.41 -25.64 45.98
CA ARG B 59 20.20 -26.61 45.23
C ARG B 59 21.55 -25.99 44.89
N ILE B 60 22.61 -26.80 44.97
CA ILE B 60 23.96 -26.28 44.78
C ILE B 60 24.09 -25.70 43.37
N LYS B 61 24.53 -24.45 43.29
CA LYS B 61 24.57 -23.75 42.01
C LYS B 61 25.84 -24.05 41.21
N ASN B 62 27.00 -23.65 41.72
CA ASN B 62 28.23 -23.72 40.93
C ASN B 62 29.42 -23.43 41.82
N ARG B 63 30.59 -23.36 41.18
CA ARG B 63 31.84 -23.19 41.91
C ARG B 63 31.94 -21.84 42.59
N LYS B 64 31.59 -20.76 41.89
CA LYS B 64 31.83 -19.42 42.42
C LYS B 64 30.96 -19.10 43.64
N GLY B 65 29.96 -19.91 43.94
CA GLY B 65 29.20 -19.74 45.16
C GLY B 65 28.06 -18.77 45.08
N LYS B 66 27.72 -18.27 43.89
CA LYS B 66 26.55 -17.41 43.76
C LYS B 66 25.29 -18.23 43.94
N ILE B 67 24.48 -17.85 44.93
CA ILE B 67 23.28 -18.58 45.30
C ILE B 67 22.10 -17.62 45.23
N VAL B 68 20.96 -18.13 44.74
CA VAL B 68 19.78 -17.33 44.50
C VAL B 68 18.69 -17.75 45.49
N LEU B 69 18.14 -16.78 46.21
CA LEU B 69 17.01 -17.03 47.09
C LEU B 69 15.71 -16.59 46.39
N SER B 70 14.62 -17.26 46.76
CA SER B 70 13.35 -17.04 46.08
C SER B 70 12.73 -15.68 46.40
N GLN B 71 13.17 -15.00 47.45
CA GLN B 71 12.62 -13.71 47.81
C GLN B 71 13.70 -12.85 48.46
N VAL B 72 13.39 -11.57 48.62
CA VAL B 72 14.35 -10.59 49.10
C VAL B 72 14.18 -10.45 50.62
N PRO B 73 15.21 -10.69 51.42
CA PRO B 73 15.09 -10.44 52.85
C PRO B 73 14.91 -8.95 53.15
N ILE B 74 14.56 -8.65 54.40
CA ILE B 74 14.22 -7.30 54.78
C ILE B 74 15.43 -6.59 55.38
N ALA B 75 15.79 -5.45 54.79
CA ALA B 75 16.73 -4.50 55.39
C ALA B 75 18.07 -5.14 55.76
N GLY B 76 18.37 -6.30 55.21
CA GLY B 76 19.64 -6.94 55.46
C GLY B 76 19.76 -7.65 56.79
N ARG B 77 18.67 -7.85 57.51
CA ARG B 77 18.75 -8.58 58.76
C ARG B 77 19.21 -10.01 58.47
N PRO B 78 19.98 -10.63 59.38
CA PRO B 78 20.70 -11.86 59.02
C PRO B 78 19.78 -12.93 58.46
N VAL B 79 20.27 -13.63 57.44
CA VAL B 79 19.58 -14.75 56.81
C VAL B 79 20.38 -16.01 57.14
N VAL B 80 19.70 -17.02 57.69
CA VAL B 80 20.35 -18.20 58.21
C VAL B 80 20.21 -19.35 57.22
N PHE B 81 21.14 -20.29 57.30
CA PHE B 81 21.11 -21.52 56.52
C PHE B 81 21.35 -22.70 57.45
N THR B 82 20.63 -23.79 57.22
CA THR B 82 20.69 -24.95 58.10
C THR B 82 20.50 -26.21 57.28
N GLY B 83 20.88 -27.34 57.88
CA GLY B 83 20.67 -28.63 57.24
C GLY B 83 21.68 -28.90 56.14
N GLY B 84 21.43 -29.97 55.39
CA GLY B 84 22.31 -30.35 54.31
C GLY B 84 23.56 -31.07 54.74
N GLY B 85 23.64 -31.54 55.98
CA GLY B 85 24.83 -32.21 56.46
C GLY B 85 25.94 -31.30 56.90
N LEU B 86 25.71 -29.99 56.93
CA LEU B 86 26.75 -29.05 57.37
C LEU B 86 27.10 -29.29 58.82
N GLY B 87 28.35 -29.02 59.18
CA GLY B 87 28.79 -29.20 60.55
C GLY B 87 28.00 -28.34 61.52
N SER B 88 27.78 -27.08 61.16
CA SER B 88 27.01 -26.16 61.99
C SER B 88 26.42 -25.10 61.09
N PRO B 89 25.33 -24.43 61.54
CA PRO B 89 24.71 -23.41 60.69
C PRO B 89 25.64 -22.25 60.36
N LEU B 90 25.46 -21.65 59.18
CA LEU B 90 26.23 -20.50 58.75
C LEU B 90 25.27 -19.38 58.36
N GLU B 91 25.67 -18.14 58.61
CA GLU B 91 24.79 -17.01 58.40
C GLU B 91 25.53 -15.91 57.66
N LEU B 92 24.81 -15.19 56.80
CA LEU B 92 25.35 -14.11 56.00
C LEU B 92 24.40 -12.92 56.05
N ILE B 93 24.96 -11.74 55.78
CA ILE B 93 24.17 -10.51 55.69
C ILE B 93 23.74 -10.33 54.24
N PRO B 94 22.44 -10.28 53.93
CA PRO B 94 22.02 -10.17 52.53
C PRO B 94 22.02 -8.73 52.04
N PHE B 95 22.48 -8.56 50.80
CA PHE B 95 22.52 -7.24 50.20
C PHE B 95 21.10 -6.76 49.91
N PRO B 96 20.71 -5.56 50.33
CA PRO B 96 19.34 -5.10 50.11
C PRO B 96 19.05 -4.90 48.63
N ASN B 97 17.75 -4.87 48.32
CA ASN B 97 17.25 -4.70 46.96
C ASN B 97 17.67 -5.84 46.04
N SER B 98 18.00 -7.00 46.60
CA SER B 98 18.41 -8.14 45.79
C SER B 98 18.09 -9.42 46.56
N ASN B 99 18.00 -10.53 45.82
CA ASN B 99 17.72 -11.84 46.38
C ASN B 99 18.89 -12.80 46.18
N VAL B 100 20.10 -12.28 45.98
CA VAL B 100 21.27 -13.09 45.69
C VAL B 100 22.26 -12.95 46.84
N LEU B 101 22.87 -14.07 47.22
CA LEU B 101 23.84 -14.12 48.30
C LEU B 101 25.12 -14.79 47.82
N HIS B 102 26.21 -14.49 48.52
CA HIS B 102 27.51 -15.10 48.26
C HIS B 102 27.85 -16.04 49.41
N PHE B 103 28.25 -17.27 49.07
CA PHE B 103 28.63 -18.24 50.09
C PHE B 103 30.03 -17.96 50.61
N GLN B 125 19.77 -31.82 51.76
CA GLN B 125 19.64 -30.53 51.08
C GLN B 125 19.74 -29.39 52.08
N LEU B 126 20.41 -28.31 51.68
CA LEU B 126 20.50 -27.12 52.52
C LEU B 126 19.15 -26.39 52.55
N MET B 127 18.76 -25.93 53.73
CA MET B 127 17.54 -25.15 53.89
C MET B 127 17.89 -23.70 54.24
N ALA B 128 17.07 -22.78 53.74
CA ALA B 128 17.25 -21.35 53.97
C ALA B 128 15.93 -20.75 54.42
N THR B 129 16.02 -19.81 55.36
CA THR B 129 14.84 -19.13 55.87
C THR B 129 15.17 -17.67 56.09
N TYR B 130 14.15 -16.82 56.02
CA TYR B 130 14.31 -15.38 56.13
C TYR B 130 12.94 -14.76 56.37
N VAL B 131 12.87 -13.43 56.32
CA VAL B 131 11.63 -12.68 56.49
C VAL B 131 11.64 -11.52 55.50
N ALA B 132 10.48 -11.21 54.94
CA ALA B 132 10.33 -10.17 53.94
C ALA B 132 9.31 -9.14 54.41
N GLY B 133 9.46 -7.92 53.93
CA GLY B 133 8.57 -6.83 54.29
C GLY B 133 9.24 -5.49 54.04
N ARG B 134 8.78 -4.47 54.76
CA ARG B 134 9.37 -3.14 54.66
C ARG B 134 8.98 -2.34 55.89
N ARG B 135 9.37 -1.06 55.89
CA ARG B 135 9.33 -0.26 57.11
C ARG B 135 7.95 0.37 57.35
N CYS B 136 7.52 1.25 56.46
CA CYS B 136 6.36 2.09 56.77
C CYS B 136 5.65 2.51 55.49
N GLU B 137 4.43 3.01 55.66
CA GLU B 137 3.59 3.44 54.54
C GLU B 137 4.03 4.78 53.96
N SER B 138 4.66 5.63 54.77
CA SER B 138 4.88 7.01 54.36
C SER B 138 5.84 7.14 53.17
N SER B 139 6.53 6.07 52.81
CA SER B 139 7.57 6.14 51.80
C SER B 139 7.05 5.74 50.42
N VAL B 140 5.80 6.06 50.12
CA VAL B 140 5.19 5.80 48.83
C VAL B 140 5.32 7.07 47.98
N PRO B 141 6.06 7.05 46.87
CA PRO B 141 6.16 8.26 46.04
C PRO B 141 4.88 8.52 45.27
N ALA B 142 4.82 9.71 44.65
CA ALA B 142 3.60 10.16 43.99
C ALA B 142 3.34 9.40 42.69
N GLY B 143 4.41 9.06 41.95
CA GLY B 143 4.22 8.44 40.65
C GLY B 143 3.42 7.15 40.72
N ILE B 144 3.67 6.34 41.75
CA ILE B 144 2.93 5.10 41.91
C ILE B 144 1.45 5.40 42.11
N ILE B 145 1.14 6.42 42.92
CA ILE B 145 -0.25 6.81 43.15
C ILE B 145 -0.90 7.23 41.83
N MET B 146 -0.18 8.03 41.04
CA MET B 146 -0.73 8.48 39.77
C MET B 146 -1.00 7.31 38.83
N GLY B 147 -0.08 6.35 38.77
CA GLY B 147 -0.32 5.17 37.94
C GLY B 147 -1.51 4.37 38.43
N VAL B 148 -1.64 4.19 39.74
CA VAL B 148 -2.76 3.43 40.30
C VAL B 148 -4.09 4.11 39.96
N LEU B 149 -4.11 5.45 40.02
CA LEU B 149 -5.34 6.16 39.69
C LEU B 149 -5.74 5.91 38.24
N LYS B 150 -4.76 5.95 37.32
CA LYS B 150 -5.08 5.67 35.92
C LYS B 150 -5.58 4.24 35.75
N LEU B 151 -4.96 3.28 36.44
CA LEU B 151 -5.40 1.90 36.31
C LEU B 151 -6.83 1.74 36.79
N ILE B 152 -7.17 2.36 37.91
CA ILE B 152 -8.53 2.26 38.44
C ILE B 152 -9.52 2.91 37.47
N ALA B 153 -9.17 4.08 36.95
CA ALA B 153 -10.07 4.77 36.02
C ALA B 153 -10.29 3.92 34.78
N TRP B 154 -9.24 3.28 34.27
CA TRP B 154 -9.41 2.39 33.13
C TRP B 154 -10.31 1.22 33.48
N ASN B 155 -10.11 0.62 34.66
CA ASN B 155 -10.91 -0.54 35.03
C ASN B 155 -12.38 -0.20 35.15
N ILE B 156 -12.71 0.98 35.68
CA ILE B 156 -14.12 1.32 35.88
C ILE B 156 -14.88 1.35 34.56
N ASN B 157 -14.31 1.97 33.53
CA ASN B 157 -15.02 2.23 32.29
C ASN B 157 -14.74 1.18 31.22
N ASN B 158 -14.40 -0.04 31.62
CA ASN B 158 -14.21 -1.16 30.70
C ASN B 158 -14.55 -2.46 31.42
N PRO B 159 -15.83 -2.71 31.67
CA PRO B 159 -16.22 -3.90 32.45
C PRO B 159 -15.84 -5.21 31.79
N GLY B 160 -15.57 -5.22 30.49
CA GLY B 160 -15.12 -6.44 29.83
C GLY B 160 -16.03 -6.93 28.73
N ASP B 161 -16.72 -6.01 28.05
CA ASP B 161 -17.56 -6.39 26.92
C ASP B 161 -17.25 -5.60 25.65
N GLU B 162 -16.15 -4.84 25.63
CA GLU B 162 -15.74 -4.11 24.44
C GLU B 162 -14.28 -4.41 24.13
N ILE B 163 -13.94 -4.35 22.83
CA ILE B 163 -12.57 -4.57 22.40
C ILE B 163 -11.74 -3.31 22.48
N MET B 164 -12.36 -2.14 22.42
CA MET B 164 -11.63 -0.87 22.40
C MET B 164 -11.26 -0.44 23.82
N ASN B 182 -3.79 -4.43 24.59
CA ASN B 182 -4.14 -5.82 24.84
C ASN B 182 -4.42 -6.04 26.32
N ASN B 183 -3.66 -5.34 27.17
CA ASN B 183 -3.77 -5.46 28.61
C ASN B 183 -4.22 -4.13 29.18
N GLY B 184 -4.98 -4.17 30.28
CA GLY B 184 -5.47 -2.94 30.87
C GLY B 184 -4.36 -2.06 31.41
N ALA B 185 -3.36 -2.66 32.07
CA ALA B 185 -2.30 -1.87 32.68
C ALA B 185 -1.38 -1.22 31.65
N VAL B 186 -1.36 -1.72 30.42
CA VAL B 186 -0.48 -1.17 29.38
C VAL B 186 -1.18 -0.09 28.61
N VAL B 187 -2.40 -0.36 28.11
CA VAL B 187 -3.09 0.60 27.26
C VAL B 187 -3.45 1.86 28.03
N SER B 188 -3.80 1.73 29.31
CA SER B 188 -4.21 2.87 30.10
C SER B 188 -3.06 3.81 30.44
N GLY B 189 -1.82 3.40 30.21
CA GLY B 189 -0.67 4.24 30.48
C GLY B 189 -0.16 4.20 31.90
N ALA B 190 -0.81 3.45 32.78
CA ALA B 190 -0.33 3.34 34.16
C ALA B 190 1.07 2.74 34.19
N GLN B 191 1.28 1.67 33.42
CA GLN B 191 2.58 1.01 33.40
C GLN B 191 3.68 1.88 32.80
N ASP B 192 3.33 2.99 32.14
CA ASP B 192 4.31 3.94 31.69
C ASP B 192 4.67 4.97 32.75
N GLU B 193 3.94 4.99 33.87
CA GLU B 193 4.29 5.86 34.99
C GLU B 193 5.27 5.17 35.93
N TRP B 194 5.05 3.89 36.20
CA TRP B 194 5.91 3.14 37.11
C TRP B 194 7.27 2.83 36.49
N PHE B 195 7.40 2.94 35.16
CA PHE B 195 8.64 2.56 34.51
C PHE B 195 9.82 3.38 35.01
N ARG B 196 9.56 4.54 35.60
CA ARG B 196 10.63 5.41 36.07
C ARG B 196 11.40 4.81 37.24
N TYR B 197 10.89 3.74 37.85
CA TYR B 197 11.54 3.11 38.99
C TYR B 197 12.07 1.71 38.72
N ARG B 198 11.96 1.21 37.49
CA ARG B 198 12.28 -0.19 37.22
C ARG B 198 13.75 -0.43 36.91
N ARG B 199 14.59 0.60 36.95
CA ARG B 199 16.03 0.41 36.93
C ARG B 199 16.53 -0.30 35.68
N VAL B 200 16.39 0.33 34.52
CA VAL B 200 17.07 -0.15 33.32
C VAL B 200 18.57 0.02 33.55
N ILE B 201 19.39 -0.69 32.77
CA ILE B 201 20.84 -0.61 32.89
C ILE B 201 21.33 0.59 32.09
N LEU B 202 21.99 1.52 32.77
CA LEU B 202 22.45 2.76 32.14
C LEU B 202 23.50 2.47 31.07
N MET C 1 -32.71 -41.92 -4.94
CA MET C 1 -32.82 -42.95 -3.87
C MET C 1 -33.91 -42.52 -2.89
N ASN C 2 -34.28 -43.42 -1.98
CA ASN C 2 -35.36 -43.13 -1.03
C ASN C 2 -34.88 -42.16 0.03
N TYR C 3 -34.62 -40.92 -0.36
CA TYR C 3 -34.14 -39.91 0.58
C TYR C 3 -35.20 -39.50 1.60
N GLU C 4 -36.47 -39.83 1.33
CA GLU C 4 -37.54 -39.41 2.23
C GLU C 4 -37.30 -39.86 3.67
N THR C 5 -36.71 -41.03 3.86
CA THR C 5 -36.44 -41.51 5.22
C THR C 5 -35.27 -40.76 5.86
N LEU C 6 -34.29 -40.35 5.06
CA LEU C 6 -33.11 -39.70 5.62
C LEU C 6 -33.42 -38.28 6.09
N LEU C 7 -34.15 -37.52 5.28
CA LEU C 7 -34.39 -36.10 5.56
C LEU C 7 -35.76 -35.72 5.02
N PRO C 8 -36.79 -35.70 5.86
CA PRO C 8 -38.12 -35.32 5.37
C PRO C 8 -38.13 -33.88 4.86
N LEU C 9 -38.99 -33.62 3.88
CA LEU C 9 -39.13 -32.26 3.37
C LEU C 9 -39.51 -31.28 4.46
N GLN C 10 -40.18 -31.77 5.51
CA GLN C 10 -40.64 -30.88 6.57
C GLN C 10 -39.47 -30.20 7.26
N THR C 11 -38.40 -30.95 7.53
CA THR C 11 -37.24 -30.35 8.19
C THR C 11 -36.59 -29.28 7.31
N ILE C 12 -36.45 -29.55 6.01
CA ILE C 12 -35.86 -28.56 5.12
C ILE C 12 -36.73 -27.31 5.07
N ARG C 13 -38.05 -27.49 4.98
CA ARG C 13 -38.94 -26.34 4.96
C ARG C 13 -38.84 -25.53 6.24
N GLU C 14 -38.78 -26.19 7.39
CA GLU C 14 -38.69 -25.48 8.66
C GLU C 14 -37.37 -24.73 8.78
N HIS C 15 -36.26 -25.36 8.41
CA HIS C 15 -34.95 -24.72 8.53
C HIS C 15 -34.82 -23.56 7.54
N ALA C 16 -35.27 -23.78 6.29
CA ALA C 16 -35.06 -22.81 5.23
C ALA C 16 -36.18 -21.76 5.19
N LYS C 17 -36.90 -21.61 6.30
CA LYS C 17 -37.83 -20.48 6.52
C LYS C 17 -38.96 -20.46 5.50
N CYS C 18 -38.99 -21.42 4.57
CA CYS C 18 -39.88 -21.38 3.42
C CYS C 18 -41.05 -22.36 3.53
N ASP C 19 -41.61 -22.55 4.72
CA ASP C 19 -42.70 -23.50 4.87
C ASP C 19 -44.05 -22.93 4.45
N ASP C 20 -44.14 -21.65 4.06
CA ASP C 20 -45.36 -21.07 3.54
C ASP C 20 -45.18 -20.46 2.16
N ASN C 21 -43.96 -20.42 1.64
CA ASN C 21 -43.71 -19.84 0.32
C ASN C 21 -44.27 -20.77 -0.75
N PRO C 22 -45.16 -20.28 -1.63
CA PRO C 22 -45.68 -21.16 -2.69
C PRO C 22 -44.75 -21.33 -3.87
N ARG C 23 -43.72 -20.49 -3.99
CA ARG C 23 -42.84 -20.59 -5.15
C ARG C 23 -42.10 -21.92 -5.18
N VAL C 24 -41.57 -22.36 -4.04
CA VAL C 24 -40.68 -23.52 -4.00
C VAL C 24 -41.58 -24.74 -3.86
N THR C 25 -41.89 -25.35 -5.00
CA THR C 25 -42.74 -26.53 -5.02
C THR C 25 -41.92 -27.77 -4.65
N ASP C 26 -42.64 -28.89 -4.50
CA ASP C 26 -41.99 -30.12 -4.07
C ASP C 26 -40.93 -30.59 -5.05
N THR C 27 -41.18 -30.44 -6.35
CA THR C 27 -40.23 -30.94 -7.35
C THR C 27 -38.87 -30.27 -7.20
N LEU C 28 -38.87 -28.94 -7.11
CA LEU C 28 -37.60 -28.21 -7.04
C LEU C 28 -36.87 -28.51 -5.74
N LEU C 29 -37.59 -28.60 -4.62
CA LEU C 29 -36.95 -28.93 -3.36
C LEU C 29 -36.37 -30.33 -3.39
N SER C 30 -37.09 -31.28 -3.99
CA SER C 30 -36.55 -32.63 -4.13
C SER C 30 -35.28 -32.62 -4.98
N LEU C 31 -35.28 -31.84 -6.06
CA LEU C 31 -34.09 -31.72 -6.88
C LEU C 31 -32.91 -31.18 -6.07
N TYR C 32 -33.16 -30.13 -5.29
CA TYR C 32 -32.09 -29.58 -4.46
C TYR C 32 -31.57 -30.62 -3.47
N ARG C 33 -32.47 -31.35 -2.82
CA ARG C 33 -32.06 -32.33 -1.83
C ARG C 33 -31.22 -33.43 -2.48
N GLU C 34 -31.67 -33.93 -3.63
CA GLU C 34 -30.93 -34.99 -4.32
C GLU C 34 -29.54 -34.49 -4.74
N ALA C 35 -29.47 -33.28 -5.29
CA ALA C 35 -28.18 -32.75 -5.69
C ALA C 35 -27.25 -32.58 -4.49
N ALA C 36 -27.77 -32.07 -3.37
CA ALA C 36 -26.95 -31.88 -2.20
C ALA C 36 -26.43 -33.22 -1.67
N PHE C 37 -27.29 -34.24 -1.62
CA PHE C 37 -26.84 -35.53 -1.12
C PHE C 37 -25.82 -36.16 -2.07
N GLU C 38 -26.01 -36.01 -3.37
CA GLU C 38 -25.01 -36.52 -4.31
C GLU C 38 -23.68 -35.82 -4.12
N ALA C 39 -23.70 -34.50 -3.93
CA ALA C 39 -22.47 -33.77 -3.68
C ALA C 39 -21.80 -34.25 -2.40
N ALA C 40 -22.57 -34.50 -1.35
CA ALA C 40 -22.01 -35.00 -0.11
C ALA C 40 -21.35 -36.37 -0.33
N GLU C 41 -22.02 -37.26 -1.07
CA GLU C 41 -21.45 -38.57 -1.34
C GLU C 41 -20.14 -38.44 -2.11
N LEU C 42 -20.12 -37.58 -3.12
CA LEU C 42 -18.89 -37.39 -3.89
C LEU C 42 -17.77 -36.86 -3.01
N TYR C 43 -18.08 -35.88 -2.15
CA TYR C 43 -17.03 -35.26 -1.35
C TYR C 43 -16.49 -36.22 -0.30
N THR C 44 -17.36 -37.00 0.33
CA THR C 44 -16.93 -37.90 1.40
C THR C 44 -16.72 -39.33 0.94
N GLY C 45 -17.31 -39.73 -0.18
CA GLY C 45 -17.16 -41.10 -0.65
C GLY C 45 -17.72 -42.12 0.31
N MET C 46 -18.93 -41.91 0.81
CA MET C 46 -19.52 -42.76 1.84
C MET C 46 -21.02 -42.90 1.55
N SER C 47 -21.40 -44.00 0.91
CA SER C 47 -22.81 -44.25 0.65
C SER C 47 -23.54 -44.48 1.98
N PHE C 48 -24.66 -43.76 2.14
CA PHE C 48 -25.31 -43.67 3.44
C PHE C 48 -26.24 -44.84 3.75
N THR C 49 -27.29 -45.02 2.95
CA THR C 49 -28.39 -45.87 3.37
C THR C 49 -28.02 -47.35 3.31
N PRO C 50 -27.76 -47.93 2.13
CA PRO C 50 -27.49 -49.38 2.09
C PRO C 50 -26.14 -49.71 2.71
N GLN C 51 -26.07 -50.84 3.39
CA GLN C 51 -24.79 -51.39 3.85
C GLN C 51 -24.22 -52.22 2.71
N LYS C 52 -23.68 -51.52 1.72
CA LYS C 52 -23.23 -52.17 0.49
C LYS C 52 -22.04 -53.07 0.75
N THR C 53 -21.95 -54.16 -0.01
CA THR C 53 -20.80 -55.04 0.00
C THR C 53 -20.04 -54.87 -1.32
N ILE C 54 -18.72 -54.71 -1.22
CA ILE C 54 -17.88 -54.37 -2.35
C ILE C 54 -16.88 -55.49 -2.60
N VAL C 55 -16.69 -55.82 -3.87
CA VAL C 55 -15.61 -56.71 -4.32
C VAL C 55 -14.77 -55.95 -5.33
N GLU C 56 -13.50 -55.74 -5.00
CA GLU C 56 -12.63 -54.92 -5.82
C GLU C 56 -11.28 -55.59 -6.01
N PRO C 57 -10.59 -55.32 -7.11
CA PRO C 57 -9.25 -55.89 -7.31
C PRO C 57 -8.19 -55.13 -6.52
N VAL C 58 -7.13 -55.84 -6.16
CA VAL C 58 -6.05 -55.30 -5.35
C VAL C 58 -4.72 -55.71 -5.97
N ARG C 59 -3.79 -54.77 -6.06
CA ARG C 59 -2.43 -55.02 -6.52
C ARG C 59 -1.46 -54.53 -5.48
N ILE C 60 -0.46 -55.34 -5.16
CA ILE C 60 0.51 -54.98 -4.12
C ILE C 60 1.18 -53.67 -4.51
N LYS C 61 1.12 -52.69 -3.59
CA LYS C 61 1.70 -51.38 -3.86
C LYS C 61 3.22 -51.47 -4.00
N ASN C 62 3.87 -52.25 -3.13
CA ASN C 62 5.32 -52.35 -3.12
C ASN C 62 5.72 -53.62 -2.40
N ARG C 63 7.02 -53.92 -2.44
CA ARG C 63 7.52 -55.15 -1.84
C ARG C 63 7.32 -55.20 -0.34
N LYS C 64 7.05 -54.06 0.31
CA LYS C 64 6.77 -54.06 1.74
C LYS C 64 5.54 -54.89 2.08
N GLY C 65 4.69 -55.17 1.11
CA GLY C 65 3.46 -55.90 1.34
C GLY C 65 2.26 -55.04 1.64
N LYS C 66 2.25 -53.79 1.17
CA LYS C 66 1.19 -52.85 1.49
C LYS C 66 0.05 -52.98 0.50
N ILE C 67 -1.18 -53.06 1.03
CA ILE C 67 -2.40 -53.08 0.24
C ILE C 67 -3.31 -51.97 0.73
N VAL C 68 -3.83 -51.17 -0.21
CA VAL C 68 -4.65 -50.01 0.11
C VAL C 68 -6.09 -50.32 -0.28
N LEU C 69 -6.98 -50.27 0.70
CA LEU C 69 -8.40 -50.48 0.45
C LEU C 69 -9.08 -49.16 0.06
N SER C 70 -10.26 -49.30 -0.54
CA SER C 70 -11.06 -48.15 -0.93
C SER C 70 -12.07 -47.74 0.13
N GLN C 71 -12.51 -48.69 0.97
CA GLN C 71 -13.44 -48.40 2.05
C GLN C 71 -12.79 -48.74 3.38
N VAL C 72 -13.45 -48.36 4.46
CA VAL C 72 -12.94 -48.55 5.82
C VAL C 72 -13.75 -49.66 6.48
N PRO C 73 -13.14 -50.79 6.85
CA PRO C 73 -13.91 -51.84 7.54
C PRO C 73 -14.11 -51.54 9.02
N ILE C 74 -14.75 -52.47 9.73
CA ILE C 74 -15.08 -52.30 11.14
C ILE C 74 -14.17 -53.19 11.98
N ALA C 75 -13.87 -52.75 13.20
CA ALA C 75 -13.02 -53.51 14.10
C ALA C 75 -13.81 -54.59 14.83
N GLY C 76 -13.56 -55.84 14.49
CA GLY C 76 -14.23 -56.95 15.15
C GLY C 76 -14.54 -58.12 14.24
N ARG C 77 -14.59 -57.88 12.93
CA ARG C 77 -14.81 -58.95 11.97
C ARG C 77 -13.96 -58.71 10.73
N PRO C 78 -13.55 -59.77 10.03
CA PRO C 78 -12.44 -59.67 9.09
C PRO C 78 -12.85 -59.10 7.74
N VAL C 79 -11.84 -58.90 6.90
CA VAL C 79 -11.99 -58.60 5.48
C VAL C 79 -11.16 -59.60 4.71
N VAL C 80 -11.75 -60.18 3.66
CA VAL C 80 -11.17 -61.35 3.01
C VAL C 80 -10.51 -60.96 1.70
N PHE C 81 -9.39 -61.63 1.41
CA PHE C 81 -8.69 -61.52 0.14
C PHE C 81 -8.66 -62.90 -0.51
N THR C 82 -8.73 -62.93 -1.83
CA THR C 82 -8.74 -64.18 -2.57
C THR C 82 -7.93 -64.03 -3.85
N GLY C 83 -7.91 -65.09 -4.64
CA GLY C 83 -7.17 -65.10 -5.88
C GLY C 83 -5.71 -65.46 -5.68
N GLY C 84 -5.00 -65.59 -6.79
CA GLY C 84 -3.59 -65.93 -6.72
C GLY C 84 -3.37 -67.35 -6.24
N GLY C 85 -2.23 -67.57 -5.59
CA GLY C 85 -1.84 -68.88 -5.12
C GLY C 85 -2.34 -69.27 -3.75
N LEU C 86 -3.21 -68.47 -3.14
CA LEU C 86 -3.71 -68.78 -1.81
C LEU C 86 -4.64 -70.00 -1.87
N GLY C 87 -4.21 -71.08 -1.23
CA GLY C 87 -5.00 -72.29 -1.13
C GLY C 87 -5.77 -72.43 0.15
N SER C 88 -5.73 -71.45 1.03
CA SER C 88 -6.41 -71.51 2.32
C SER C 88 -7.05 -70.15 2.57
N PRO C 89 -8.05 -70.08 3.45
CA PRO C 89 -8.72 -68.81 3.72
C PRO C 89 -7.73 -67.76 4.23
N LEU C 90 -7.96 -66.51 3.83
CA LEU C 90 -7.10 -65.39 4.22
C LEU C 90 -7.98 -64.18 4.42
N GLU C 91 -8.09 -63.72 5.67
CA GLU C 91 -8.87 -62.53 5.99
C GLU C 91 -8.28 -61.89 7.25
N LEU C 92 -8.24 -60.57 7.27
CA LEU C 92 -7.56 -59.82 8.32
C LEU C 92 -8.48 -58.73 8.85
N ILE C 93 -8.00 -58.02 9.87
CA ILE C 93 -8.67 -56.85 10.41
C ILE C 93 -7.64 -55.72 10.52
N PRO C 94 -7.88 -54.55 9.94
CA PRO C 94 -6.87 -53.49 9.93
C PRO C 94 -6.96 -52.58 11.15
N PHE C 95 -6.05 -51.62 11.18
CA PHE C 95 -6.09 -50.59 12.21
C PHE C 95 -7.39 -49.80 12.09
N PRO C 96 -8.00 -49.39 13.20
CA PRO C 96 -9.26 -48.64 13.10
C PRO C 96 -9.12 -47.39 12.27
N ASN C 97 -10.15 -47.13 11.45
CA ASN C 97 -10.18 -45.99 10.54
C ASN C 97 -9.01 -46.02 9.54
N SER C 98 -8.50 -47.20 9.24
CA SER C 98 -7.39 -47.37 8.31
C SER C 98 -7.86 -48.19 7.13
N ASN C 99 -7.59 -47.69 5.92
CA ASN C 99 -7.97 -48.36 4.69
C ASN C 99 -6.79 -49.04 4.00
N VAL C 100 -5.82 -49.53 4.77
CA VAL C 100 -4.63 -50.18 4.22
C VAL C 100 -4.37 -51.47 4.99
N LEU C 101 -4.06 -52.54 4.26
CA LEU C 101 -3.75 -53.84 4.84
C LEU C 101 -2.36 -54.28 4.41
N HIS C 102 -1.62 -54.85 5.35
CA HIS C 102 -0.29 -55.38 5.09
C HIS C 102 -0.35 -56.91 5.10
N PHE C 103 0.20 -57.52 4.06
CA PHE C 103 0.13 -58.96 3.90
C PHE C 103 0.78 -59.67 5.09
N GLN C 125 -5.98 -63.19 -10.56
CA GLN C 125 -5.52 -61.99 -9.88
C GLN C 125 -6.07 -61.91 -8.46
N LEU C 126 -5.48 -61.04 -7.65
CA LEU C 126 -5.90 -60.90 -6.26
C LEU C 126 -7.21 -60.14 -6.17
N MET C 127 -8.17 -60.69 -5.43
CA MET C 127 -9.48 -60.09 -5.25
C MET C 127 -9.80 -59.99 -3.77
N ALA C 128 -10.50 -58.92 -3.40
CA ALA C 128 -10.85 -58.64 -2.01
C ALA C 128 -12.31 -58.21 -1.93
N THR C 129 -12.96 -58.54 -0.80
CA THR C 129 -14.33 -58.14 -0.57
C THR C 129 -14.55 -58.04 0.93
N TYR C 130 -15.47 -57.16 1.34
CA TYR C 130 -15.75 -56.96 2.76
C TYR C 130 -16.97 -56.07 2.92
N VAL C 131 -17.53 -56.10 4.12
CA VAL C 131 -18.66 -55.24 4.50
C VAL C 131 -18.47 -54.85 5.95
N ALA C 132 -18.84 -53.60 6.27
CA ALA C 132 -18.65 -53.08 7.62
C ALA C 132 -19.63 -51.95 7.85
N GLY C 133 -19.67 -51.47 9.09
CA GLY C 133 -20.55 -50.39 9.51
C GLY C 133 -21.50 -50.84 10.61
N ARG C 134 -22.25 -49.87 11.11
CA ARG C 134 -23.20 -50.13 12.18
C ARG C 134 -24.54 -50.57 11.61
N ARG C 135 -25.47 -50.90 12.52
CA ARG C 135 -26.71 -51.53 12.11
C ARG C 135 -27.57 -50.64 11.23
N CYS C 136 -27.86 -49.42 11.68
CA CYS C 136 -28.96 -48.64 11.16
C CYS C 136 -28.47 -47.34 10.54
N GLU C 137 -29.45 -46.50 10.17
CA GLU C 137 -29.19 -45.20 9.56
C GLU C 137 -28.60 -44.19 10.53
N SER C 138 -28.51 -44.51 11.81
CA SER C 138 -27.81 -43.64 12.75
C SER C 138 -26.35 -43.49 12.36
N SER C 139 -25.82 -44.39 11.52
CA SER C 139 -24.51 -44.24 10.92
C SER C 139 -24.49 -43.18 9.82
N VAL C 140 -25.55 -42.38 9.71
CA VAL C 140 -25.54 -41.17 8.90
C VAL C 140 -25.34 -40.00 9.86
N PRO C 141 -24.10 -39.60 10.14
CA PRO C 141 -23.87 -38.66 11.24
C PRO C 141 -24.57 -37.32 11.02
N ALA C 142 -24.94 -36.70 12.13
CA ALA C 142 -25.71 -35.45 12.07
C ALA C 142 -24.96 -34.38 11.30
N GLY C 143 -23.64 -34.44 11.27
CA GLY C 143 -22.87 -33.44 10.54
C GLY C 143 -23.20 -33.39 9.06
N ILE C 144 -23.38 -34.56 8.44
CA ILE C 144 -23.69 -34.59 7.01
C ILE C 144 -25.04 -33.93 6.76
N ILE C 145 -26.04 -34.24 7.60
CA ILE C 145 -27.34 -33.61 7.45
C ILE C 145 -27.23 -32.11 7.66
N MET C 146 -26.41 -31.69 8.61
CA MET C 146 -26.21 -30.27 8.86
C MET C 146 -25.65 -29.58 7.62
N GLY C 147 -24.65 -30.20 6.99
CA GLY C 147 -24.10 -29.62 5.78
C GLY C 147 -25.10 -29.57 4.64
N VAL C 148 -25.89 -30.63 4.49
CA VAL C 148 -26.90 -30.66 3.44
C VAL C 148 -27.92 -29.54 3.65
N LEU C 149 -28.33 -29.32 4.90
CA LEU C 149 -29.29 -28.25 5.17
C LEU C 149 -28.72 -26.89 4.75
N LYS C 150 -27.47 -26.62 5.11
CA LYS C 150 -26.86 -25.35 4.74
C LYS C 150 -26.77 -25.20 3.23
N LEU C 151 -26.37 -26.26 2.53
CA LEU C 151 -26.25 -26.17 1.08
C LEU C 151 -27.59 -25.90 0.44
N ILE C 152 -28.65 -26.58 0.89
CA ILE C 152 -29.98 -26.35 0.33
C ILE C 152 -30.44 -24.93 0.63
N ALA C 153 -30.18 -24.45 1.85
CA ALA C 153 -30.57 -23.08 2.20
C ALA C 153 -29.87 -22.07 1.30
N TRP C 154 -28.58 -22.26 1.04
CA TRP C 154 -27.87 -21.38 0.12
C TRP C 154 -28.48 -21.45 -1.28
N ASN C 155 -28.78 -22.66 -1.75
CA ASN C 155 -29.28 -22.81 -3.11
C ASN C 155 -30.63 -22.14 -3.28
N ILE C 156 -31.50 -22.20 -2.27
CA ILE C 156 -32.85 -21.64 -2.43
C ILE C 156 -32.80 -20.14 -2.61
N ASN C 157 -31.89 -19.44 -1.93
CA ASN C 157 -31.92 -17.99 -1.85
C ASN C 157 -31.08 -17.28 -2.91
N ASN C 158 -30.06 -17.95 -3.45
CA ASN C 158 -29.12 -17.33 -4.39
C ASN C 158 -29.12 -18.12 -5.70
N PRO C 159 -29.90 -17.72 -6.69
CA PRO C 159 -29.97 -18.50 -7.94
C PRO C 159 -28.68 -18.55 -8.73
N GLY C 160 -27.75 -17.64 -8.48
CA GLY C 160 -26.47 -17.63 -9.17
C GLY C 160 -26.27 -16.53 -10.18
N ASP C 161 -27.18 -15.55 -10.25
CA ASP C 161 -27.07 -14.43 -11.18
C ASP C 161 -26.64 -13.15 -10.48
N GLU C 162 -25.90 -13.26 -9.38
CA GLU C 162 -25.49 -12.11 -8.60
C GLU C 162 -24.09 -12.35 -8.04
N ILE C 163 -23.48 -11.27 -7.55
CA ILE C 163 -22.20 -11.33 -6.87
C ILE C 163 -22.28 -10.50 -5.60
N MET C 164 -21.82 -11.07 -4.49
CA MET C 164 -21.83 -10.38 -3.21
C MET C 164 -20.54 -10.64 -2.45
N ASN C 182 -19.65 -17.52 -6.12
CA ASN C 182 -20.93 -18.22 -6.08
C ASN C 182 -20.73 -19.73 -5.96
N ASN C 183 -19.57 -20.14 -5.46
CA ASN C 183 -19.29 -21.55 -5.21
C ASN C 183 -20.01 -21.93 -3.92
N GLY C 184 -21.29 -22.29 -4.06
CA GLY C 184 -22.14 -22.45 -2.89
C GLY C 184 -21.62 -23.48 -1.91
N ALA C 185 -21.03 -24.57 -2.42
CA ALA C 185 -20.60 -25.64 -1.53
C ALA C 185 -19.58 -25.16 -0.51
N VAL C 186 -18.90 -24.04 -0.77
CA VAL C 186 -17.84 -23.56 0.10
C VAL C 186 -18.35 -22.43 0.97
N VAL C 187 -18.79 -21.33 0.35
CA VAL C 187 -19.15 -20.14 1.10
C VAL C 187 -20.28 -20.40 2.09
N SER C 188 -21.13 -21.39 1.83
CA SER C 188 -22.17 -21.76 2.78
C SER C 188 -21.63 -22.60 3.93
N GLY C 189 -20.41 -23.14 3.82
CA GLY C 189 -19.80 -23.92 4.87
C GLY C 189 -20.04 -25.41 4.81
N ALA C 190 -20.88 -25.88 3.88
CA ALA C 190 -21.15 -27.32 3.82
C ALA C 190 -19.89 -28.11 3.53
N GLN C 191 -19.10 -27.65 2.55
CA GLN C 191 -17.84 -28.34 2.24
C GLN C 191 -16.81 -28.17 3.35
N ASP C 192 -17.03 -27.26 4.29
CA ASP C 192 -16.24 -27.19 5.51
C ASP C 192 -16.80 -28.07 6.61
N GLU C 193 -18.12 -28.20 6.68
CA GLU C 193 -18.73 -29.10 7.66
C GLU C 193 -18.37 -30.54 7.37
N TRP C 194 -18.31 -30.91 6.09
CA TRP C 194 -18.01 -32.28 5.71
C TRP C 194 -16.53 -32.63 5.84
N PHE C 195 -15.67 -31.65 6.12
CA PHE C 195 -14.23 -31.91 6.12
C PHE C 195 -13.76 -32.74 7.30
N ARG C 196 -14.56 -32.84 8.36
CA ARG C 196 -14.13 -33.60 9.52
C ARG C 196 -13.84 -35.06 9.17
N TYR C 197 -14.64 -35.63 8.28
CA TYR C 197 -14.51 -37.05 7.93
C TYR C 197 -13.54 -37.30 6.79
N ARG C 198 -12.99 -36.26 6.15
CA ARG C 198 -12.17 -36.49 4.97
C ARG C 198 -10.88 -37.23 5.30
N ARG C 199 -10.43 -37.21 6.55
CA ARG C 199 -9.32 -38.06 6.96
C ARG C 199 -8.06 -37.78 6.16
N VAL C 200 -7.45 -36.62 6.38
CA VAL C 200 -6.21 -36.23 5.71
C VAL C 200 -5.23 -37.40 5.74
N ILE C 201 -4.43 -37.52 4.69
CA ILE C 201 -3.56 -38.68 4.52
C ILE C 201 -2.34 -38.53 5.42
N LEU C 202 -2.43 -39.09 6.62
CA LEU C 202 -1.34 -39.01 7.58
C LEU C 202 -0.38 -40.17 7.40
N MET D 1 -29.13 -41.19 23.01
CA MET D 1 -28.74 -40.71 24.38
C MET D 1 -29.69 -39.63 24.87
N ASN D 2 -29.89 -39.59 26.20
CA ASN D 2 -30.70 -38.56 26.82
C ASN D 2 -29.81 -37.33 27.04
N TYR D 3 -29.57 -36.61 25.94
CA TYR D 3 -28.77 -35.39 26.01
C TYR D 3 -29.42 -34.33 26.89
N GLU D 4 -30.73 -34.42 27.11
CA GLU D 4 -31.42 -33.42 27.91
C GLU D 4 -30.74 -33.20 29.25
N THR D 5 -30.31 -34.27 29.91
CA THR D 5 -29.60 -34.11 31.18
C THR D 5 -28.26 -33.44 31.02
N LEU D 6 -27.53 -33.75 29.95
CA LEU D 6 -26.22 -33.14 29.74
C LEU D 6 -26.34 -31.63 29.53
N LEU D 7 -27.32 -31.20 28.74
CA LEU D 7 -27.52 -29.79 28.45
C LEU D 7 -28.98 -29.52 28.13
N PRO D 8 -29.76 -28.98 29.07
CA PRO D 8 -31.20 -28.80 28.81
C PRO D 8 -31.45 -27.79 27.69
N LEU D 9 -32.59 -27.98 27.02
CA LEU D 9 -33.00 -27.03 25.99
C LEU D 9 -33.16 -25.64 26.58
N GLN D 10 -33.69 -25.55 27.80
CA GLN D 10 -33.96 -24.24 28.41
C GLN D 10 -32.66 -23.45 28.57
N THR D 11 -31.60 -24.11 29.04
CA THR D 11 -30.33 -23.40 29.19
C THR D 11 -29.80 -22.92 27.85
N ILE D 12 -29.91 -23.76 26.82
CA ILE D 12 -29.47 -23.35 25.49
C ILE D 12 -30.23 -22.11 25.03
N ARG D 13 -31.55 -22.12 25.22
CA ARG D 13 -32.35 -20.96 24.82
C ARG D 13 -31.94 -19.71 25.60
N GLU D 14 -31.71 -19.85 26.91
CA GLU D 14 -31.33 -18.69 27.71
C GLU D 14 -29.97 -18.14 27.28
N HIS D 15 -29.00 -19.01 27.02
CA HIS D 15 -27.68 -18.53 26.63
C HIS D 15 -27.71 -17.90 25.24
N ALA D 16 -28.15 -18.66 24.24
CA ALA D 16 -28.28 -18.10 22.91
C ALA D 16 -29.25 -16.92 22.87
N LYS D 17 -29.93 -16.63 23.98
CA LYS D 17 -30.67 -15.39 24.15
C LYS D 17 -31.74 -15.25 23.06
N CYS D 18 -32.60 -16.27 23.00
CA CYS D 18 -33.58 -16.40 21.93
C CYS D 18 -34.91 -16.97 22.43
N ASP D 19 -35.35 -16.60 23.63
CA ASP D 19 -36.64 -17.09 24.11
C ASP D 19 -37.76 -16.16 23.64
N ASP D 20 -37.74 -15.80 22.35
CA ASP D 20 -38.89 -15.19 21.72
C ASP D 20 -39.09 -15.69 20.29
N ASN D 21 -38.40 -16.76 19.89
CA ASN D 21 -38.30 -17.08 18.48
C ASN D 21 -39.67 -17.41 17.91
N PRO D 22 -40.04 -16.83 16.75
CA PRO D 22 -41.36 -17.15 16.18
C PRO D 22 -41.37 -18.36 15.27
N ARG D 23 -40.21 -18.86 14.83
CA ARG D 23 -40.19 -19.96 13.86
C ARG D 23 -39.20 -21.07 14.17
N VAL D 24 -38.24 -20.91 15.07
CA VAL D 24 -37.25 -21.95 15.35
C VAL D 24 -37.90 -22.95 16.31
N THR D 25 -38.26 -24.12 15.78
CA THR D 25 -38.94 -25.14 16.58
C THR D 25 -37.94 -25.94 17.41
N ASP D 26 -38.44 -26.51 18.50
CA ASP D 26 -37.57 -27.28 19.39
C ASP D 26 -36.96 -28.49 18.68
N THR D 27 -37.68 -29.06 17.71
CA THR D 27 -37.18 -30.25 17.04
C THR D 27 -35.87 -29.97 16.33
N LEU D 28 -35.76 -28.81 15.70
CA LEU D 28 -34.53 -28.46 14.98
C LEU D 28 -33.39 -28.15 15.94
N LEU D 29 -33.70 -27.51 17.07
CA LEU D 29 -32.66 -27.24 18.06
C LEU D 29 -32.14 -28.54 18.66
N SER D 30 -33.02 -29.55 18.77
CA SER D 30 -32.58 -30.86 19.22
C SER D 30 -31.58 -31.49 18.26
N LEU D 31 -31.72 -31.24 16.96
CA LEU D 31 -30.73 -31.70 15.99
C LEU D 31 -29.45 -30.89 16.10
N TYR D 32 -29.56 -29.58 16.32
CA TYR D 32 -28.36 -28.76 16.48
C TYR D 32 -27.53 -29.24 17.67
N ARG D 33 -28.19 -29.58 18.78
CA ARG D 33 -27.47 -30.04 19.96
C ARG D 33 -26.67 -31.30 19.66
N GLU D 34 -27.30 -32.26 18.99
CA GLU D 34 -26.61 -33.50 18.64
C GLU D 34 -25.44 -33.23 17.71
N ALA D 35 -25.64 -32.34 16.73
CA ALA D 35 -24.54 -32.01 15.82
C ALA D 35 -23.37 -31.40 16.57
N ALA D 36 -23.65 -30.48 17.51
CA ALA D 36 -22.58 -29.85 18.27
C ALA D 36 -21.83 -30.87 19.11
N PHE D 37 -22.56 -31.79 19.76
CA PHE D 37 -21.89 -32.80 20.56
C PHE D 37 -21.03 -33.71 19.69
N GLU D 38 -21.51 -34.08 18.51
CA GLU D 38 -20.67 -34.86 17.60
C GLU D 38 -19.42 -34.08 17.20
N ALA D 39 -19.57 -32.78 16.95
CA ALA D 39 -18.41 -31.97 16.57
C ALA D 39 -17.37 -31.97 17.68
N ALA D 40 -17.82 -31.82 18.93
CA ALA D 40 -16.88 -31.90 20.05
C ALA D 40 -16.22 -33.27 20.10
N GLU D 41 -17.01 -34.33 19.94
CA GLU D 41 -16.46 -35.68 19.92
C GLU D 41 -15.34 -35.80 18.89
N LEU D 42 -15.61 -35.39 17.65
CA LEU D 42 -14.60 -35.49 16.61
C LEU D 42 -13.38 -34.64 16.90
N TYR D 43 -13.57 -33.46 17.51
CA TYR D 43 -12.43 -32.58 17.72
C TYR D 43 -11.54 -33.06 18.86
N THR D 44 -12.07 -33.13 20.08
CA THR D 44 -11.22 -33.42 21.23
C THR D 44 -10.96 -34.91 21.42
N GLY D 45 -11.84 -35.78 20.94
CA GLY D 45 -11.60 -37.21 20.98
C GLY D 45 -12.05 -37.90 22.25
N MET D 46 -12.44 -37.15 23.28
CA MET D 46 -12.93 -37.75 24.51
C MET D 46 -14.39 -38.15 24.36
N SER D 47 -14.70 -39.40 24.64
CA SER D 47 -16.07 -39.88 24.57
C SER D 47 -16.83 -39.46 25.82
N PHE D 48 -18.16 -39.54 25.74
CA PHE D 48 -19.03 -39.19 26.86
C PHE D 48 -19.34 -40.43 27.69
N THR D 49 -20.34 -40.32 28.58
CA THR D 49 -20.63 -41.38 29.54
C THR D 49 -20.52 -42.80 28.98
N PRO D 50 -20.99 -43.11 27.78
CA PRO D 50 -20.95 -44.52 27.33
C PRO D 50 -19.53 -45.01 27.10
N GLN D 51 -19.06 -45.88 27.99
CA GLN D 51 -17.75 -46.50 27.82
C GLN D 51 -17.85 -47.65 26.84
N LYS D 52 -16.85 -47.76 25.97
CA LYS D 52 -16.88 -48.71 24.87
C LYS D 52 -15.59 -49.50 24.82
N THR D 53 -15.67 -50.72 24.30
CA THR D 53 -14.51 -51.56 24.13
C THR D 53 -13.82 -51.26 22.80
N ILE D 54 -12.51 -51.47 22.77
CA ILE D 54 -11.70 -51.22 21.59
C ILE D 54 -10.85 -52.45 21.31
N VAL D 55 -10.85 -52.90 20.07
CA VAL D 55 -10.03 -54.02 19.62
C VAL D 55 -9.32 -53.60 18.34
N GLU D 56 -8.00 -53.78 18.30
CA GLU D 56 -7.22 -53.34 17.16
C GLU D 56 -5.81 -53.92 17.28
N PRO D 57 -5.07 -53.98 16.17
CA PRO D 57 -3.66 -54.40 16.24
C PRO D 57 -2.76 -53.22 16.60
N VAL D 58 -1.61 -53.52 17.20
CA VAL D 58 -0.70 -52.49 17.67
C VAL D 58 0.72 -52.77 17.20
N ARG D 59 1.12 -52.17 16.08
CA ARG D 59 2.47 -52.33 15.57
C ARG D 59 3.44 -51.46 16.35
N ILE D 60 4.57 -52.04 16.75
CA ILE D 60 5.58 -51.31 17.52
C ILE D 60 6.12 -50.17 16.68
N LYS D 61 6.58 -49.10 17.36
CA LYS D 61 7.07 -47.93 16.64
C LYS D 61 8.57 -48.00 16.40
N ASN D 62 9.36 -48.28 17.43
CA ASN D 62 10.81 -48.19 17.33
C ASN D 62 11.44 -49.13 18.35
N ARG D 63 12.77 -49.24 18.26
CA ARG D 63 13.51 -50.09 19.20
C ARG D 63 13.39 -49.59 20.63
N LYS D 64 13.06 -48.31 20.83
CA LYS D 64 12.93 -47.77 22.17
C LYS D 64 11.74 -48.35 22.94
N GLY D 65 10.85 -49.06 22.26
CA GLY D 65 9.68 -49.66 22.89
C GLY D 65 8.42 -48.84 22.84
N LYS D 66 8.37 -47.79 22.01
CA LYS D 66 7.22 -46.90 21.99
C LYS D 66 6.07 -47.54 21.22
N ILE D 67 4.90 -47.61 21.86
CA ILE D 67 3.69 -48.12 21.24
C ILE D 67 2.56 -47.15 21.55
N VAL D 68 1.68 -46.96 20.57
CA VAL D 68 0.60 -45.98 20.65
C VAL D 68 -0.72 -46.68 20.38
N LEU D 69 -1.80 -46.13 20.93
CA LEU D 69 -3.14 -46.67 20.79
C LEU D 69 -4.07 -45.63 20.20
N SER D 70 -5.18 -46.11 19.62
CA SER D 70 -6.15 -45.21 19.01
C SER D 70 -6.79 -44.27 20.02
N GLN D 71 -7.13 -44.77 21.21
CA GLN D 71 -7.77 -43.95 22.23
C GLN D 71 -7.10 -44.21 23.58
N VAL D 72 -7.25 -43.25 24.47
CA VAL D 72 -6.67 -43.35 25.81
C VAL D 72 -7.46 -44.40 26.60
N PRO D 73 -6.82 -45.47 27.08
CA PRO D 73 -7.55 -46.43 27.92
C PRO D 73 -7.94 -45.83 29.26
N ILE D 74 -8.92 -46.45 29.90
CA ILE D 74 -9.39 -45.97 31.19
C ILE D 74 -8.22 -45.78 32.13
N ALA D 75 -8.30 -44.74 32.97
CA ALA D 75 -7.21 -44.40 33.87
C ALA D 75 -7.26 -45.24 35.14
N GLY D 76 -6.72 -46.45 35.10
CA GLY D 76 -6.64 -47.27 36.29
C GLY D 76 -6.82 -48.75 36.07
N ARG D 77 -7.26 -49.17 34.90
CA ARG D 77 -7.43 -50.59 34.62
C ARG D 77 -6.76 -50.95 33.30
N PRO D 78 -6.33 -52.20 33.15
CA PRO D 78 -5.29 -52.50 32.15
C PRO D 78 -5.83 -52.70 30.74
N VAL D 79 -4.95 -52.44 29.77
CA VAL D 79 -5.10 -52.89 28.39
C VAL D 79 -4.48 -54.26 28.27
N VAL D 80 -5.01 -55.08 27.35
CA VAL D 80 -4.58 -56.47 27.21
C VAL D 80 -4.04 -56.69 25.81
N PHE D 81 -3.08 -57.62 25.71
CA PHE D 81 -2.49 -58.02 24.45
C PHE D 81 -2.04 -59.47 24.58
N THR D 82 -2.31 -60.27 23.55
CA THR D 82 -2.07 -61.71 23.59
C THR D 82 -0.88 -62.07 22.73
N GLY D 83 0.01 -62.90 23.27
CA GLY D 83 1.15 -63.35 22.51
C GLY D 83 2.17 -62.25 22.30
N GLY D 84 3.08 -62.50 21.37
CA GLY D 84 4.09 -61.52 21.02
C GLY D 84 5.01 -61.13 22.14
N GLY D 85 5.10 -61.93 23.19
CA GLY D 85 5.94 -61.58 24.32
C GLY D 85 6.33 -62.79 25.12
N LEU D 86 6.50 -62.60 26.42
CA LEU D 86 6.90 -63.68 27.30
C LEU D 86 5.79 -64.73 27.41
N GLY D 87 6.06 -65.75 28.22
CA GLY D 87 5.28 -66.98 28.20
C GLY D 87 3.80 -66.87 28.51
N SER D 88 3.33 -65.72 28.99
CA SER D 88 1.94 -65.60 29.39
C SER D 88 1.36 -64.32 28.80
N PRO D 89 0.05 -64.30 28.51
CA PRO D 89 -0.60 -63.03 28.16
C PRO D 89 -0.50 -62.04 29.31
N LEU D 90 -0.33 -60.76 28.97
CA LEU D 90 -0.07 -59.73 29.95
C LEU D 90 -0.89 -58.48 29.64
N GLU D 91 -1.35 -57.81 30.71
CA GLU D 91 -2.12 -56.58 30.61
C GLU D 91 -1.55 -55.56 31.59
N LEU D 92 -1.43 -54.31 31.14
CA LEU D 92 -0.83 -53.25 31.93
C LEU D 92 -1.72 -52.02 31.94
N ILE D 93 -1.54 -51.19 32.96
CA ILE D 93 -2.27 -49.94 33.13
C ILE D 93 -1.42 -48.82 32.55
N PRO D 94 -1.97 -47.92 31.74
CA PRO D 94 -1.16 -46.97 30.98
C PRO D 94 -0.84 -45.70 31.77
N PHE D 95 -0.16 -44.78 31.08
CA PHE D 95 0.15 -43.47 31.63
C PHE D 95 -1.13 -42.65 31.79
N PRO D 96 -1.09 -41.59 32.60
CA PRO D 96 -2.28 -40.74 32.74
C PRO D 96 -2.42 -39.80 31.55
N ASN D 97 -3.45 -40.07 30.73
CA ASN D 97 -3.82 -39.22 29.59
C ASN D 97 -2.84 -39.34 28.43
N SER D 98 -1.76 -40.12 28.61
CA SER D 98 -0.77 -40.29 27.56
C SER D 98 -0.82 -41.71 27.05
N ASN D 99 -1.27 -41.89 25.80
CA ASN D 99 -1.38 -43.22 25.21
C ASN D 99 -0.04 -43.76 24.70
N VAL D 100 0.94 -43.89 25.59
CA VAL D 100 2.25 -44.44 25.25
C VAL D 100 2.57 -45.54 26.24
N LEU D 101 2.96 -46.71 25.73
CA LEU D 101 3.32 -47.86 26.55
C LEU D 101 4.67 -48.40 26.10
N HIS D 102 5.26 -49.24 26.95
CA HIS D 102 6.56 -49.83 26.66
C HIS D 102 6.62 -51.22 27.27
N PHE D 103 7.30 -52.12 26.57
CA PHE D 103 7.44 -53.50 27.02
C PHE D 103 8.27 -53.58 28.29
N GLN D 125 -1.44 -63.58 17.10
CA GLN D 125 -0.57 -62.43 16.87
C GLN D 125 -0.78 -61.39 17.95
N LEU D 126 -0.34 -60.15 17.69
CA LEU D 126 -0.43 -59.08 18.67
C LEU D 126 -1.72 -58.28 18.49
N MET D 127 -2.82 -58.90 18.90
CA MET D 127 -4.10 -58.21 18.98
C MET D 127 -4.32 -57.71 20.40
N ALA D 128 -4.63 -56.43 20.53
CA ALA D 128 -4.79 -55.79 21.83
C ALA D 128 -6.14 -55.09 21.90
N THR D 129 -6.75 -55.16 23.08
CA THR D 129 -8.07 -54.58 23.29
C THR D 129 -8.13 -53.95 24.66
N TYR D 130 -9.07 -53.01 24.83
CA TYR D 130 -9.25 -52.30 26.09
C TYR D 130 -10.52 -51.50 26.03
N VAL D 131 -10.81 -50.80 27.13
CA VAL D 131 -12.04 -50.04 27.30
C VAL D 131 -11.69 -48.59 27.58
N ALA D 132 -12.57 -47.68 27.18
CA ALA D 132 -12.40 -46.26 27.43
C ALA D 132 -13.77 -45.60 27.54
N GLY D 133 -13.80 -44.45 28.18
CA GLY D 133 -15.02 -43.71 28.38
C GLY D 133 -14.96 -42.89 29.64
N ARG D 134 -16.13 -42.51 30.14
CA ARG D 134 -16.26 -41.64 31.31
C ARG D 134 -17.17 -42.29 32.34
N ARG D 135 -17.03 -41.86 33.59
CA ARG D 135 -17.80 -42.46 34.68
C ARG D 135 -19.29 -42.12 34.56
N CYS D 136 -19.60 -40.83 34.35
CA CYS D 136 -20.98 -40.40 34.40
C CYS D 136 -21.12 -39.07 33.66
N GLU D 137 -22.36 -38.60 33.57
CA GLU D 137 -22.66 -37.35 32.88
C GLU D 137 -22.12 -36.13 33.61
N SER D 138 -21.83 -36.26 34.91
CA SER D 138 -21.38 -35.11 35.71
C SER D 138 -19.89 -34.84 35.61
N SER D 139 -19.13 -35.72 34.97
CA SER D 139 -17.68 -35.56 34.90
C SER D 139 -17.23 -34.70 33.73
N VAL D 140 -18.15 -34.26 32.86
CA VAL D 140 -17.78 -33.46 31.69
C VAL D 140 -17.28 -32.09 32.15
N PRO D 141 -16.07 -31.66 31.75
CA PRO D 141 -15.61 -30.33 32.14
C PRO D 141 -16.50 -29.24 31.56
N ALA D 142 -16.59 -28.13 32.29
CA ALA D 142 -17.49 -27.05 31.88
C ALA D 142 -17.08 -26.43 30.56
N GLY D 143 -15.78 -26.40 30.25
CA GLY D 143 -15.34 -25.79 29.02
C GLY D 143 -15.96 -26.40 27.78
N ILE D 144 -16.14 -27.72 27.79
CA ILE D 144 -16.79 -28.38 26.67
C ILE D 144 -18.21 -27.85 26.49
N ILE D 145 -18.93 -27.70 27.59
CA ILE D 145 -20.30 -27.19 27.51
C ILE D 145 -20.30 -25.75 27.01
N MET D 146 -19.34 -24.94 27.48
CA MET D 146 -19.28 -23.56 27.03
C MET D 146 -19.02 -23.46 25.53
N GLY D 147 -18.12 -24.31 25.01
CA GLY D 147 -17.89 -24.32 23.57
C GLY D 147 -19.09 -24.81 22.79
N VAL D 148 -19.74 -25.85 23.28
CA VAL D 148 -20.92 -26.38 22.60
C VAL D 148 -22.00 -25.31 22.51
N LEU D 149 -22.19 -24.55 23.58
CA LEU D 149 -23.20 -23.49 23.57
C LEU D 149 -22.89 -22.44 22.52
N LYS D 150 -21.62 -22.03 22.41
CA LYS D 150 -21.24 -21.07 21.39
C LYS D 150 -21.51 -21.62 19.99
N LEU D 151 -21.14 -22.88 19.75
CA LEU D 151 -21.38 -23.44 18.43
C LEU D 151 -22.87 -23.53 18.12
N ILE D 152 -23.67 -23.88 19.12
CA ILE D 152 -25.12 -23.94 18.91
C ILE D 152 -25.67 -22.57 18.55
N ALA D 153 -25.23 -21.53 19.27
CA ALA D 153 -25.70 -20.18 18.97
C ALA D 153 -25.31 -19.79 17.55
N TRP D 154 -24.07 -20.10 17.15
CA TRP D 154 -23.63 -19.77 15.80
C TRP D 154 -24.48 -20.47 14.76
N ASN D 155 -24.77 -21.75 14.96
CA ASN D 155 -25.60 -22.47 14.01
C ASN D 155 -27.01 -21.90 13.95
N ILE D 156 -27.55 -21.47 15.09
CA ILE D 156 -28.88 -20.86 15.10
C ILE D 156 -28.88 -19.57 14.29
N ASN D 157 -27.85 -18.74 14.47
CA ASN D 157 -27.86 -17.43 13.83
C ASN D 157 -27.74 -17.52 12.32
N ASN D 158 -26.90 -18.42 11.82
CA ASN D 158 -26.55 -18.48 10.39
C ASN D 158 -27.12 -19.75 9.77
N PRO D 159 -28.27 -19.68 9.09
CA PRO D 159 -28.78 -20.88 8.40
C PRO D 159 -28.00 -21.26 7.16
N GLY D 160 -27.22 -20.34 6.59
CA GLY D 160 -26.40 -20.66 5.43
C GLY D 160 -26.57 -19.73 4.25
N ASP D 161 -27.31 -18.64 4.43
CA ASP D 161 -27.56 -17.73 3.31
C ASP D 161 -26.45 -16.69 3.18
N GLU D 162 -26.23 -15.91 4.23
CA GLU D 162 -25.22 -14.86 4.17
C GLU D 162 -23.82 -15.46 4.35
N ILE D 163 -22.82 -14.74 3.84
CA ILE D 163 -21.45 -15.21 3.93
C ILE D 163 -20.79 -14.75 5.24
N MET D 164 -21.27 -13.65 5.81
CA MET D 164 -20.69 -13.11 7.03
C MET D 164 -20.82 -14.10 8.18
N ASN D 182 -13.26 -19.45 6.10
CA ASN D 182 -14.60 -19.23 6.63
C ASN D 182 -15.26 -20.58 6.96
N ASN D 183 -14.94 -21.09 8.16
CA ASN D 183 -15.51 -22.33 8.67
C ASN D 183 -16.34 -22.00 9.90
N GLY D 184 -17.53 -22.59 10.01
CA GLY D 184 -18.45 -22.24 11.07
C GLY D 184 -18.02 -22.71 12.45
N ALA D 185 -17.19 -23.75 12.52
CA ALA D 185 -16.81 -24.28 13.83
C ALA D 185 -15.67 -23.51 14.48
N VAL D 186 -14.99 -22.63 13.73
CA VAL D 186 -13.84 -21.89 14.23
C VAL D 186 -14.20 -20.45 14.57
N VAL D 187 -14.81 -19.73 13.62
CA VAL D 187 -15.16 -18.33 13.86
C VAL D 187 -16.08 -18.21 15.07
N SER D 188 -16.89 -19.23 15.33
CA SER D 188 -17.77 -19.20 16.49
C SER D 188 -17.02 -19.19 17.81
N GLY D 189 -15.76 -19.60 17.82
CA GLY D 189 -14.96 -19.58 19.02
C GLY D 189 -15.04 -20.83 19.88
N ALA D 190 -15.93 -21.76 19.56
CA ALA D 190 -16.02 -22.99 20.34
C ALA D 190 -14.74 -23.79 20.25
N GLN D 191 -14.15 -23.87 19.05
CA GLN D 191 -12.93 -24.64 18.87
C GLN D 191 -11.80 -24.09 19.74
N ASP D 192 -11.75 -22.77 19.91
CA ASP D 192 -10.76 -22.19 20.81
C ASP D 192 -11.00 -22.62 22.25
N GLU D 193 -12.24 -22.68 22.70
CA GLU D 193 -12.54 -23.16 24.04
C GLU D 193 -12.11 -24.61 24.21
N TRP D 194 -12.37 -25.46 23.21
CA TRP D 194 -11.99 -26.86 23.31
C TRP D 194 -10.49 -27.07 23.18
N PHE D 195 -9.75 -26.07 22.67
CA PHE D 195 -8.35 -26.28 22.37
C PHE D 195 -7.53 -26.60 23.62
N ARG D 196 -7.97 -26.13 24.78
CA ARG D 196 -7.15 -26.27 25.98
C ARG D 196 -6.88 -27.73 26.34
N TYR D 197 -7.69 -28.65 25.82
CA TYR D 197 -7.58 -30.05 26.20
C TYR D 197 -6.84 -30.91 25.17
N ARG D 198 -6.44 -30.34 24.03
CA ARG D 198 -5.92 -31.20 22.96
C ARG D 198 -4.41 -31.43 23.10
N ARG D 199 -3.73 -30.67 23.96
CA ARG D 199 -2.40 -31.01 24.44
C ARG D 199 -1.40 -31.32 23.32
N VAL D 200 -0.98 -30.30 22.57
CA VAL D 200 -0.06 -30.50 21.46
C VAL D 200 1.22 -31.16 21.95
N ILE D 201 1.89 -31.85 21.03
CA ILE D 201 3.07 -32.65 21.39
C ILE D 201 4.23 -31.74 21.71
N LEU D 202 4.99 -32.10 22.74
CA LEU D 202 6.21 -31.38 23.09
C LEU D 202 7.44 -32.17 22.67
N MET E 1 -27.03 -10.16 -47.68
CA MET E 1 -26.54 -11.58 -47.55
C MET E 1 -27.52 -12.40 -46.73
N ASN E 2 -27.15 -13.65 -46.46
CA ASN E 2 -28.01 -14.60 -45.78
C ASN E 2 -28.01 -14.43 -44.26
N TYR E 3 -27.48 -13.31 -43.74
CA TYR E 3 -27.50 -13.10 -42.30
C TYR E 3 -28.91 -13.06 -41.74
N GLU E 4 -29.91 -12.72 -42.56
CA GLU E 4 -31.28 -12.66 -42.06
C GLU E 4 -31.76 -14.01 -41.57
N THR E 5 -31.49 -15.07 -42.34
CA THR E 5 -31.95 -16.40 -41.93
C THR E 5 -31.20 -16.89 -40.69
N LEU E 6 -29.95 -16.46 -40.50
CA LEU E 6 -29.17 -16.93 -39.36
C LEU E 6 -29.68 -16.34 -38.05
N LEU E 7 -30.08 -15.07 -38.06
CA LEU E 7 -30.47 -14.36 -36.84
C LEU E 7 -31.49 -13.30 -37.18
N PRO E 8 -32.77 -13.64 -37.15
CA PRO E 8 -33.81 -12.65 -37.50
C PRO E 8 -33.77 -11.44 -36.58
N LEU E 9 -34.10 -10.28 -37.15
CA LEU E 9 -34.08 -9.04 -36.38
C LEU E 9 -35.01 -9.12 -35.17
N GLN E 10 -36.11 -9.88 -35.30
CA GLN E 10 -37.06 -9.97 -34.20
C GLN E 10 -36.39 -10.51 -32.94
N THR E 11 -35.57 -11.55 -33.09
CA THR E 11 -34.89 -12.13 -31.92
C THR E 11 -33.95 -11.11 -31.29
N ILE E 12 -33.19 -10.37 -32.11
CA ILE E 12 -32.26 -9.39 -31.58
C ILE E 12 -33.01 -8.32 -30.81
N ARG E 13 -34.11 -7.81 -31.38
CA ARG E 13 -34.90 -6.80 -30.68
C ARG E 13 -35.47 -7.34 -29.38
N GLU E 14 -35.94 -8.60 -29.39
CA GLU E 14 -36.48 -9.18 -28.17
C GLU E 14 -35.40 -9.27 -27.09
N HIS E 15 -34.19 -9.72 -27.48
CA HIS E 15 -33.12 -9.83 -26.50
C HIS E 15 -32.74 -8.46 -25.94
N ALA E 16 -32.66 -7.45 -26.80
CA ALA E 16 -32.24 -6.12 -26.38
C ALA E 16 -33.38 -5.28 -25.81
N LYS E 17 -34.60 -5.78 -25.79
CA LYS E 17 -35.74 -5.08 -25.22
C LYS E 17 -35.85 -3.66 -25.81
N CYS E 18 -35.83 -3.59 -27.14
CA CYS E 18 -35.91 -2.30 -27.81
C CYS E 18 -36.86 -2.33 -29.01
N ASP E 19 -37.84 -3.24 -29.02
CA ASP E 19 -38.76 -3.33 -30.14
C ASP E 19 -39.57 -2.05 -30.30
N ASP E 20 -40.05 -1.47 -29.19
CA ASP E 20 -40.87 -0.27 -29.22
C ASP E 20 -40.04 1.01 -29.27
N ASN E 21 -38.77 0.91 -29.66
CA ASN E 21 -37.89 2.06 -29.69
C ASN E 21 -37.73 2.58 -31.11
N PRO E 22 -38.20 3.78 -31.44
CA PRO E 22 -37.95 4.34 -32.77
C PRO E 22 -36.59 4.98 -32.93
N ARG E 23 -35.75 4.93 -31.89
CA ARG E 23 -34.46 5.62 -31.90
C ARG E 23 -33.35 4.77 -32.49
N VAL E 24 -33.66 3.56 -32.96
CA VAL E 24 -32.68 2.70 -33.62
C VAL E 24 -33.32 2.06 -34.84
N THR E 25 -33.02 2.58 -36.02
CA THR E 25 -33.64 2.10 -37.24
C THR E 25 -33.13 0.71 -37.60
N ASP E 26 -33.64 0.17 -38.71
CA ASP E 26 -33.26 -1.16 -39.16
C ASP E 26 -31.87 -1.20 -39.77
N THR E 27 -31.49 -0.16 -40.52
CA THR E 27 -30.19 -0.18 -41.18
C THR E 27 -29.05 -0.25 -40.18
N LEU E 28 -29.15 0.52 -39.09
CA LEU E 28 -28.10 0.51 -38.08
C LEU E 28 -27.99 -0.85 -37.41
N LEU E 29 -29.13 -1.48 -37.13
CA LEU E 29 -29.10 -2.82 -36.55
C LEU E 29 -28.51 -3.83 -37.51
N SER E 30 -28.80 -3.71 -38.80
CA SER E 30 -28.17 -4.58 -39.79
C SER E 30 -26.66 -4.39 -39.80
N LEU E 31 -26.21 -3.14 -39.70
CA LEU E 31 -24.76 -2.88 -39.62
C LEU E 31 -24.17 -3.54 -38.40
N TYR E 32 -24.84 -3.42 -37.25
CA TYR E 32 -24.37 -4.09 -36.04
C TYR E 32 -24.26 -5.60 -36.25
N ARG E 33 -25.29 -6.19 -36.85
CA ARG E 33 -25.28 -7.63 -37.08
C ARG E 33 -24.11 -8.04 -37.97
N GLU E 34 -23.90 -7.30 -39.06
CA GLU E 34 -22.81 -7.63 -39.97
C GLU E 34 -21.46 -7.52 -39.26
N ALA E 35 -21.27 -6.46 -38.48
CA ALA E 35 -20.02 -6.30 -37.75
C ALA E 35 -19.83 -7.43 -36.74
N ALA E 36 -20.91 -7.82 -36.07
CA ALA E 36 -20.81 -8.89 -35.08
C ALA E 36 -20.38 -10.20 -35.72
N PHE E 37 -21.03 -10.59 -36.81
CA PHE E 37 -20.63 -11.82 -37.48
C PHE E 37 -19.22 -11.72 -38.04
N GLU E 38 -18.83 -10.55 -38.56
CA GLU E 38 -17.46 -10.39 -39.05
C GLU E 38 -16.45 -10.61 -37.93
N ALA E 39 -16.68 -9.99 -36.77
CA ALA E 39 -15.77 -10.15 -35.65
C ALA E 39 -15.73 -11.59 -35.17
N ALA E 40 -16.88 -12.25 -35.13
CA ALA E 40 -16.92 -13.64 -34.71
C ALA E 40 -16.12 -14.52 -35.66
N GLU E 41 -16.30 -14.32 -36.97
CA GLU E 41 -15.54 -15.10 -37.95
C GLU E 41 -14.04 -14.87 -37.78
N LEU E 42 -13.64 -13.61 -37.59
CA LEU E 42 -12.21 -13.34 -37.39
C LEU E 42 -11.68 -14.02 -36.15
N TYR E 43 -12.41 -13.94 -35.03
CA TYR E 43 -11.89 -14.47 -33.77
C TYR E 43 -11.84 -15.99 -33.78
N THR E 44 -12.93 -16.65 -34.17
CA THR E 44 -12.97 -18.11 -34.06
C THR E 44 -12.42 -18.80 -35.30
N GLY E 45 -12.32 -18.10 -36.42
CA GLY E 45 -11.74 -18.68 -37.61
C GLY E 45 -12.63 -19.65 -38.35
N MET E 46 -13.91 -19.74 -37.99
CA MET E 46 -14.84 -20.66 -38.66
C MET E 46 -15.44 -19.92 -39.86
N SER E 47 -14.99 -20.28 -41.06
CA SER E 47 -15.55 -19.68 -42.26
C SER E 47 -17.05 -19.98 -42.33
N PHE E 48 -17.82 -18.96 -42.71
CA PHE E 48 -19.27 -19.07 -42.73
C PHE E 48 -19.74 -19.67 -44.05
N THR E 49 -21.04 -19.59 -44.31
CA THR E 49 -21.71 -20.36 -45.37
C THR E 49 -21.12 -20.17 -46.77
N PRO E 50 -20.82 -18.94 -47.22
CA PRO E 50 -20.44 -18.80 -48.64
C PRO E 50 -19.16 -19.56 -48.97
N GLN E 51 -19.29 -20.61 -49.78
CA GLN E 51 -18.14 -21.40 -50.18
C GLN E 51 -17.30 -20.63 -51.21
N LYS E 52 -15.99 -20.84 -51.17
CA LYS E 52 -15.06 -20.14 -52.05
C LYS E 52 -13.94 -21.09 -52.43
N THR E 53 -13.59 -21.10 -53.72
CA THR E 53 -12.42 -21.82 -54.18
C THR E 53 -11.20 -20.93 -54.04
N ILE E 54 -10.10 -21.50 -53.56
CA ILE E 54 -8.91 -20.74 -53.21
C ILE E 54 -7.75 -21.21 -54.07
N VAL E 55 -7.06 -20.27 -54.70
CA VAL E 55 -5.80 -20.53 -55.39
C VAL E 55 -4.79 -19.50 -54.92
N GLU E 56 -3.73 -19.95 -54.28
CA GLU E 56 -2.76 -19.06 -53.67
C GLU E 56 -1.35 -19.59 -53.90
N PRO E 57 -0.34 -18.72 -53.91
CA PRO E 57 1.03 -19.19 -54.06
C PRO E 57 1.54 -19.84 -52.78
N VAL E 58 2.63 -20.59 -52.92
CA VAL E 58 3.26 -21.28 -51.80
C VAL E 58 4.77 -21.25 -51.98
N ARG E 59 5.47 -21.24 -50.84
CA ARG E 59 6.93 -21.38 -50.79
C ARG E 59 7.29 -22.54 -49.88
N ILE E 60 8.29 -23.31 -50.28
CA ILE E 60 8.72 -24.45 -49.48
C ILE E 60 9.25 -23.93 -48.14
N LYS E 61 8.62 -24.35 -47.05
CA LYS E 61 8.98 -23.82 -45.74
C LYS E 61 10.37 -24.26 -45.32
N ASN E 62 10.69 -25.54 -45.48
CA ASN E 62 11.94 -26.07 -44.98
C ASN E 62 12.45 -27.16 -45.93
N ARG E 63 13.62 -27.70 -45.60
CA ARG E 63 14.20 -28.78 -46.39
C ARG E 63 13.37 -30.06 -46.31
N LYS E 64 12.45 -30.17 -45.37
CA LYS E 64 11.64 -31.36 -45.21
C LYS E 64 10.44 -31.40 -46.15
N GLY E 65 10.23 -30.35 -46.94
CA GLY E 65 9.14 -30.32 -47.90
C GLY E 65 7.83 -29.76 -47.39
N LYS E 66 7.83 -29.13 -46.22
CA LYS E 66 6.61 -28.63 -45.63
C LYS E 66 6.14 -27.37 -46.34
N ILE E 67 4.82 -27.24 -46.49
CA ILE E 67 4.20 -26.06 -47.07
C ILE E 67 2.88 -25.82 -46.35
N VAL E 68 2.58 -24.54 -46.09
CA VAL E 68 1.41 -24.13 -45.34
C VAL E 68 0.60 -23.17 -46.19
N LEU E 69 -0.72 -23.39 -46.23
CA LEU E 69 -1.64 -22.53 -46.97
C LEU E 69 -2.28 -21.52 -46.02
N SER E 70 -3.19 -20.71 -46.57
CA SER E 70 -3.60 -19.50 -45.88
C SER E 70 -4.84 -19.71 -45.02
N GLN E 71 -5.85 -20.43 -45.52
CA GLN E 71 -7.12 -20.55 -44.82
C GLN E 71 -7.43 -22.00 -44.52
N VAL E 72 -8.39 -22.20 -43.62
CA VAL E 72 -8.77 -23.53 -43.16
C VAL E 72 -9.44 -24.29 -44.29
N PRO E 73 -9.28 -25.61 -44.38
CA PRO E 73 -9.95 -26.36 -45.46
C PRO E 73 -11.27 -26.96 -45.02
N ILE E 74 -12.23 -26.93 -45.95
CA ILE E 74 -13.44 -27.75 -45.87
C ILE E 74 -13.04 -29.13 -46.38
N ALA E 75 -13.95 -30.11 -46.30
CA ALA E 75 -13.62 -31.48 -46.67
C ALA E 75 -12.73 -31.57 -47.90
N GLY E 76 -12.84 -30.63 -48.84
CA GLY E 76 -11.76 -30.38 -49.78
C GLY E 76 -11.83 -31.07 -51.11
N ARG E 77 -11.89 -30.28 -52.18
CA ARG E 77 -11.69 -30.80 -53.52
C ARG E 77 -10.19 -30.99 -53.76
N PRO E 78 -9.80 -31.97 -54.60
CA PRO E 78 -8.35 -32.20 -54.83
C PRO E 78 -7.59 -30.93 -55.19
N VAL E 79 -6.27 -30.98 -55.00
CA VAL E 79 -5.40 -29.82 -55.21
C VAL E 79 -4.54 -30.06 -56.45
N VAL E 80 -4.42 -29.03 -57.28
CA VAL E 80 -3.59 -29.08 -58.49
C VAL E 80 -2.44 -28.10 -58.31
N PHE E 81 -1.23 -28.58 -58.56
CA PHE E 81 -0.02 -27.77 -58.41
C PHE E 81 0.54 -27.44 -59.78
N THR E 82 0.93 -26.18 -59.97
CA THR E 82 1.48 -25.71 -61.23
C THR E 82 2.72 -24.88 -60.97
N GLY E 83 3.43 -24.56 -62.03
CA GLY E 83 4.65 -23.77 -61.93
C GLY E 83 5.86 -24.62 -61.60
N GLY E 84 6.97 -23.94 -61.36
CA GLY E 84 8.20 -24.64 -61.02
C GLY E 84 8.64 -25.55 -62.15
N GLY E 85 8.99 -26.79 -61.80
CA GLY E 85 9.49 -27.77 -62.74
C GLY E 85 8.46 -28.74 -63.27
N LEU E 86 7.18 -28.44 -63.12
CA LEU E 86 6.11 -29.31 -63.59
C LEU E 86 5.54 -28.76 -64.89
N GLY E 87 5.57 -29.59 -65.95
CA GLY E 87 5.06 -29.16 -67.24
C GLY E 87 3.55 -29.08 -67.33
N SER E 88 2.84 -29.84 -66.50
CA SER E 88 1.39 -29.83 -66.48
C SER E 88 0.93 -29.79 -65.03
N PRO E 89 -0.29 -29.31 -64.77
CA PRO E 89 -0.77 -29.25 -63.38
C PRO E 89 -0.57 -30.56 -62.64
N LEU E 90 0.19 -30.52 -61.56
CA LEU E 90 0.48 -31.70 -60.74
C LEU E 90 -0.66 -31.87 -59.74
N GLU E 91 -1.51 -32.87 -59.97
CA GLU E 91 -2.65 -33.11 -59.12
C GLU E 91 -2.24 -33.88 -57.87
N LEU E 92 -2.83 -33.50 -56.73
CA LEU E 92 -2.62 -34.20 -55.47
C LEU E 92 -3.85 -34.04 -54.61
N ILE E 93 -3.95 -34.86 -53.57
CA ILE E 93 -5.11 -34.94 -52.70
C ILE E 93 -4.75 -34.34 -51.35
N PRO E 94 -5.41 -33.27 -50.91
CA PRO E 94 -5.13 -32.73 -49.57
C PRO E 94 -5.98 -33.41 -48.51
N PHE E 95 -5.72 -33.04 -47.26
CA PHE E 95 -6.45 -33.58 -46.12
C PHE E 95 -6.94 -32.42 -45.26
N PRO E 96 -8.11 -32.59 -44.60
CA PRO E 96 -8.66 -31.47 -43.82
C PRO E 96 -8.11 -31.37 -42.41
N ASN E 97 -8.62 -30.39 -41.65
CA ASN E 97 -8.37 -30.26 -40.22
C ASN E 97 -6.98 -29.72 -39.93
N SER E 98 -6.21 -29.40 -40.97
CA SER E 98 -4.89 -28.81 -40.78
C SER E 98 -4.51 -28.04 -42.03
N ASN E 99 -3.75 -26.96 -41.84
CA ASN E 99 -3.37 -26.08 -42.93
C ASN E 99 -1.96 -26.38 -43.41
N VAL E 100 -1.56 -27.65 -43.36
CA VAL E 100 -0.19 -28.05 -43.66
C VAL E 100 -0.21 -28.98 -44.86
N LEU E 101 0.67 -28.71 -45.82
CA LEU E 101 0.91 -29.58 -46.97
C LEU E 101 2.31 -30.18 -46.84
N HIS E 102 2.39 -31.51 -46.85
CA HIS E 102 3.67 -32.20 -46.67
C HIS E 102 3.56 -33.56 -47.34
N PHE E 103 4.37 -33.79 -48.36
CA PHE E 103 4.34 -35.06 -49.09
C PHE E 103 4.61 -36.22 -48.14
N GLN E 125 5.49 -18.92 -59.50
CA GLN E 125 6.05 -19.92 -58.60
C GLN E 125 5.02 -21.01 -58.29
N LEU E 126 5.38 -21.95 -57.42
CA LEU E 126 4.53 -23.09 -57.15
C LEU E 126 3.15 -22.63 -56.67
N MET E 127 2.11 -23.32 -57.13
CA MET E 127 0.73 -22.97 -56.83
C MET E 127 0.04 -24.12 -56.11
N ALA E 128 -0.94 -23.77 -55.28
CA ALA E 128 -1.76 -24.74 -54.57
C ALA E 128 -3.19 -24.20 -54.50
N THR E 129 -4.13 -25.08 -54.19
CA THR E 129 -5.54 -24.71 -54.20
C THR E 129 -6.35 -25.66 -53.34
N TYR E 130 -7.50 -25.18 -52.88
CA TYR E 130 -8.48 -25.97 -52.16
C TYR E 130 -9.76 -25.16 -52.07
N VAL E 131 -10.73 -25.65 -51.30
CA VAL E 131 -12.02 -25.00 -51.15
C VAL E 131 -12.36 -24.91 -49.66
N ALA E 132 -13.14 -23.88 -49.31
CA ALA E 132 -13.53 -23.67 -47.92
C ALA E 132 -14.90 -23.01 -47.89
N GLY E 133 -15.60 -23.18 -46.76
CA GLY E 133 -16.93 -22.65 -46.56
C GLY E 133 -17.76 -23.60 -45.73
N ARG E 134 -19.07 -23.39 -45.76
CA ARG E 134 -20.01 -24.25 -45.06
C ARG E 134 -21.29 -24.36 -45.88
N ARG E 135 -21.78 -25.60 -46.05
CA ARG E 135 -22.87 -25.82 -46.99
C ARG E 135 -24.18 -25.22 -46.49
N CYS E 136 -24.46 -25.30 -45.19
CA CYS E 136 -25.75 -24.93 -44.66
C CYS E 136 -25.60 -24.07 -43.42
N GLU E 137 -26.65 -23.30 -43.13
CA GLU E 137 -26.64 -22.39 -41.97
C GLU E 137 -26.85 -23.13 -40.66
N SER E 138 -27.59 -24.23 -40.68
CA SER E 138 -28.11 -24.84 -39.46
C SER E 138 -27.03 -25.21 -38.46
N SER E 139 -25.79 -25.42 -38.89
CA SER E 139 -24.76 -25.92 -38.00
C SER E 139 -24.11 -24.83 -37.16
N VAL E 140 -24.50 -23.57 -37.31
CA VAL E 140 -23.97 -22.49 -36.49
C VAL E 140 -24.27 -22.84 -35.03
N PRO E 141 -23.24 -23.11 -34.21
CA PRO E 141 -23.53 -23.51 -32.82
C PRO E 141 -24.18 -22.38 -32.03
N ALA E 142 -24.92 -22.76 -31.00
CA ALA E 142 -25.66 -21.78 -30.22
C ALA E 142 -24.74 -20.77 -29.55
N GLY E 143 -23.53 -21.19 -29.18
CA GLY E 143 -22.60 -20.28 -28.53
C GLY E 143 -22.29 -19.07 -29.37
N ILE E 144 -22.11 -19.25 -30.67
CA ILE E 144 -21.82 -18.11 -31.54
C ILE E 144 -22.99 -17.14 -31.54
N ILE E 145 -24.21 -17.66 -31.60
CA ILE E 145 -25.38 -16.81 -31.60
C ILE E 145 -25.47 -16.04 -30.29
N MET E 146 -25.21 -16.70 -29.17
CA MET E 146 -25.27 -16.03 -27.88
C MET E 146 -24.23 -14.92 -27.80
N GLY E 147 -23.01 -15.20 -28.25
CA GLY E 147 -21.97 -14.17 -28.24
C GLY E 147 -22.34 -12.99 -29.12
N VAL E 148 -22.87 -13.26 -30.31
CA VAL E 148 -23.28 -12.18 -31.21
C VAL E 148 -24.38 -11.35 -30.57
N LEU E 149 -25.33 -12.01 -29.91
CA LEU E 149 -26.40 -11.28 -29.24
C LEU E 149 -25.83 -10.37 -28.16
N LYS E 150 -24.91 -10.88 -27.35
CA LYS E 150 -24.32 -10.05 -26.30
C LYS E 150 -23.56 -8.87 -26.90
N LEU E 151 -22.79 -9.11 -27.96
CA LEU E 151 -22.03 -8.02 -28.56
C LEU E 151 -22.94 -6.95 -29.14
N ILE E 152 -24.02 -7.36 -29.81
CA ILE E 152 -24.96 -6.40 -30.38
C ILE E 152 -25.65 -5.62 -29.26
N ALA E 153 -26.01 -6.31 -28.17
CA ALA E 153 -26.62 -5.61 -27.04
C ALA E 153 -25.66 -4.58 -26.47
N TRP E 154 -24.38 -4.91 -26.33
CA TRP E 154 -23.41 -3.94 -25.86
C TRP E 154 -23.32 -2.75 -26.80
N ASN E 155 -23.23 -3.02 -28.10
CA ASN E 155 -23.05 -1.94 -29.07
C ASN E 155 -24.26 -1.02 -29.13
N ILE E 156 -25.46 -1.56 -28.90
CA ILE E 156 -26.66 -0.73 -28.98
C ILE E 156 -26.63 0.36 -27.91
N ASN E 157 -26.24 0.01 -26.68
CA ASN E 157 -26.34 0.93 -25.55
C ASN E 157 -25.17 1.91 -25.48
N ASN E 158 -23.94 1.42 -25.57
CA ASN E 158 -22.76 2.24 -25.31
C ASN E 158 -22.15 2.70 -26.63
N PRO E 159 -22.23 3.99 -26.98
CA PRO E 159 -21.60 4.46 -28.22
C PRO E 159 -20.09 4.59 -28.15
N GLY E 160 -19.50 4.55 -26.96
CA GLY E 160 -18.07 4.63 -26.81
C GLY E 160 -17.54 6.02 -26.54
N ASP E 161 -18.15 6.79 -25.64
CA ASP E 161 -17.69 8.14 -25.31
C ASP E 161 -17.68 8.39 -23.80
N GLU E 162 -17.61 7.33 -23.00
CA GLU E 162 -17.54 7.45 -21.56
C GLU E 162 -16.70 6.31 -21.00
N ILE E 163 -16.22 6.47 -19.78
CA ILE E 163 -15.33 5.49 -19.16
C ILE E 163 -15.75 5.28 -17.72
N MET E 164 -15.92 4.02 -17.32
CA MET E 164 -16.15 3.66 -15.92
C MET E 164 -16.16 2.13 -15.77
N ASN E 182 -14.09 0.29 -22.88
CA ASN E 182 -14.88 0.49 -24.09
C ASN E 182 -14.55 -0.58 -25.15
N ASN E 183 -13.76 -1.57 -24.76
CA ASN E 183 -13.44 -2.69 -25.64
C ASN E 183 -14.62 -3.65 -25.59
N GLY E 184 -15.59 -3.40 -26.47
CA GLY E 184 -16.85 -4.13 -26.40
C GLY E 184 -16.67 -5.63 -26.51
N ALA E 185 -15.83 -6.07 -27.44
CA ALA E 185 -15.70 -7.50 -27.68
C ALA E 185 -15.26 -8.25 -26.44
N VAL E 186 -14.53 -7.59 -25.55
CA VAL E 186 -13.97 -8.25 -24.37
C VAL E 186 -14.85 -8.04 -23.13
N VAL E 187 -15.10 -6.79 -22.77
CA VAL E 187 -15.81 -6.52 -21.52
C VAL E 187 -17.26 -6.97 -21.55
N SER E 188 -17.91 -6.96 -22.72
CA SER E 188 -19.30 -7.38 -22.80
C SER E 188 -19.45 -8.88 -22.56
N GLY E 189 -18.37 -9.64 -22.61
CA GLY E 189 -18.42 -11.07 -22.37
C GLY E 189 -18.69 -11.91 -23.61
N ALA E 190 -18.92 -11.29 -24.76
CA ALA E 190 -19.20 -12.05 -25.97
C ALA E 190 -18.00 -12.89 -26.38
N GLN E 191 -16.80 -12.32 -26.29
CA GLN E 191 -15.62 -13.02 -26.79
C GLN E 191 -15.38 -14.31 -26.04
N ASP E 192 -15.50 -14.29 -24.71
CA ASP E 192 -15.22 -15.48 -23.92
C ASP E 192 -16.12 -16.65 -24.28
N GLU E 193 -17.34 -16.37 -24.74
CA GLU E 193 -18.23 -17.47 -25.15
C GLU E 193 -17.65 -18.23 -26.32
N TRP E 194 -17.05 -17.52 -27.28
CA TRP E 194 -16.50 -18.16 -28.46
C TRP E 194 -15.22 -18.94 -28.18
N PHE E 195 -14.56 -18.68 -27.05
CA PHE E 195 -13.27 -19.31 -26.78
C PHE E 195 -13.38 -20.83 -26.64
N ARG E 196 -14.59 -21.36 -26.43
CA ARG E 196 -14.76 -22.79 -26.30
C ARG E 196 -14.22 -23.55 -27.50
N TYR E 197 -14.25 -22.93 -28.68
CA TYR E 197 -13.96 -23.64 -29.92
C TYR E 197 -12.50 -23.55 -30.36
N ARG E 198 -11.71 -22.66 -29.77
CA ARG E 198 -10.31 -22.54 -30.18
C ARG E 198 -9.44 -23.60 -29.51
N ARG E 199 -9.35 -23.56 -28.18
CA ARG E 199 -8.49 -24.49 -27.44
C ARG E 199 -7.10 -24.51 -28.04
N VAL E 200 -6.40 -23.37 -27.98
CA VAL E 200 -5.11 -23.23 -28.63
C VAL E 200 -4.09 -24.19 -28.03
N ILE E 201 -3.12 -24.59 -28.84
CA ILE E 201 -1.93 -25.30 -28.38
C ILE E 201 -0.75 -24.34 -28.49
N LEU E 202 -0.04 -24.16 -27.38
CA LEU E 202 0.96 -23.10 -27.27
C LEU E 202 2.31 -23.52 -27.84
N MET F 1 -31.80 -32.40 -29.36
CA MET F 1 -32.45 -33.53 -28.62
C MET F 1 -33.51 -32.93 -27.70
N ASN F 2 -34.46 -33.76 -27.27
CA ASN F 2 -35.66 -33.29 -26.57
C ASN F 2 -35.27 -32.84 -25.15
N TYR F 3 -34.74 -31.62 -25.06
CA TYR F 3 -34.37 -31.06 -23.77
C TYR F 3 -35.59 -30.88 -22.87
N GLU F 4 -36.75 -30.59 -23.45
CA GLU F 4 -37.96 -30.44 -22.64
C GLU F 4 -38.23 -31.67 -21.79
N THR F 5 -37.84 -32.85 -22.26
CA THR F 5 -38.01 -34.06 -21.45
C THR F 5 -37.12 -34.02 -20.22
N LEU F 6 -35.97 -33.35 -20.31
CA LEU F 6 -35.00 -33.35 -19.23
C LEU F 6 -35.20 -32.20 -18.24
N LEU F 7 -35.72 -31.06 -18.71
CA LEU F 7 -35.80 -29.86 -17.88
C LEU F 7 -36.93 -28.99 -18.39
N PRO F 8 -38.08 -28.99 -17.68
CA PRO F 8 -39.18 -28.12 -18.09
C PRO F 8 -38.83 -26.65 -17.94
N LEU F 9 -39.47 -25.81 -18.75
CA LEU F 9 -39.28 -24.37 -18.62
C LEU F 9 -39.76 -23.88 -17.26
N GLN F 10 -40.85 -24.44 -16.74
CA GLN F 10 -41.34 -24.03 -15.44
C GLN F 10 -40.26 -24.17 -14.38
N THR F 11 -39.38 -25.17 -14.51
CA THR F 11 -38.28 -25.31 -13.56
C THR F 11 -37.37 -24.09 -13.62
N ILE F 12 -37.02 -23.63 -14.82
CA ILE F 12 -36.22 -22.41 -14.93
C ILE F 12 -36.95 -21.24 -14.31
N ARG F 13 -38.22 -21.06 -14.67
CA ARG F 13 -38.94 -19.89 -14.19
C ARG F 13 -39.07 -19.90 -12.67
N GLU F 14 -39.11 -21.09 -12.07
CA GLU F 14 -39.10 -21.18 -10.61
C GLU F 14 -37.73 -20.88 -10.03
N HIS F 15 -36.66 -21.37 -10.68
CA HIS F 15 -35.33 -21.22 -10.12
C HIS F 15 -34.86 -19.77 -10.17
N ALA F 16 -35.01 -19.11 -11.32
CA ALA F 16 -34.45 -17.79 -11.52
C ALA F 16 -35.36 -16.67 -11.03
N LYS F 17 -36.39 -16.98 -10.24
CA LYS F 17 -37.27 -15.96 -9.68
C LYS F 17 -37.85 -15.08 -10.77
N CYS F 18 -38.27 -15.69 -11.88
CA CYS F 18 -38.77 -14.96 -13.04
C CYS F 18 -40.12 -15.54 -13.48
N ASP F 19 -41.01 -15.72 -12.52
CA ASP F 19 -42.39 -16.10 -12.80
C ASP F 19 -43.31 -14.89 -12.92
N ASP F 20 -42.73 -13.73 -13.26
CA ASP F 20 -43.51 -12.53 -13.55
C ASP F 20 -42.96 -11.75 -14.73
N ASN F 21 -42.05 -12.31 -15.50
CA ASN F 21 -41.34 -11.54 -16.53
C ASN F 21 -42.28 -11.19 -17.66
N PRO F 22 -42.52 -9.91 -17.97
CA PRO F 22 -43.30 -9.54 -19.16
C PRO F 22 -42.46 -9.16 -20.38
N ARG F 23 -41.13 -9.34 -20.33
CA ARG F 23 -40.26 -9.00 -21.45
C ARG F 23 -39.49 -10.19 -21.99
N VAL F 24 -39.24 -11.22 -21.18
CA VAL F 24 -38.46 -12.39 -21.59
C VAL F 24 -39.45 -13.45 -22.06
N THR F 25 -39.62 -13.56 -23.37
CA THR F 25 -40.53 -14.54 -23.93
C THR F 25 -39.91 -15.93 -23.92
N ASP F 26 -40.74 -16.93 -24.21
CA ASP F 26 -40.29 -18.32 -24.15
C ASP F 26 -39.34 -18.68 -25.29
N THR F 27 -39.49 -18.05 -26.45
CA THR F 27 -38.63 -18.39 -27.58
C THR F 27 -37.17 -18.11 -27.26
N LEU F 28 -36.89 -16.99 -26.59
CA LEU F 28 -35.51 -16.66 -26.22
C LEU F 28 -35.00 -17.56 -25.11
N LEU F 29 -35.87 -17.92 -24.16
CA LEU F 29 -35.45 -18.80 -23.08
C LEU F 29 -35.10 -20.18 -23.60
N SER F 30 -35.83 -20.66 -24.61
CA SER F 30 -35.48 -21.94 -25.22
C SER F 30 -34.09 -21.89 -25.83
N LEU F 31 -33.75 -20.81 -26.52
CA LEU F 31 -32.41 -20.66 -27.06
C LEU F 31 -31.37 -20.63 -25.96
N TYR F 32 -31.67 -19.93 -24.85
CA TYR F 32 -30.74 -19.92 -23.73
C TYR F 32 -30.47 -21.32 -23.23
N ARG F 33 -31.52 -22.13 -23.04
CA ARG F 33 -31.35 -23.50 -22.57
C ARG F 33 -30.55 -24.31 -23.58
N GLU F 34 -30.84 -24.13 -24.87
CA GLU F 34 -30.13 -24.85 -25.91
C GLU F 34 -28.64 -24.55 -25.85
N ALA F 35 -28.27 -23.29 -25.67
CA ALA F 35 -26.86 -22.94 -25.57
C ALA F 35 -26.24 -23.48 -24.29
N ALA F 36 -26.96 -23.40 -23.17
CA ALA F 36 -26.39 -23.83 -21.90
C ALA F 36 -26.08 -25.32 -21.90
N PHE F 37 -27.00 -26.14 -22.39
CA PHE F 37 -26.74 -27.58 -22.42
C PHE F 37 -25.56 -27.91 -23.32
N GLU F 38 -25.45 -27.24 -24.47
CA GLU F 38 -24.31 -27.47 -25.34
C GLU F 38 -23.00 -27.09 -24.65
N ALA F 39 -22.99 -25.96 -23.93
CA ALA F 39 -21.79 -25.57 -23.21
C ALA F 39 -21.43 -26.60 -22.15
N ALA F 40 -22.43 -27.11 -21.43
CA ALA F 40 -22.16 -28.16 -20.45
C ALA F 40 -21.58 -29.40 -21.11
N GLU F 41 -22.12 -29.79 -22.26
CA GLU F 41 -21.60 -30.95 -22.99
C GLU F 41 -20.14 -30.72 -23.36
N LEU F 42 -19.82 -29.55 -23.89
CA LEU F 42 -18.43 -29.27 -24.24
C LEU F 42 -17.52 -29.33 -23.04
N TYR F 43 -17.93 -28.74 -21.91
CA TYR F 43 -17.04 -28.71 -20.75
C TYR F 43 -16.83 -30.10 -20.18
N THR F 44 -17.91 -30.83 -19.94
CA THR F 44 -17.79 -32.13 -19.27
C THR F 44 -17.22 -33.21 -20.19
N GLY F 45 -17.47 -33.10 -21.50
CA GLY F 45 -17.06 -34.12 -22.43
C GLY F 45 -18.04 -35.27 -22.59
N MET F 46 -19.16 -35.23 -21.87
CA MET F 46 -20.18 -36.28 -21.97
C MET F 46 -21.13 -35.95 -23.11
N SER F 47 -20.72 -36.34 -24.32
CA SER F 47 -21.50 -36.07 -25.52
C SER F 47 -22.93 -36.60 -25.35
N PHE F 48 -23.86 -35.98 -26.07
CA PHE F 48 -25.26 -36.31 -25.91
C PHE F 48 -25.71 -37.35 -26.94
N THR F 49 -26.99 -37.72 -26.85
CA THR F 49 -27.49 -38.92 -27.53
C THR F 49 -27.31 -38.89 -29.04
N PRO F 50 -27.63 -37.80 -29.76
CA PRO F 50 -27.61 -37.86 -31.23
C PRO F 50 -26.28 -38.38 -31.78
N GLN F 51 -26.33 -39.55 -32.42
CA GLN F 51 -25.11 -40.17 -32.92
C GLN F 51 -24.74 -39.62 -34.29
N LYS F 52 -23.43 -39.56 -34.55
CA LYS F 52 -22.91 -39.01 -35.80
C LYS F 52 -21.64 -39.76 -36.18
N THR F 53 -21.54 -40.12 -37.46
CA THR F 53 -20.37 -40.82 -37.98
C THR F 53 -19.30 -39.83 -38.40
N ILE F 54 -18.05 -40.29 -38.43
CA ILE F 54 -16.90 -39.46 -38.73
C ILE F 54 -15.93 -40.25 -39.59
N VAL F 55 -15.26 -39.55 -40.52
CA VAL F 55 -14.22 -40.13 -41.36
C VAL F 55 -13.08 -39.12 -41.46
N GLU F 56 -11.85 -39.59 -41.31
CA GLU F 56 -10.71 -38.70 -41.25
C GLU F 56 -9.44 -39.43 -41.66
N PRO F 57 -8.45 -38.74 -42.23
CA PRO F 57 -7.13 -39.33 -42.40
C PRO F 57 -6.29 -39.15 -41.14
N VAL F 58 -5.24 -39.96 -41.03
CA VAL F 58 -4.33 -39.92 -39.90
C VAL F 58 -2.90 -40.11 -40.40
N ARG F 59 -1.98 -39.34 -39.83
CA ARG F 59 -0.56 -39.47 -40.15
C ARG F 59 0.09 -40.51 -39.24
N ILE F 60 1.25 -41.00 -39.67
CA ILE F 60 1.99 -41.98 -38.90
C ILE F 60 2.62 -41.30 -37.69
N LYS F 61 2.35 -41.82 -36.49
CA LYS F 61 2.75 -41.14 -35.27
C LYS F 61 4.20 -41.41 -34.87
N ASN F 62 4.52 -42.66 -34.53
CA ASN F 62 5.83 -42.97 -33.98
C ASN F 62 6.01 -44.48 -33.90
N ARG F 63 7.13 -44.88 -33.29
CA ARG F 63 7.49 -46.30 -33.23
C ARG F 63 6.52 -47.10 -32.38
N LYS F 64 6.15 -46.59 -31.20
CA LYS F 64 5.36 -47.38 -30.26
C LYS F 64 3.93 -47.63 -30.75
N GLY F 65 3.48 -46.95 -31.79
CA GLY F 65 2.22 -47.27 -32.42
C GLY F 65 0.99 -46.67 -31.77
N LYS F 66 1.15 -45.71 -30.87
CA LYS F 66 -0.01 -45.03 -30.31
C LYS F 66 -0.54 -44.03 -31.32
N ILE F 67 -1.85 -44.09 -31.60
CA ILE F 67 -2.49 -43.27 -32.60
C ILE F 67 -3.66 -42.55 -31.96
N VAL F 68 -3.88 -41.30 -32.36
CA VAL F 68 -4.89 -40.43 -31.76
C VAL F 68 -5.98 -40.19 -32.81
N LEU F 69 -7.23 -40.43 -32.41
CA LEU F 69 -8.37 -40.14 -33.25
C LEU F 69 -9.03 -38.83 -32.78
N SER F 70 -9.65 -38.13 -33.74
CA SER F 70 -10.20 -36.81 -33.47
C SER F 70 -11.41 -36.83 -32.55
N GLN F 71 -12.03 -37.99 -32.33
CA GLN F 71 -13.20 -38.07 -31.47
C GLN F 71 -13.24 -39.45 -30.81
N VAL F 72 -14.19 -39.61 -29.89
CA VAL F 72 -14.30 -40.83 -29.11
C VAL F 72 -15.32 -41.76 -29.76
N PRO F 73 -14.91 -42.93 -30.27
CA PRO F 73 -15.89 -43.88 -30.81
C PRO F 73 -16.85 -44.37 -29.73
N ILE F 74 -17.98 -44.91 -30.20
CA ILE F 74 -18.97 -45.46 -29.28
C ILE F 74 -18.40 -46.67 -28.57
N ALA F 75 -18.63 -46.75 -27.26
CA ALA F 75 -18.03 -47.80 -26.45
C ALA F 75 -18.50 -49.18 -26.90
N GLY F 76 -17.54 -50.09 -27.03
CA GLY F 76 -17.85 -51.50 -27.22
C GLY F 76 -18.13 -51.94 -28.64
N ARG F 77 -17.90 -51.08 -29.64
CA ARG F 77 -18.13 -51.47 -31.02
C ARG F 77 -16.90 -51.15 -31.86
N PRO F 78 -16.62 -51.92 -32.91
CA PRO F 78 -15.32 -51.82 -33.59
C PRO F 78 -15.10 -50.47 -34.26
N VAL F 79 -13.82 -50.08 -34.33
CA VAL F 79 -13.37 -48.92 -35.09
C VAL F 79 -12.50 -49.44 -36.23
N VAL F 80 -12.77 -48.96 -37.44
CA VAL F 80 -12.20 -49.53 -38.65
C VAL F 80 -11.14 -48.58 -39.21
N PHE F 81 -10.15 -49.18 -39.89
CA PHE F 81 -9.11 -48.43 -40.58
C PHE F 81 -8.98 -49.01 -41.99
N THR F 82 -8.68 -48.14 -42.95
CA THR F 82 -8.59 -48.54 -44.35
C THR F 82 -7.61 -47.65 -45.08
N GLY F 83 -7.23 -48.09 -46.28
CA GLY F 83 -6.32 -47.30 -47.09
C GLY F 83 -4.91 -47.31 -46.52
N GLY F 84 -4.12 -46.32 -46.95
CA GLY F 84 -2.75 -46.20 -46.49
C GLY F 84 -1.84 -47.28 -47.04
N GLY F 85 -2.23 -47.88 -48.16
CA GLY F 85 -1.43 -48.91 -48.78
C GLY F 85 -1.47 -50.27 -48.10
N LEU F 86 -2.35 -50.45 -47.11
CA LEU F 86 -2.44 -51.72 -46.42
C LEU F 86 -2.98 -52.81 -47.35
N GLY F 87 -2.53 -54.04 -47.12
CA GLY F 87 -3.01 -55.15 -47.92
C GLY F 87 -4.49 -55.39 -47.76
N SER F 88 -4.98 -55.31 -46.53
CA SER F 88 -6.40 -55.49 -46.25
C SER F 88 -6.74 -54.70 -44.99
N PRO F 89 -8.03 -54.37 -44.80
CA PRO F 89 -8.40 -53.56 -43.62
C PRO F 89 -8.09 -54.25 -42.30
N LEU F 90 -7.82 -53.45 -41.26
CA LEU F 90 -7.58 -53.95 -39.92
C LEU F 90 -8.52 -53.23 -38.96
N GLU F 91 -8.98 -53.94 -37.94
CA GLU F 91 -9.99 -53.42 -37.03
C GLU F 91 -9.56 -53.68 -35.59
N LEU F 92 -9.90 -52.74 -34.71
CA LEU F 92 -9.54 -52.80 -33.30
C LEU F 92 -10.75 -52.45 -32.45
N ILE F 93 -10.72 -52.89 -31.20
CA ILE F 93 -11.76 -52.58 -30.22
C ILE F 93 -11.39 -51.27 -29.54
N PRO F 94 -12.23 -50.24 -29.58
CA PRO F 94 -11.86 -48.96 -28.96
C PRO F 94 -12.12 -48.95 -27.47
N PHE F 95 -11.16 -48.39 -26.73
CA PHE F 95 -11.30 -48.29 -25.28
C PHE F 95 -12.27 -47.16 -24.95
N PRO F 96 -13.30 -47.39 -24.12
CA PRO F 96 -14.26 -46.34 -23.82
C PRO F 96 -13.65 -45.21 -23.03
N ASN F 97 -14.33 -44.06 -23.07
CA ASN F 97 -13.92 -42.85 -22.37
C ASN F 97 -12.56 -42.33 -22.85
N SER F 98 -12.18 -42.65 -24.09
CA SER F 98 -10.91 -42.20 -24.63
C SER F 98 -10.98 -42.22 -26.14
N ASN F 99 -10.06 -41.48 -26.76
CA ASN F 99 -9.97 -41.41 -28.22
C ASN F 99 -8.64 -41.96 -28.73
N VAL F 100 -7.93 -42.74 -27.93
CA VAL F 100 -6.61 -43.24 -28.28
C VAL F 100 -6.69 -44.74 -28.52
N LEU F 101 -6.06 -45.18 -29.61
CA LEU F 101 -5.98 -46.59 -29.97
C LEU F 101 -4.52 -46.98 -30.16
N HIS F 102 -4.25 -48.29 -30.01
CA HIS F 102 -2.92 -48.85 -30.20
C HIS F 102 -2.91 -49.73 -31.44
N PHE F 103 -1.95 -49.49 -32.33
CA PHE F 103 -1.84 -50.27 -33.55
C PHE F 103 -1.36 -51.68 -33.24
N GLN F 125 -2.38 -42.59 -47.50
CA GLN F 125 -2.77 -42.14 -46.17
C GLN F 125 -3.81 -43.08 -45.56
N LEU F 126 -3.57 -43.49 -44.32
CA LEU F 126 -4.48 -44.40 -43.63
C LEU F 126 -5.74 -43.65 -43.23
N MET F 127 -6.89 -44.20 -43.60
CA MET F 127 -8.19 -43.59 -43.29
C MET F 127 -8.84 -44.32 -42.13
N ALA F 128 -9.58 -43.57 -41.32
CA ALA F 128 -10.25 -44.12 -40.14
C ALA F 128 -11.69 -43.62 -40.09
N THR F 129 -12.57 -44.44 -39.53
CA THR F 129 -13.97 -44.10 -39.40
C THR F 129 -14.50 -44.70 -38.10
N TYR F 130 -15.55 -44.09 -37.57
CA TYR F 130 -16.16 -44.52 -36.32
C TYR F 130 -17.48 -43.77 -36.15
N VAL F 131 -18.11 -43.95 -34.99
CA VAL F 131 -19.35 -43.26 -34.66
C VAL F 131 -19.34 -42.98 -33.16
N ALA F 132 -20.07 -41.94 -32.76
CA ALA F 132 -20.10 -41.50 -31.36
C ALA F 132 -21.53 -41.16 -30.96
N GLY F 133 -21.75 -41.14 -29.66
CA GLY F 133 -23.04 -40.77 -29.10
C GLY F 133 -23.27 -41.48 -27.77
N ARG F 134 -24.55 -41.58 -27.40
CA ARG F 134 -24.97 -42.25 -26.18
C ARG F 134 -26.04 -43.28 -26.52
N ARG F 135 -26.64 -43.84 -25.47
CA ARG F 135 -27.82 -44.69 -25.64
C ARG F 135 -29.09 -43.85 -25.60
N CYS F 136 -29.30 -43.12 -24.51
CA CYS F 136 -30.54 -42.37 -24.32
C CYS F 136 -30.28 -41.26 -23.30
N GLU F 137 -31.35 -40.58 -22.91
CA GLU F 137 -31.28 -39.39 -22.06
C GLU F 137 -31.07 -39.72 -20.59
N SER F 138 -31.12 -40.99 -20.20
CA SER F 138 -31.08 -41.34 -18.78
C SER F 138 -29.71 -41.09 -18.15
N SER F 139 -28.69 -40.77 -18.95
CA SER F 139 -27.32 -40.69 -18.44
C SER F 139 -26.97 -39.33 -17.88
N VAL F 140 -27.97 -38.57 -17.41
CA VAL F 140 -27.78 -37.22 -16.91
C VAL F 140 -27.78 -37.29 -15.37
N PRO F 141 -26.67 -36.99 -14.71
CA PRO F 141 -26.70 -36.89 -13.24
C PRO F 141 -27.27 -35.56 -12.77
N ALA F 142 -27.37 -35.41 -11.45
CA ALA F 142 -28.03 -34.25 -10.88
C ALA F 142 -27.19 -32.98 -11.03
N GLY F 143 -25.91 -33.05 -10.69
CA GLY F 143 -25.10 -31.84 -10.63
C GLY F 143 -25.08 -31.06 -11.94
N ILE F 144 -25.14 -31.76 -13.07
CA ILE F 144 -25.17 -31.10 -14.35
C ILE F 144 -26.40 -30.20 -14.45
N ILE F 145 -27.52 -30.67 -13.90
CA ILE F 145 -28.75 -29.88 -13.92
C ILE F 145 -28.57 -28.59 -13.14
N MET F 146 -27.96 -28.67 -11.96
CA MET F 146 -27.73 -27.47 -11.17
C MET F 146 -26.80 -26.50 -11.88
N GLY F 147 -25.74 -27.01 -12.50
CA GLY F 147 -24.86 -26.14 -13.27
C GLY F 147 -25.58 -25.43 -14.39
N VAL F 148 -26.41 -26.17 -15.14
CA VAL F 148 -27.16 -25.57 -16.24
C VAL F 148 -28.12 -24.51 -15.71
N LEU F 149 -28.77 -24.81 -14.58
CA LEU F 149 -29.69 -23.84 -13.98
C LEU F 149 -28.96 -22.55 -13.63
N LYS F 150 -27.79 -22.67 -12.99
CA LYS F 150 -27.02 -21.48 -12.64
C LYS F 150 -26.62 -20.70 -13.89
N LEU F 151 -26.18 -21.40 -14.93
CA LEU F 151 -25.76 -20.72 -16.15
C LEU F 151 -26.92 -19.96 -16.78
N ILE F 152 -28.10 -20.58 -16.83
CA ILE F 152 -29.26 -19.92 -17.42
C ILE F 152 -29.67 -18.71 -16.59
N ALA F 153 -29.68 -18.87 -15.26
CA ALA F 153 -30.07 -17.76 -14.40
C ALA F 153 -29.11 -16.59 -14.57
N TRP F 154 -27.81 -16.87 -14.70
CA TRP F 154 -26.85 -15.80 -14.96
C TRP F 154 -27.12 -15.15 -16.31
N ASN F 155 -27.36 -15.95 -17.33
CA ASN F 155 -27.54 -15.40 -18.67
C ASN F 155 -28.77 -14.50 -18.75
N ILE F 156 -29.83 -14.82 -18.02
CA ILE F 156 -31.04 -14.01 -18.11
C ILE F 156 -30.77 -12.58 -17.66
N ASN F 157 -30.08 -12.41 -16.53
CA ASN F 157 -29.88 -11.10 -15.94
C ASN F 157 -28.51 -10.51 -16.22
N ASN F 158 -27.96 -10.75 -17.41
CA ASN F 158 -26.74 -10.10 -17.88
C ASN F 158 -26.80 -10.00 -19.39
N PRO F 159 -27.66 -9.11 -19.92
CA PRO F 159 -27.78 -8.98 -21.37
C PRO F 159 -26.51 -8.50 -22.05
N GLY F 160 -25.55 -7.93 -21.32
CA GLY F 160 -24.26 -7.64 -21.89
C GLY F 160 -23.89 -6.16 -21.91
N ASP F 161 -24.40 -5.39 -20.96
CA ASP F 161 -24.03 -3.98 -20.87
C ASP F 161 -23.75 -3.60 -19.41
N GLU F 162 -23.03 -4.46 -18.69
CA GLU F 162 -22.74 -4.24 -17.29
C GLU F 162 -21.25 -4.44 -17.02
N ILE F 163 -20.61 -3.40 -16.51
CA ILE F 163 -19.24 -3.46 -16.02
C ILE F 163 -19.16 -2.85 -14.64
N MET F 164 -20.17 -2.07 -14.26
CA MET F 164 -20.20 -1.39 -12.97
C MET F 164 -21.12 -2.11 -12.00
N ASN F 182 -13.36 -12.20 -16.97
CA ASN F 182 -14.80 -12.01 -16.78
C ASN F 182 -15.58 -12.81 -17.82
N ASN F 183 -15.91 -14.04 -17.46
CA ASN F 183 -16.65 -14.96 -18.33
C ASN F 183 -17.97 -15.34 -17.64
N GLY F 184 -19.00 -15.58 -18.46
CA GLY F 184 -20.30 -15.89 -17.89
C GLY F 184 -20.33 -17.22 -17.16
N ALA F 185 -19.71 -18.25 -17.75
CA ALA F 185 -19.79 -19.59 -17.19
C ALA F 185 -18.96 -19.75 -15.93
N VAL F 186 -17.90 -18.97 -15.76
CA VAL F 186 -17.02 -19.11 -14.60
C VAL F 186 -17.55 -18.31 -13.42
N VAL F 187 -17.92 -17.05 -13.64
CA VAL F 187 -18.36 -16.19 -12.54
C VAL F 187 -19.61 -16.74 -11.90
N SER F 188 -20.42 -17.50 -12.64
CA SER F 188 -21.71 -17.98 -12.15
C SER F 188 -21.58 -19.21 -11.26
N GLY F 189 -20.44 -19.89 -11.28
CA GLY F 189 -20.24 -21.06 -10.46
C GLY F 189 -20.67 -22.37 -11.09
N ALA F 190 -21.30 -22.34 -12.27
CA ALA F 190 -21.69 -23.58 -12.93
C ALA F 190 -20.47 -24.42 -13.26
N GLN F 191 -19.42 -23.78 -13.76
CA GLN F 191 -18.17 -24.49 -14.07
C GLN F 191 -17.49 -25.02 -12.82
N ASP F 192 -17.91 -24.58 -11.63
CA ASP F 192 -17.48 -25.19 -10.38
C ASP F 192 -18.37 -26.34 -9.96
N GLU F 193 -19.64 -26.35 -10.40
CA GLU F 193 -20.50 -27.50 -10.16
C GLU F 193 -20.10 -28.67 -11.05
N TRP F 194 -19.78 -28.40 -12.31
CA TRP F 194 -19.41 -29.47 -13.22
C TRP F 194 -18.01 -30.03 -12.95
N PHE F 195 -17.18 -29.28 -12.22
CA PHE F 195 -15.80 -29.72 -12.02
C PHE F 195 -15.73 -31.06 -11.28
N ARG F 196 -16.75 -31.37 -10.47
CA ARG F 196 -16.70 -32.59 -9.67
C ARG F 196 -16.60 -33.84 -10.53
N TYR F 197 -17.11 -33.78 -11.76
CA TYR F 197 -17.13 -34.94 -12.63
C TYR F 197 -15.86 -35.09 -13.47
N ARG F 198 -14.89 -34.18 -13.31
CA ARG F 198 -13.61 -34.33 -14.00
C ARG F 198 -12.55 -34.92 -13.08
N ARG F 199 -12.23 -34.19 -12.00
CA ARG F 199 -11.16 -34.56 -11.07
C ARG F 199 -10.00 -35.20 -11.81
N VAL F 200 -9.50 -34.54 -12.84
CA VAL F 200 -8.43 -35.08 -13.68
C VAL F 200 -7.10 -34.88 -12.96
N ILE F 201 -6.05 -35.52 -13.46
CA ILE F 201 -4.76 -35.57 -12.78
C ILE F 201 -4.00 -34.24 -12.94
N LEU F 202 -4.64 -33.25 -13.55
CA LEU F 202 -4.06 -31.92 -13.75
C LEU F 202 -2.92 -31.58 -12.79
N MET G 1 0.77 35.10 -39.69
CA MET G 1 0.56 34.69 -41.11
C MET G 1 -0.94 34.71 -41.40
N ASN G 2 -1.31 34.58 -42.68
CA ASN G 2 -2.70 34.66 -43.09
C ASN G 2 -3.44 33.38 -42.73
N TYR G 3 -3.68 33.16 -41.44
CA TYR G 3 -4.39 31.96 -41.01
C TYR G 3 -5.88 32.05 -41.30
N GLU G 4 -6.38 33.23 -41.67
CA GLU G 4 -7.82 33.39 -41.88
C GLU G 4 -8.35 32.41 -42.92
N THR G 5 -7.54 32.06 -43.91
CA THR G 5 -7.99 31.12 -44.93
C THR G 5 -7.96 29.68 -44.43
N LEU G 6 -7.02 29.33 -43.55
CA LEU G 6 -6.92 27.96 -43.09
C LEU G 6 -8.05 27.58 -42.15
N LEU G 7 -8.40 28.47 -41.21
CA LEU G 7 -9.38 28.17 -40.18
C LEU G 7 -10.18 29.42 -39.88
N PRO G 8 -11.38 29.55 -40.46
CA PRO G 8 -12.19 30.74 -40.17
C PRO G 8 -12.54 30.84 -38.70
N LEU G 9 -12.65 32.08 -38.22
CA LEU G 9 -13.05 32.29 -36.83
C LEU G 9 -14.39 31.65 -36.52
N GLN G 10 -15.25 31.55 -37.54
CA GLN G 10 -16.58 30.99 -37.32
C GLN G 10 -16.50 29.56 -36.83
N THR G 11 -15.62 28.75 -37.42
CA THR G 11 -15.50 27.36 -36.99
C THR G 11 -15.03 27.26 -35.54
N ILE G 12 -14.05 28.09 -35.15
CA ILE G 12 -13.59 28.07 -33.76
C ILE G 12 -14.72 28.46 -32.82
N ARG G 13 -15.46 29.51 -33.19
CA ARG G 13 -16.56 29.95 -32.33
C ARG G 13 -17.64 28.88 -32.22
N GLU G 14 -17.88 28.13 -33.29
CA GLU G 14 -18.90 27.08 -33.26
C GLU G 14 -18.46 25.89 -32.42
N HIS G 15 -17.20 25.45 -32.60
CA HIS G 15 -16.72 24.27 -31.88
C HIS G 15 -16.73 24.51 -30.37
N ALA G 16 -16.26 25.68 -29.94
CA ALA G 16 -16.21 25.99 -28.51
C ALA G 16 -17.53 26.52 -27.98
N LYS G 17 -18.53 26.72 -28.84
CA LYS G 17 -19.84 27.19 -28.42
C LYS G 17 -19.72 28.47 -27.59
N CYS G 18 -19.18 29.50 -28.24
CA CYS G 18 -18.99 30.79 -27.59
C CYS G 18 -19.37 31.95 -28.50
N ASP G 19 -20.16 31.69 -29.55
CA ASP G 19 -20.52 32.76 -30.48
C ASP G 19 -21.42 33.81 -29.84
N ASP G 20 -22.10 33.49 -28.75
CA ASP G 20 -22.95 34.43 -28.04
C ASP G 20 -22.24 35.07 -26.85
N ASN G 21 -20.95 34.79 -26.66
CA ASN G 21 -20.20 35.30 -25.54
C ASN G 21 -19.48 36.59 -25.93
N PRO G 22 -19.77 37.73 -25.30
CA PRO G 22 -19.08 38.97 -25.66
C PRO G 22 -17.73 39.15 -24.99
N ARG G 23 -17.29 38.19 -24.17
CA ARG G 23 -16.06 38.34 -23.40
C ARG G 23 -14.84 37.75 -24.10
N VAL G 24 -14.99 37.30 -25.34
CA VAL G 24 -13.86 36.79 -26.11
C VAL G 24 -13.83 37.53 -27.44
N THR G 25 -13.06 38.62 -27.50
CA THR G 25 -13.01 39.46 -28.68
C THR G 25 -12.15 38.81 -29.76
N ASP G 26 -12.27 39.35 -30.98
CA ASP G 26 -11.52 38.80 -32.11
C ASP G 26 -10.02 38.81 -31.85
N THR G 27 -9.52 39.82 -31.13
CA THR G 27 -8.09 39.88 -30.87
C THR G 27 -7.62 38.67 -30.06
N LEU G 28 -8.37 38.31 -29.02
CA LEU G 28 -7.95 37.20 -28.17
C LEU G 28 -8.01 35.87 -28.93
N LEU G 29 -9.06 35.66 -29.72
CA LEU G 29 -9.15 34.44 -30.50
C LEU G 29 -8.04 34.38 -31.54
N SER G 30 -7.72 35.52 -32.16
CA SER G 30 -6.61 35.54 -33.10
C SER G 30 -5.30 35.16 -32.41
N LEU G 31 -5.08 35.69 -31.21
CA LEU G 31 -3.88 35.35 -30.46
C LEU G 31 -3.83 33.85 -30.17
N TYR G 32 -4.95 33.28 -29.70
CA TYR G 32 -4.98 31.86 -29.40
C TYR G 32 -4.73 31.02 -30.64
N ARG G 33 -5.34 31.39 -31.77
CA ARG G 33 -5.17 30.63 -33.00
C ARG G 33 -3.72 30.69 -33.47
N GLU G 34 -3.11 31.88 -33.42
CA GLU G 34 -1.72 32.01 -33.83
C GLU G 34 -0.81 31.19 -32.93
N ALA G 35 -1.03 31.23 -31.62
CA ALA G 35 -0.20 30.46 -30.71
C ALA G 35 -0.37 28.96 -30.94
N ALA G 36 -1.61 28.51 -31.16
CA ALA G 36 -1.84 27.09 -31.39
C ALA G 36 -1.16 26.63 -32.67
N PHE G 37 -1.26 27.41 -33.74
CA PHE G 37 -0.62 27.01 -34.99
C PHE G 37 0.90 27.05 -34.86
N GLU G 38 1.43 28.02 -34.10
CA GLU G 38 2.87 28.04 -33.85
C GLU G 38 3.31 26.76 -33.12
N ALA G 39 2.55 26.36 -32.10
CA ALA G 39 2.88 25.14 -31.37
C ALA G 39 2.81 23.92 -32.28
N ALA G 40 1.79 23.86 -33.14
CA ALA G 40 1.70 22.74 -34.07
C ALA G 40 2.90 22.71 -35.01
N GLU G 41 3.28 23.87 -35.55
CA GLU G 41 4.43 23.92 -36.45
C GLU G 41 5.69 23.44 -35.74
N LEU G 42 5.89 23.90 -34.50
CA LEU G 42 7.07 23.46 -33.75
C LEU G 42 7.05 21.97 -33.52
N TYR G 43 5.88 21.41 -33.19
CA TYR G 43 5.82 20.00 -32.82
C TYR G 43 6.01 19.09 -34.02
N THR G 44 5.21 19.27 -35.08
CA THR G 44 5.25 18.30 -36.16
C THR G 44 6.29 18.65 -37.22
N GLY G 45 6.64 19.92 -37.36
CA GLY G 45 7.74 20.31 -38.22
C GLY G 45 7.43 20.46 -39.68
N MET G 46 6.16 20.46 -40.08
CA MET G 46 5.78 20.67 -41.48
C MET G 46 5.34 22.11 -41.63
N SER G 47 6.05 22.88 -42.45
CA SER G 47 5.58 24.20 -42.82
C SER G 47 4.34 24.08 -43.69
N PHE G 48 3.41 25.01 -43.52
CA PHE G 48 2.09 24.88 -44.13
C PHE G 48 2.11 25.33 -45.59
N THR G 49 0.92 25.53 -46.17
CA THR G 49 0.68 25.64 -47.60
C THR G 49 1.79 26.36 -48.37
N PRO G 50 2.29 27.52 -47.91
CA PRO G 50 3.34 28.20 -48.67
C PRO G 50 4.44 27.26 -49.14
N GLN G 51 4.63 27.18 -50.46
CA GLN G 51 5.57 26.23 -51.06
C GLN G 51 6.99 26.71 -50.81
N LYS G 52 7.50 26.37 -49.63
CA LYS G 52 8.84 26.79 -49.24
C LYS G 52 9.89 25.90 -49.88
N THR G 53 10.90 26.53 -50.49
CA THR G 53 12.01 25.82 -51.09
C THR G 53 13.26 26.10 -50.26
N ILE G 54 13.98 25.03 -49.90
CA ILE G 54 15.08 25.09 -48.94
C ILE G 54 16.40 24.89 -49.68
N VAL G 55 17.43 25.58 -49.22
CA VAL G 55 18.81 25.31 -49.60
C VAL G 55 19.62 25.20 -48.32
N GLU G 56 20.12 24.00 -48.02
CA GLU G 56 20.77 23.73 -46.76
C GLU G 56 22.08 22.98 -46.96
N PRO G 57 23.11 23.29 -46.20
CA PRO G 57 24.34 22.49 -46.27
C PRO G 57 24.12 21.08 -45.73
N VAL G 58 24.80 20.12 -46.35
CA VAL G 58 24.75 18.72 -45.95
C VAL G 58 26.15 18.13 -46.01
N ARG G 59 26.51 17.35 -45.01
CA ARG G 59 27.79 16.67 -44.96
C ARG G 59 27.56 15.18 -44.76
N ILE G 60 28.33 14.37 -45.50
CA ILE G 60 28.15 12.92 -45.43
C ILE G 60 28.39 12.43 -44.02
N LYS G 61 27.48 11.60 -43.52
CA LYS G 61 27.55 11.16 -42.13
C LYS G 61 28.68 10.17 -41.90
N ASN G 62 28.92 9.27 -42.85
CA ASN G 62 29.92 8.22 -42.66
C ASN G 62 30.39 7.73 -44.01
N ARG G 63 31.41 6.85 -43.99
CA ARG G 63 32.01 6.38 -45.22
C ARG G 63 31.00 5.69 -46.12
N LYS G 64 29.95 5.09 -45.53
CA LYS G 64 28.93 4.42 -46.33
C LYS G 64 28.16 5.39 -47.21
N GLY G 65 28.24 6.69 -46.95
CA GLY G 65 27.66 7.70 -47.81
C GLY G 65 26.28 8.19 -47.42
N LYS G 66 25.82 7.87 -46.21
CA LYS G 66 24.50 8.33 -45.79
C LYS G 66 24.48 9.83 -45.60
N ILE G 67 23.45 10.47 -46.15
CA ILE G 67 23.23 11.91 -46.00
C ILE G 67 21.80 12.12 -45.51
N VAL G 68 21.64 12.96 -44.51
CA VAL G 68 20.36 13.15 -43.83
C VAL G 68 19.85 14.56 -44.11
N LEU G 69 18.57 14.65 -44.44
CA LEU G 69 17.93 15.93 -44.73
C LEU G 69 17.12 16.41 -43.53
N SER G 70 17.02 17.73 -43.40
CA SER G 70 16.23 18.32 -42.33
C SER G 70 14.76 18.48 -42.69
N GLN G 71 14.38 18.18 -43.93
CA GLN G 71 13.00 18.25 -44.36
C GLN G 71 12.78 17.21 -45.45
N VAL G 72 11.55 16.69 -45.52
CA VAL G 72 11.22 15.66 -46.49
C VAL G 72 10.98 16.31 -47.85
N PRO G 73 11.75 15.97 -48.88
CA PRO G 73 11.50 16.56 -50.20
C PRO G 73 10.17 16.08 -50.78
N ILE G 74 9.61 16.91 -51.65
CA ILE G 74 8.38 16.55 -52.34
C ILE G 74 8.59 15.25 -53.10
N ALA G 75 7.62 14.35 -53.01
CA ALA G 75 7.74 13.05 -53.64
C ALA G 75 7.34 13.11 -55.10
N GLY G 76 8.01 12.30 -55.92
CA GLY G 76 7.71 12.19 -57.33
C GLY G 76 8.67 12.90 -58.25
N ARG G 77 9.48 13.83 -57.75
CA ARG G 77 10.46 14.53 -58.58
C ARG G 77 11.75 14.70 -57.80
N PRO G 78 12.87 14.86 -58.50
CA PRO G 78 14.18 14.65 -57.86
C PRO G 78 14.54 15.75 -56.86
N VAL G 79 15.53 15.42 -56.04
CA VAL G 79 16.19 16.37 -55.14
C VAL G 79 17.64 16.47 -55.57
N VAL G 80 18.16 17.71 -55.63
CA VAL G 80 19.46 17.97 -56.24
C VAL G 80 20.46 18.39 -55.17
N PHE G 81 21.69 17.93 -55.34
CA PHE G 81 22.82 18.33 -54.52
C PHE G 81 23.85 19.02 -55.41
N THR G 82 24.54 20.00 -54.84
CA THR G 82 25.51 20.78 -55.61
C THR G 82 26.69 21.12 -54.72
N GLY G 83 27.72 21.70 -55.34
CA GLY G 83 28.91 22.08 -54.60
C GLY G 83 29.70 20.87 -54.17
N GLY G 84 30.58 21.06 -53.18
CA GLY G 84 31.35 19.96 -52.65
C GLY G 84 32.27 19.29 -53.64
N GLY G 85 32.70 20.00 -54.68
CA GLY G 85 33.59 19.44 -55.66
C GLY G 85 32.95 18.52 -56.67
N LEU G 86 31.61 18.47 -56.73
CA LEU G 86 30.94 17.64 -57.72
C LEU G 86 31.31 18.08 -59.13
N GLY G 87 31.51 17.09 -60.00
CA GLY G 87 31.81 17.41 -61.39
C GLY G 87 30.68 18.17 -62.07
N SER G 88 29.44 17.78 -61.77
CA SER G 88 28.26 18.45 -62.30
C SER G 88 27.11 18.23 -61.32
N PRO G 89 26.09 19.09 -61.34
CA PRO G 89 24.96 18.91 -60.42
C PRO G 89 24.33 17.54 -60.58
N LEU G 90 23.94 16.94 -59.45
CA LEU G 90 23.37 15.61 -59.41
C LEU G 90 22.10 15.61 -58.59
N GLU G 91 21.09 14.87 -59.05
CA GLU G 91 19.79 14.86 -58.38
C GLU G 91 19.18 13.47 -58.45
N LEU G 92 18.59 13.04 -57.33
CA LEU G 92 17.91 11.76 -57.23
C LEU G 92 16.52 11.99 -56.66
N ILE G 93 15.73 10.93 -56.60
CA ILE G 93 14.38 10.96 -56.07
C ILE G 93 14.36 10.21 -54.74
N PRO G 94 13.75 10.77 -53.69
CA PRO G 94 13.79 10.11 -52.38
C PRO G 94 12.68 9.10 -52.19
N PHE G 95 12.95 8.13 -51.31
CA PHE G 95 11.94 7.19 -50.85
C PHE G 95 10.94 7.96 -49.99
N PRO G 96 9.63 7.67 -50.11
CA PRO G 96 8.65 8.54 -49.46
C PRO G 96 8.62 8.37 -47.94
N ASN G 97 8.51 9.53 -47.25
CA ASN G 97 8.71 9.63 -45.82
C ASN G 97 10.18 9.46 -45.44
N SER G 98 11.07 9.40 -46.42
CA SER G 98 12.49 9.32 -46.14
C SER G 98 13.14 10.69 -46.23
N ASN G 99 13.88 11.05 -45.19
CA ASN G 99 14.65 12.29 -45.16
C ASN G 99 16.15 12.03 -45.28
N VAL G 100 16.53 10.88 -45.82
CA VAL G 100 17.93 10.49 -45.96
C VAL G 100 18.17 10.05 -47.40
N LEU G 101 19.26 10.52 -48.00
CA LEU G 101 19.62 10.19 -49.37
C LEU G 101 21.05 9.68 -49.43
N HIS G 102 21.28 8.70 -50.30
CA HIS G 102 22.61 8.17 -50.56
C HIS G 102 22.57 7.38 -51.85
N PHE G 103 23.74 7.25 -52.48
CA PHE G 103 23.84 6.57 -53.77
C PHE G 103 23.28 5.15 -53.68
N GLN G 125 31.47 24.20 -50.66
CA GLN G 125 31.10 23.01 -49.91
C GLN G 125 29.84 22.37 -50.50
N LEU G 126 29.51 21.18 -50.01
CA LEU G 126 28.35 20.45 -50.52
C LEU G 126 27.06 21.15 -50.08
N MET G 127 26.19 21.41 -51.04
CA MET G 127 24.91 22.08 -50.79
C MET G 127 23.78 21.28 -51.40
N ALA G 128 22.64 21.28 -50.71
CA ALA G 128 21.44 20.57 -51.15
C ALA G 128 20.25 21.52 -51.16
N THR G 129 19.39 21.36 -52.16
CA THR G 129 18.21 22.21 -52.28
C THR G 129 17.05 21.39 -52.82
N TYR G 130 15.84 21.81 -52.45
CA TYR G 130 14.62 21.16 -52.91
C TYR G 130 13.42 21.97 -52.44
N VAL G 131 12.23 21.53 -52.86
CA VAL G 131 10.98 22.21 -52.58
C VAL G 131 10.16 21.34 -51.63
N ALA G 132 9.59 21.97 -50.60
CA ALA G 132 8.76 21.27 -49.62
C ALA G 132 7.53 22.12 -49.36
N GLY G 133 6.35 21.55 -49.65
CA GLY G 133 5.11 22.27 -49.44
C GLY G 133 3.93 21.44 -49.87
N ARG G 134 2.78 22.10 -50.01
CA ARG G 134 1.55 21.43 -50.39
C ARG G 134 0.83 22.27 -51.45
N ARG G 135 0.03 21.58 -52.27
CA ARG G 135 -0.60 22.24 -53.41
C ARG G 135 -1.74 23.14 -52.97
N CYS G 136 -2.72 22.58 -52.26
CA CYS G 136 -3.92 23.31 -51.90
C CYS G 136 -4.12 23.26 -50.39
N GLU G 137 -4.73 24.33 -49.86
CA GLU G 137 -4.95 24.42 -48.42
C GLU G 137 -5.85 23.31 -47.90
N SER G 138 -6.76 22.80 -48.72
CA SER G 138 -7.60 21.69 -48.30
C SER G 138 -6.79 20.42 -48.05
N SER G 139 -5.55 20.36 -48.53
CA SER G 139 -4.67 19.23 -48.26
C SER G 139 -4.02 19.31 -46.88
N VAL G 140 -4.19 20.42 -46.17
CA VAL G 140 -3.76 20.52 -44.78
C VAL G 140 -4.45 19.39 -44.02
N PRO G 141 -3.72 18.38 -43.54
CA PRO G 141 -4.38 17.21 -42.96
C PRO G 141 -5.36 17.61 -41.85
N ALA G 142 -6.52 16.98 -41.87
CA ALA G 142 -7.58 17.35 -40.93
C ALA G 142 -7.15 17.15 -39.48
N GLY G 143 -6.22 16.22 -39.23
CA GLY G 143 -5.77 15.99 -37.87
C GLY G 143 -5.16 17.23 -37.26
N ILE G 144 -4.40 18.00 -38.05
CA ILE G 144 -3.78 19.21 -37.52
C ILE G 144 -4.86 20.20 -37.09
N ILE G 145 -5.87 20.40 -37.92
CA ILE G 145 -6.94 21.33 -37.58
C ILE G 145 -7.70 20.84 -36.36
N MET G 146 -7.93 19.54 -36.28
CA MET G 146 -8.64 18.99 -35.12
C MET G 146 -7.85 19.21 -33.84
N GLY G 147 -6.54 19.03 -33.88
CA GLY G 147 -5.73 19.31 -32.70
C GLY G 147 -5.73 20.77 -32.34
N VAL G 148 -5.65 21.65 -33.34
CA VAL G 148 -5.70 23.08 -33.07
C VAL G 148 -7.00 23.47 -32.39
N LEU G 149 -8.12 22.89 -32.85
CA LEU G 149 -9.40 23.19 -32.24
C LEU G 149 -9.42 22.79 -30.78
N LYS G 150 -8.92 21.60 -30.47
CA LYS G 150 -8.90 21.15 -29.08
C LYS G 150 -8.01 22.05 -28.22
N LEU G 151 -6.85 22.44 -28.75
CA LEU G 151 -5.98 23.32 -27.98
C LEU G 151 -6.63 24.67 -27.71
N ILE G 152 -7.29 25.25 -28.72
CA ILE G 152 -7.96 26.53 -28.52
C ILE G 152 -9.09 26.38 -27.50
N ALA G 153 -9.85 25.29 -27.59
CA ALA G 153 -10.94 25.08 -26.65
C ALA G 153 -10.41 24.95 -25.23
N TRP G 154 -9.30 24.25 -25.04
CA TRP G 154 -8.68 24.17 -23.71
C TRP G 154 -8.26 25.56 -23.24
N ASN G 155 -7.60 26.33 -24.12
CA ASN G 155 -7.09 27.63 -23.70
C ASN G 155 -8.21 28.56 -23.28
N ILE G 156 -9.34 28.54 -24.00
CA ILE G 156 -10.43 29.47 -23.69
C ILE G 156 -11.00 29.23 -22.31
N ASN G 157 -11.08 27.97 -21.87
CA ASN G 157 -11.81 27.63 -20.66
C ASN G 157 -10.96 27.62 -19.39
N ASN G 158 -9.66 27.38 -19.50
CA ASN G 158 -8.78 27.24 -18.34
C ASN G 158 -7.67 28.27 -18.40
N PRO G 159 -7.79 29.41 -17.71
CA PRO G 159 -6.76 30.45 -17.78
C PRO G 159 -5.42 30.07 -17.18
N GLY G 160 -5.37 29.02 -16.35
CA GLY G 160 -4.12 28.56 -15.79
C GLY G 160 -3.87 28.92 -14.34
N ASP G 161 -4.91 29.21 -13.57
CA ASP G 161 -4.77 29.50 -12.14
C ASP G 161 -5.50 28.47 -11.28
N GLU G 162 -5.58 27.22 -11.72
CA GLU G 162 -6.27 26.17 -11.00
C GLU G 162 -5.54 24.85 -11.22
N ILE G 163 -5.97 23.83 -10.48
CA ILE G 163 -5.32 22.52 -10.54
C ILE G 163 -6.35 21.48 -11.01
N MET G 164 -7.31 21.92 -11.82
CA MET G 164 -8.28 21.01 -12.42
C MET G 164 -8.56 21.43 -13.86
N ASN G 182 -1.57 21.67 -15.84
CA ASN G 182 -1.93 22.79 -16.70
C ASN G 182 -1.14 22.77 -18.01
N ASN G 183 -0.55 21.62 -18.33
CA ASN G 183 0.14 21.43 -19.60
C ASN G 183 -0.92 21.23 -20.68
N GLY G 184 -1.46 22.35 -21.16
CA GLY G 184 -2.61 22.28 -22.05
C GLY G 184 -2.36 21.46 -23.30
N ALA G 185 -1.17 21.58 -23.88
CA ALA G 185 -0.89 20.89 -25.13
C ALA G 185 -1.05 19.38 -24.97
N VAL G 186 -0.87 18.86 -23.77
CA VAL G 186 -0.91 17.42 -23.55
C VAL G 186 -2.31 16.98 -23.11
N VAL G 187 -2.78 17.51 -21.98
CA VAL G 187 -4.02 17.02 -21.39
C VAL G 187 -5.20 17.22 -22.31
N SER G 188 -5.19 18.25 -23.16
CA SER G 188 -6.26 18.45 -24.12
C SER G 188 -6.21 17.45 -25.28
N GLY G 189 -5.08 16.80 -25.49
CA GLY G 189 -4.96 15.77 -26.50
C GLY G 189 -4.36 16.23 -27.82
N ALA G 190 -4.19 17.53 -28.03
CA ALA G 190 -3.66 18.01 -29.30
C ALA G 190 -2.27 17.45 -29.57
N GLN G 191 -1.41 17.44 -28.56
CA GLN G 191 -0.06 16.90 -28.72
C GLN G 191 -0.05 15.40 -28.89
N ASP G 192 -1.19 14.74 -28.66
CA ASP G 192 -1.36 13.33 -29.02
C ASP G 192 -2.00 13.17 -30.39
N GLU G 193 -2.92 14.07 -30.76
CA GLU G 193 -3.50 14.04 -32.10
C GLU G 193 -2.43 14.30 -33.17
N TRP G 194 -1.42 15.11 -32.84
CA TRP G 194 -0.37 15.41 -33.81
C TRP G 194 0.70 14.34 -33.88
N PHE G 195 0.71 13.37 -32.97
CA PHE G 195 1.82 12.43 -32.91
C PHE G 195 1.84 11.48 -34.10
N ARG G 196 0.71 11.31 -34.79
CA ARG G 196 0.66 10.37 -35.90
C ARG G 196 1.72 10.69 -36.95
N TYR G 197 2.08 11.97 -37.09
CA TYR G 197 2.95 12.38 -38.18
C TYR G 197 4.43 12.38 -37.82
N ARG G 198 4.79 12.51 -36.54
CA ARG G 198 6.20 12.71 -36.21
C ARG G 198 7.08 11.56 -36.65
N ARG G 199 6.51 10.38 -36.90
CA ARG G 199 7.24 9.32 -37.59
C ARG G 199 8.51 8.92 -36.85
N VAL G 200 8.38 8.32 -35.67
CA VAL G 200 9.52 7.71 -35.00
C VAL G 200 10.06 6.60 -35.89
N ILE G 201 11.34 6.28 -35.71
CA ILE G 201 11.97 5.26 -36.55
C ILE G 201 11.22 3.94 -36.39
N LEU G 202 11.00 3.26 -37.52
CA LEU G 202 10.21 2.04 -37.54
C LEU G 202 10.98 0.86 -36.94
N MET H 1 -14.27 13.43 -51.49
CA MET H 1 -14.65 12.05 -51.91
C MET H 1 -16.08 11.78 -51.42
N ASN H 2 -16.68 10.70 -51.91
CA ASN H 2 -18.07 10.40 -51.61
C ASN H 2 -18.23 9.83 -50.20
N TYR H 3 -17.77 10.58 -49.20
CA TYR H 3 -17.94 10.13 -47.82
C TYR H 3 -19.41 9.99 -47.46
N GLU H 4 -20.28 10.82 -48.04
CA GLU H 4 -21.70 10.73 -47.73
C GLU H 4 -22.27 9.36 -48.02
N THR H 5 -21.67 8.62 -48.95
CA THR H 5 -22.11 7.27 -49.25
C THR H 5 -21.41 6.21 -48.41
N LEU H 6 -20.14 6.43 -48.04
CA LEU H 6 -19.46 5.49 -47.16
C LEU H 6 -20.12 5.46 -45.79
N LEU H 7 -20.51 6.62 -45.26
CA LEU H 7 -21.13 6.70 -43.95
C LEU H 7 -22.02 7.94 -43.88
N PRO H 8 -23.33 7.79 -44.04
CA PRO H 8 -24.20 8.98 -44.07
C PRO H 8 -24.25 9.67 -42.72
N LEU H 9 -24.55 10.97 -42.76
CA LEU H 9 -24.69 11.75 -41.53
C LEU H 9 -25.80 11.19 -40.66
N GLN H 10 -26.88 10.71 -41.27
CA GLN H 10 -28.01 10.21 -40.50
C GLN H 10 -27.60 9.04 -39.61
N THR H 11 -26.83 8.10 -40.16
CA THR H 11 -26.38 6.97 -39.35
C THR H 11 -25.49 7.42 -38.21
N ILE H 12 -24.58 8.36 -38.48
CA ILE H 12 -23.69 8.86 -37.43
C ILE H 12 -24.51 9.49 -36.31
N ARG H 13 -25.49 10.31 -36.67
CA ARG H 13 -26.32 10.96 -35.66
C ARG H 13 -27.12 9.93 -34.87
N GLU H 14 -27.66 8.92 -35.53
CA GLU H 14 -28.45 7.91 -34.82
C GLU H 14 -27.58 7.11 -33.86
N HIS H 15 -26.38 6.74 -34.29
CA HIS H 15 -25.51 5.94 -33.44
C HIS H 15 -25.12 6.68 -32.17
N ALA H 16 -24.78 7.97 -32.30
CA ALA H 16 -24.30 8.75 -31.18
C ALA H 16 -25.42 9.35 -30.33
N LYS H 17 -26.65 8.85 -30.45
CA LYS H 17 -27.77 9.33 -29.64
C LYS H 17 -28.00 10.83 -29.85
N CYS H 18 -28.34 11.18 -31.08
CA CYS H 18 -28.63 12.56 -31.46
C CYS H 18 -29.89 12.59 -32.31
N ASP H 19 -31.00 13.03 -31.73
CA ASP H 19 -32.19 13.32 -32.52
C ASP H 19 -32.12 14.73 -33.10
N ASP H 20 -31.80 15.71 -32.25
CA ASP H 20 -31.51 17.07 -32.66
C ASP H 20 -30.64 17.70 -31.59
N ASN H 21 -29.57 18.37 -32.03
CA ASN H 21 -28.58 18.89 -31.12
C ASN H 21 -28.71 20.41 -31.02
N PRO H 22 -28.64 20.97 -29.80
CA PRO H 22 -28.85 22.43 -29.66
C PRO H 22 -27.84 23.28 -30.42
N ARG H 23 -26.57 22.88 -30.52
CA ARG H 23 -25.56 23.76 -31.09
C ARG H 23 -24.61 23.07 -32.06
N VAL H 24 -24.60 21.74 -32.11
CA VAL H 24 -23.68 21.01 -32.98
C VAL H 24 -24.21 21.05 -34.40
N THR H 25 -23.51 21.76 -35.27
CA THR H 25 -23.94 21.94 -36.66
C THR H 25 -23.37 20.86 -37.55
N ASP H 26 -24.07 20.59 -38.66
CA ASP H 26 -23.65 19.52 -39.56
C ASP H 26 -22.28 19.80 -40.17
N THR H 27 -21.94 21.08 -40.35
CA THR H 27 -20.67 21.42 -40.99
C THR H 27 -19.50 20.89 -40.17
N LEU H 28 -19.60 20.97 -38.84
CA LEU H 28 -18.53 20.48 -37.98
C LEU H 28 -18.49 18.95 -37.98
N LEU H 29 -19.67 18.31 -38.04
CA LEU H 29 -19.70 16.86 -38.12
C LEU H 29 -19.06 16.37 -39.41
N SER H 30 -19.21 17.12 -40.49
CA SER H 30 -18.54 16.77 -41.74
C SER H 30 -17.02 16.82 -41.61
N LEU H 31 -16.50 17.73 -40.78
CA LEU H 31 -15.06 17.75 -40.52
C LEU H 31 -14.64 16.57 -39.65
N TYR H 32 -15.45 16.25 -38.65
CA TYR H 32 -15.13 15.11 -37.79
C TYR H 32 -15.07 13.82 -38.59
N ARG H 33 -16.00 13.64 -39.53
CA ARG H 33 -16.02 12.43 -40.35
C ARG H 33 -14.72 12.29 -41.14
N GLU H 34 -14.28 13.38 -41.78
CA GLU H 34 -13.05 13.34 -42.55
C GLU H 34 -11.85 13.06 -41.65
N ALA H 35 -11.82 13.67 -40.46
CA ALA H 35 -10.72 13.42 -39.55
C ALA H 35 -10.67 11.95 -39.14
N ALA H 36 -11.83 11.36 -38.84
CA ALA H 36 -11.87 9.96 -38.44
C ALA H 36 -11.39 9.06 -39.58
N PHE H 37 -11.83 9.34 -40.81
CA PHE H 37 -11.38 8.52 -41.93
C PHE H 37 -9.88 8.64 -42.14
N GLU H 38 -9.33 9.85 -42.02
CA GLU H 38 -7.88 10.00 -42.15
C GLU H 38 -7.16 9.22 -41.06
N ALA H 39 -7.68 9.25 -39.83
CA ALA H 39 -7.05 8.51 -38.74
C ALA H 39 -7.06 7.01 -39.03
N ALA H 40 -8.19 6.50 -39.52
CA ALA H 40 -8.26 5.08 -39.85
C ALA H 40 -7.25 4.73 -40.94
N GLU H 41 -7.16 5.56 -41.98
CA GLU H 41 -6.20 5.29 -43.04
C GLU H 41 -4.77 5.26 -42.50
N LEU H 42 -4.43 6.23 -41.66
CA LEU H 42 -3.09 6.25 -41.08
C LEU H 42 -2.82 5.04 -40.20
N TYR H 43 -3.81 4.59 -39.43
CA TYR H 43 -3.58 3.46 -38.53
C TYR H 43 -3.52 2.12 -39.26
N THR H 44 -4.20 1.97 -40.39
CA THR H 44 -4.21 0.68 -41.07
C THR H 44 -3.43 0.72 -42.38
N GLY H 45 -3.39 1.88 -43.02
CA GLY H 45 -2.80 1.98 -44.33
C GLY H 45 -3.68 1.47 -45.45
N MET H 46 -4.90 1.05 -45.14
CA MET H 46 -5.83 0.50 -46.13
C MET H 46 -6.50 1.68 -46.84
N SER H 47 -5.92 2.11 -47.95
CA SER H 47 -6.49 3.20 -48.71
C SER H 47 -7.88 2.82 -49.21
N PHE H 48 -8.77 3.80 -49.24
CA PHE H 48 -10.16 3.57 -49.61
C PHE H 48 -10.32 3.51 -51.13
N THR H 49 -11.56 3.57 -51.60
CA THR H 49 -11.88 3.34 -53.01
C THR H 49 -10.84 3.89 -53.98
N PRO H 50 -10.36 5.13 -53.86
CA PRO H 50 -9.43 5.64 -54.88
C PRO H 50 -8.15 4.84 -54.94
N GLN H 51 -7.94 4.12 -56.05
CA GLN H 51 -6.72 3.35 -56.22
C GLN H 51 -5.57 4.29 -56.56
N LYS H 52 -4.40 3.98 -56.02
CA LYS H 52 -3.27 4.90 -56.01
C LYS H 52 -2.07 4.28 -56.73
N THR H 53 -1.42 5.07 -57.57
CA THR H 53 -0.15 4.65 -58.17
C THR H 53 1.00 4.98 -57.24
N ILE H 54 1.90 4.01 -57.06
CA ILE H 54 3.03 4.14 -56.16
C ILE H 54 4.31 3.83 -56.91
N VAL H 55 5.28 4.73 -56.81
CA VAL H 55 6.59 4.55 -57.43
C VAL H 55 7.65 4.96 -56.40
N GLU H 56 8.64 4.10 -56.19
CA GLU H 56 9.65 4.32 -55.17
C GLU H 56 10.87 3.48 -55.46
N PRO H 57 12.03 3.83 -54.89
CA PRO H 57 13.23 2.99 -55.07
C PRO H 57 13.28 1.81 -54.12
N VAL H 58 13.24 0.59 -54.66
CA VAL H 58 13.23 -0.61 -53.84
C VAL H 58 14.65 -1.12 -53.63
N ARG H 59 14.85 -1.93 -52.60
CA ARG H 59 16.13 -2.55 -52.32
C ARG H 59 15.90 -4.00 -51.89
N ILE H 60 16.96 -4.79 -51.98
CA ILE H 60 16.94 -6.16 -51.46
C ILE H 60 17.30 -6.11 -49.97
N LYS H 61 16.64 -6.96 -49.19
CA LYS H 61 16.77 -6.87 -47.74
C LYS H 61 18.02 -7.56 -47.24
N ASN H 62 18.14 -8.87 -47.45
CA ASN H 62 19.10 -9.67 -46.72
C ASN H 62 19.74 -10.70 -47.63
N ARG H 63 20.56 -11.57 -47.02
CA ARG H 63 21.24 -12.62 -47.76
C ARG H 63 20.25 -13.52 -48.48
N LYS H 64 19.03 -13.64 -47.97
CA LYS H 64 18.03 -14.57 -48.46
C LYS H 64 17.31 -14.07 -49.71
N GLY H 65 17.58 -12.84 -50.15
CA GLY H 65 16.88 -12.28 -51.29
C GLY H 65 15.53 -11.67 -50.96
N LYS H 66 15.23 -11.47 -49.67
CA LYS H 66 13.94 -10.94 -49.28
C LYS H 66 13.75 -9.51 -49.80
N ILE H 67 12.54 -9.21 -50.24
CA ILE H 67 12.19 -7.91 -50.82
C ILE H 67 10.93 -7.40 -50.16
N VAL H 68 10.91 -6.10 -49.84
CA VAL H 68 9.79 -5.48 -49.15
C VAL H 68 9.41 -4.20 -49.88
N LEU H 69 8.12 -3.84 -49.80
CA LEU H 69 7.58 -2.65 -50.43
C LEU H 69 6.85 -1.79 -49.40
N SER H 70 6.68 -0.51 -49.74
CA SER H 70 6.00 0.40 -48.81
C SER H 70 4.55 0.00 -48.58
N GLN H 71 3.83 -0.37 -49.63
CA GLN H 71 2.42 -0.70 -49.53
C GLN H 71 2.16 -2.02 -50.25
N VAL H 72 1.09 -2.69 -49.83
CA VAL H 72 0.69 -3.95 -50.45
C VAL H 72 0.14 -3.66 -51.85
N PRO H 73 0.71 -4.22 -52.91
CA PRO H 73 0.12 -4.03 -54.24
C PRO H 73 -1.20 -4.77 -54.37
N ILE H 74 -1.97 -4.39 -55.38
CA ILE H 74 -3.26 -5.02 -55.62
C ILE H 74 -3.07 -6.53 -55.71
N ALA H 75 -4.08 -7.27 -55.28
CA ALA H 75 -3.99 -8.72 -55.21
C ALA H 75 -4.27 -9.35 -56.57
N GLY H 76 -3.27 -9.33 -57.46
CA GLY H 76 -3.39 -10.04 -58.72
C GLY H 76 -2.77 -9.35 -59.92
N ARG H 77 -2.36 -8.09 -59.77
CA ARG H 77 -1.79 -7.34 -60.88
C ARG H 77 -0.33 -7.01 -60.56
N PRO H 78 0.59 -7.20 -61.50
CA PRO H 78 2.02 -7.23 -61.13
C PRO H 78 2.57 -5.86 -60.76
N VAL H 79 3.65 -5.89 -59.98
CA VAL H 79 4.53 -4.75 -59.74
C VAL H 79 5.63 -4.76 -60.79
N VAL H 80 6.22 -3.60 -61.07
CA VAL H 80 7.28 -3.48 -62.05
C VAL H 80 8.50 -2.86 -61.38
N PHE H 81 9.67 -3.16 -61.93
CA PHE H 81 10.94 -2.68 -61.39
C PHE H 81 11.94 -2.58 -62.52
N THR H 82 12.52 -1.40 -62.70
CA THR H 82 13.47 -1.16 -63.77
C THR H 82 14.44 -0.07 -63.35
N GLY H 83 15.58 -0.01 -64.04
CA GLY H 83 16.60 0.97 -63.74
C GLY H 83 17.57 0.46 -62.69
N GLY H 84 18.69 1.19 -62.57
CA GLY H 84 19.70 0.83 -61.60
C GLY H 84 20.52 -0.38 -61.97
N GLY H 85 20.59 -0.74 -63.24
CA GLY H 85 21.39 -1.87 -63.68
C GLY H 85 20.62 -3.10 -64.09
N LEU H 86 19.32 -2.98 -64.33
CA LEU H 86 18.53 -4.14 -64.75
C LEU H 86 18.79 -4.48 -66.21
N GLY H 87 18.69 -5.77 -66.54
CA GLY H 87 18.92 -6.22 -67.90
C GLY H 87 17.69 -6.13 -68.78
N SER H 88 16.52 -6.33 -68.21
CA SER H 88 15.27 -6.27 -68.96
C SER H 88 14.12 -6.04 -68.01
N PRO H 89 13.05 -5.35 -68.43
CA PRO H 89 11.91 -5.15 -67.53
C PRO H 89 11.23 -6.48 -67.20
N LEU H 90 10.68 -6.55 -65.98
CA LEU H 90 10.02 -7.76 -65.51
C LEU H 90 9.05 -7.37 -64.41
N GLU H 91 7.82 -7.86 -64.51
CA GLU H 91 6.78 -7.55 -63.55
C GLU H 91 6.17 -8.83 -62.99
N LEU H 92 5.97 -8.87 -61.68
CA LEU H 92 5.51 -10.06 -60.99
C LEU H 92 4.39 -9.71 -60.02
N ILE H 93 3.61 -10.71 -59.66
CA ILE H 93 2.45 -10.58 -58.77
C ILE H 93 2.87 -11.01 -57.37
N PRO H 94 2.52 -10.27 -56.33
CA PRO H 94 3.05 -10.54 -54.99
C PRO H 94 2.20 -11.55 -54.21
N PHE H 95 2.60 -11.76 -52.96
CA PHE H 95 1.84 -12.61 -52.04
C PHE H 95 0.52 -11.94 -51.68
N PRO H 96 -0.44 -12.72 -51.19
CA PRO H 96 -1.71 -12.12 -50.74
C PRO H 96 -1.56 -11.41 -49.41
N ASN H 97 -1.79 -10.10 -49.41
CA ASN H 97 -1.83 -9.26 -48.22
C ASN H 97 -0.47 -9.12 -47.55
N SER H 98 0.60 -9.60 -48.18
CA SER H 98 1.93 -9.53 -47.58
C SER H 98 2.90 -8.96 -48.61
N ASN H 99 3.45 -7.78 -48.32
CA ASN H 99 4.38 -7.13 -49.22
C ASN H 99 5.78 -7.74 -49.17
N VAL H 100 5.90 -9.02 -49.50
CA VAL H 100 7.18 -9.73 -49.49
C VAL H 100 7.39 -10.36 -50.86
N LEU H 101 8.53 -10.07 -51.47
CA LEU H 101 8.92 -10.62 -52.76
C LEU H 101 10.32 -11.21 -52.64
N HIS H 102 10.72 -11.98 -53.64
CA HIS H 102 11.99 -12.68 -53.61
C HIS H 102 12.61 -12.70 -55.00
N PHE H 103 13.92 -12.92 -55.03
CA PHE H 103 14.68 -13.00 -56.27
C PHE H 103 14.10 -14.04 -57.22
N GLN H 125 19.43 5.07 -60.17
CA GLN H 125 18.88 4.26 -59.08
C GLN H 125 17.81 3.30 -59.59
N LEU H 126 17.61 2.21 -58.86
CA LEU H 126 16.54 1.28 -59.20
C LEU H 126 15.20 1.85 -58.76
N MET H 127 14.23 1.84 -59.68
CA MET H 127 12.90 2.37 -59.42
C MET H 127 11.85 1.33 -59.73
N ALA H 128 10.90 1.15 -58.81
CA ALA H 128 9.83 0.20 -58.97
C ALA H 128 8.51 0.88 -58.64
N THR H 129 7.48 0.57 -59.43
CA THR H 129 6.19 1.24 -59.28
C THR H 129 5.07 0.22 -59.39
N TYR H 130 3.91 0.57 -58.84
CA TYR H 130 2.75 -0.30 -58.86
C TYR H 130 1.53 0.46 -58.35
N VAL H 131 0.38 -0.19 -58.40
CA VAL H 131 -0.90 0.40 -58.04
C VAL H 131 -1.48 -0.37 -56.87
N ALA H 132 -2.02 0.36 -55.90
CA ALA H 132 -2.67 -0.22 -54.74
C ALA H 132 -3.96 0.50 -54.46
N GLY H 133 -4.90 -0.21 -53.84
CA GLY H 133 -6.20 0.37 -53.53
C GLY H 133 -7.30 -0.67 -53.40
N ARG H 134 -8.55 -0.24 -53.60
CA ARG H 134 -9.71 -1.11 -53.44
C ARG H 134 -10.53 -1.13 -54.72
N ARG H 135 -11.32 -2.19 -54.89
CA ARG H 135 -12.14 -2.33 -56.08
C ARG H 135 -13.28 -1.33 -56.09
N CYS H 136 -13.92 -1.10 -54.95
CA CYS H 136 -15.10 -0.25 -54.90
C CYS H 136 -15.39 0.12 -53.45
N GLU H 137 -16.44 0.93 -53.27
CA GLU H 137 -16.83 1.35 -51.93
C GLU H 137 -17.32 0.19 -51.09
N SER H 138 -18.03 -0.76 -51.70
CA SER H 138 -18.64 -1.85 -50.94
C SER H 138 -17.61 -2.80 -50.33
N SER H 139 -16.34 -2.70 -50.71
CA SER H 139 -15.33 -3.61 -50.21
C SER H 139 -14.86 -3.28 -48.79
N VAL H 140 -15.27 -2.15 -48.23
CA VAL H 140 -14.81 -1.73 -46.91
C VAL H 140 -15.41 -2.67 -45.86
N PRO H 141 -14.59 -3.34 -45.05
CA PRO H 141 -15.16 -4.19 -43.99
C PRO H 141 -15.89 -3.36 -42.94
N ALA H 142 -16.91 -3.97 -42.33
CA ALA H 142 -17.76 -3.24 -41.40
C ALA H 142 -16.99 -2.79 -40.16
N GLY H 143 -15.97 -3.55 -39.75
CA GLY H 143 -15.24 -3.20 -38.54
C GLY H 143 -14.65 -1.81 -38.58
N ILE H 144 -14.09 -1.41 -39.73
CA ILE H 144 -13.53 -0.07 -39.86
C ILE H 144 -14.63 0.97 -39.66
N ILE H 145 -15.82 0.71 -40.22
CA ILE H 145 -16.93 1.64 -40.06
C ILE H 145 -17.32 1.74 -38.59
N MET H 146 -17.35 0.61 -37.89
CA MET H 146 -17.71 0.64 -36.47
C MET H 146 -16.69 1.44 -35.67
N GLY H 147 -15.41 1.24 -35.95
CA GLY H 147 -14.39 2.01 -35.25
C GLY H 147 -14.49 3.49 -35.55
N VAL H 148 -14.76 3.84 -36.81
CA VAL H 148 -14.91 5.25 -37.17
C VAL H 148 -16.10 5.86 -36.42
N LEU H 149 -17.20 5.11 -36.32
CA LEU H 149 -18.36 5.61 -35.59
C LEU H 149 -18.02 5.82 -34.13
N LYS H 150 -17.29 4.88 -33.51
CA LYS H 150 -16.88 5.06 -32.12
C LYS H 150 -16.03 6.32 -31.96
N LEU H 151 -15.05 6.52 -32.84
CA LEU H 151 -14.19 7.69 -32.73
C LEU H 151 -14.98 8.98 -32.91
N ILE H 152 -15.92 9.00 -33.87
CA ILE H 152 -16.75 10.18 -34.08
C ILE H 152 -17.57 10.47 -32.83
N ALA H 153 -18.18 9.43 -32.24
CA ALA H 153 -18.96 9.64 -31.03
C ALA H 153 -18.10 10.21 -29.92
N TRP H 154 -16.88 9.69 -29.77
CA TRP H 154 -15.98 10.24 -28.76
C TRP H 154 -15.68 11.71 -29.01
N ASN H 155 -15.33 12.06 -30.25
CA ASN H 155 -14.98 13.44 -30.56
C ASN H 155 -16.15 14.38 -30.38
N ILE H 156 -17.38 13.93 -30.60
CA ILE H 156 -18.54 14.79 -30.39
C ILE H 156 -18.73 15.15 -28.93
N ASN H 157 -18.21 14.34 -28.01
CA ASN H 157 -18.46 14.53 -26.58
C ASN H 157 -17.16 14.75 -25.82
N ASN H 158 -16.21 15.45 -26.45
CA ASN H 158 -14.95 15.82 -25.80
C ASN H 158 -14.31 16.96 -26.58
N PRO H 159 -14.87 18.17 -26.47
CA PRO H 159 -14.29 19.31 -27.19
C PRO H 159 -12.86 19.63 -26.81
N GLY H 160 -12.40 19.21 -25.63
CA GLY H 160 -11.03 19.39 -25.24
C GLY H 160 -10.86 20.32 -24.04
N ASP H 161 -11.82 20.31 -23.12
CA ASP H 161 -11.77 21.18 -21.96
C ASP H 161 -11.69 20.44 -20.63
N GLU H 162 -12.05 19.16 -20.59
CA GLU H 162 -12.15 18.42 -19.34
C GLU H 162 -11.10 17.32 -19.29
N ILE H 163 -10.46 17.18 -18.14
CA ILE H 163 -9.56 16.06 -17.89
C ILE H 163 -10.21 15.02 -17.01
N MET H 164 -10.63 15.41 -15.80
CA MET H 164 -11.28 14.51 -14.86
C MET H 164 -12.78 14.78 -14.83
N ASN H 182 -3.43 11.20 -22.03
CA ASN H 182 -4.68 10.64 -22.54
C ASN H 182 -4.79 10.91 -24.04
N ASN H 183 -5.13 9.88 -24.80
CA ASN H 183 -5.25 9.95 -26.26
C ASN H 183 -6.67 9.57 -26.65
N GLY H 184 -7.26 10.35 -27.55
CA GLY H 184 -8.65 10.10 -27.94
C GLY H 184 -8.84 8.82 -28.72
N ALA H 185 -7.94 8.51 -29.65
CA ALA H 185 -8.14 7.39 -30.56
C ALA H 185 -8.11 6.05 -29.85
N VAL H 186 -7.51 5.96 -28.66
CA VAL H 186 -7.34 4.70 -27.95
C VAL H 186 -8.43 4.50 -26.91
N VAL H 187 -8.67 5.51 -26.07
CA VAL H 187 -9.68 5.37 -25.04
C VAL H 187 -11.05 5.12 -25.65
N SER H 188 -11.34 5.76 -26.78
CA SER H 188 -12.63 5.58 -27.45
C SER H 188 -12.86 4.14 -27.87
N GLY H 189 -11.81 3.33 -28.04
CA GLY H 189 -11.95 1.95 -28.42
C GLY H 189 -11.95 1.68 -29.91
N ALA H 190 -11.94 2.72 -30.75
CA ALA H 190 -11.90 2.51 -32.19
C ALA H 190 -10.61 1.81 -32.60
N GLN H 191 -9.49 2.21 -32.00
CA GLN H 191 -8.22 1.60 -32.35
C GLN H 191 -8.22 0.11 -32.06
N ASP H 192 -8.91 -0.32 -31.00
CA ASP H 192 -9.05 -1.75 -30.73
C ASP H 192 -9.82 -2.46 -31.84
N GLU H 193 -10.91 -1.86 -32.32
CA GLU H 193 -11.65 -2.46 -33.41
C GLU H 193 -10.80 -2.57 -34.67
N TRP H 194 -10.03 -1.52 -34.98
CA TRP H 194 -9.19 -1.57 -36.17
C TRP H 194 -8.03 -2.54 -36.01
N PHE H 195 -7.67 -2.88 -34.77
CA PHE H 195 -6.48 -3.70 -34.54
C PHE H 195 -6.57 -5.06 -35.21
N ARG H 196 -7.78 -5.54 -35.48
CA ARG H 196 -7.94 -6.89 -36.00
C ARG H 196 -7.32 -7.05 -37.39
N TYR H 197 -7.00 -5.95 -38.08
CA TYR H 197 -6.50 -6.01 -39.44
C TYR H 197 -5.03 -5.66 -39.57
N ARG H 198 -4.39 -5.17 -38.52
CA ARG H 198 -2.98 -4.79 -38.63
C ARG H 198 -2.06 -6.01 -38.64
N ARG H 199 -2.44 -7.07 -37.93
CA ARG H 199 -1.78 -8.37 -38.05
C ARG H 199 -0.29 -8.27 -37.73
N VAL H 200 0.05 -8.09 -36.46
CA VAL H 200 1.42 -8.27 -36.01
C VAL H 200 1.83 -9.73 -36.24
N ILE H 201 3.13 -9.96 -36.34
CA ILE H 201 3.63 -11.30 -36.66
C ILE H 201 2.99 -12.34 -35.75
N LEU H 202 2.84 -13.55 -36.30
CA LEU H 202 2.09 -14.62 -35.65
C LEU H 202 2.93 -15.43 -34.67
N MET I 1 16.05 51.92 8.34
CA MET I 1 16.40 52.20 6.92
C MET I 1 15.15 52.60 6.15
N ASN I 2 15.34 53.25 5.00
CA ASN I 2 14.23 53.75 4.19
C ASN I 2 13.59 52.62 3.36
N TYR I 3 13.11 51.61 4.07
CA TYR I 3 12.37 50.54 3.41
C TYR I 3 11.09 51.07 2.78
N GLU I 4 10.61 52.24 3.20
CA GLU I 4 9.39 52.79 2.65
C GLU I 4 9.53 53.06 1.15
N THR I 5 10.66 53.64 0.74
CA THR I 5 10.85 53.93 -0.67
C THR I 5 10.91 52.66 -1.51
N LEU I 6 11.37 51.55 -0.92
CA LEU I 6 11.47 50.31 -1.67
C LEU I 6 10.12 49.65 -1.86
N LEU I 7 9.23 49.75 -0.87
CA LEU I 7 7.95 49.06 -0.91
C LEU I 7 6.98 49.77 0.02
N PRO I 8 6.28 50.79 -0.47
CA PRO I 8 5.39 51.57 0.39
C PRO I 8 4.32 50.71 1.04
N LEU I 9 3.93 51.09 2.26
CA LEU I 9 2.92 50.34 2.98
C LEU I 9 1.61 50.26 2.21
N GLN I 10 1.33 51.29 1.41
CA GLN I 10 0.08 51.30 0.65
C GLN I 10 -0.01 50.11 -0.29
N THR I 11 1.09 49.81 -1.00
CA THR I 11 1.07 48.67 -1.91
C THR I 11 0.91 47.37 -1.14
N ILE I 12 1.57 47.24 0.02
CA ILE I 12 1.45 46.01 0.81
C ILE I 12 0.01 45.81 1.25
N ARG I 13 -0.63 46.88 1.73
CA ARG I 13 -2.03 46.78 2.12
C ARG I 13 -2.91 46.44 0.94
N GLU I 14 -2.66 47.05 -0.22
CA GLU I 14 -3.49 46.78 -1.39
C GLU I 14 -3.38 45.33 -1.81
N HIS I 15 -2.17 44.77 -1.79
CA HIS I 15 -1.99 43.38 -2.16
C HIS I 15 -2.73 42.44 -1.22
N ALA I 16 -2.66 42.72 0.09
CA ALA I 16 -3.26 41.83 1.08
C ALA I 16 -4.75 42.08 1.27
N LYS I 17 -5.32 43.08 0.61
CA LYS I 17 -6.75 43.37 0.71
C LYS I 17 -7.16 43.54 2.17
N CYS I 18 -6.35 44.28 2.92
CA CYS I 18 -6.60 44.49 4.34
C CYS I 18 -6.45 45.95 4.75
N ASP I 19 -6.65 46.89 3.81
CA ASP I 19 -6.47 48.30 4.14
C ASP I 19 -7.48 48.79 5.17
N ASP I 20 -8.62 48.12 5.31
CA ASP I 20 -9.66 48.54 6.24
C ASP I 20 -9.67 47.79 7.56
N ASN I 21 -8.76 46.83 7.74
CA ASN I 21 -8.71 46.08 8.98
C ASN I 21 -7.96 46.89 10.03
N PRO I 22 -8.57 47.22 11.18
CA PRO I 22 -7.82 47.89 12.25
C PRO I 22 -6.94 46.95 13.05
N ARG I 23 -7.00 45.64 12.80
CA ARG I 23 -6.21 44.68 13.55
C ARG I 23 -4.74 44.70 13.17
N VAL I 24 -4.39 45.32 12.05
CA VAL I 24 -3.00 45.35 11.58
C VAL I 24 -2.52 46.79 11.57
N THR I 25 -1.89 47.22 12.67
CA THR I 25 -1.39 48.58 12.77
C THR I 25 -0.15 48.77 11.91
N ASP I 26 0.34 50.00 11.86
CA ASP I 26 1.51 50.32 11.07
C ASP I 26 2.77 49.63 11.58
N THR I 27 2.93 49.54 12.90
CA THR I 27 4.14 48.94 13.46
C THR I 27 4.25 47.47 13.06
N LEU I 28 3.14 46.74 13.06
CA LEU I 28 3.18 45.33 12.70
C LEU I 28 3.60 45.15 11.24
N LEU I 29 3.06 45.97 10.34
CA LEU I 29 3.48 45.89 8.95
C LEU I 29 4.95 46.26 8.79
N SER I 30 5.41 47.25 9.55
CA SER I 30 6.83 47.59 9.50
C SER I 30 7.69 46.41 9.92
N LEU I 31 7.29 45.72 11.00
CA LEU I 31 8.04 44.56 11.45
C LEU I 31 8.04 43.46 10.40
N TYR I 32 6.88 43.20 9.80
CA TYR I 32 6.81 42.17 8.77
C TYR I 32 7.70 42.53 7.58
N ARG I 33 7.68 43.79 7.15
CA ARG I 33 8.51 44.21 6.03
C ARG I 33 9.98 44.03 6.36
N GLU I 34 10.39 44.45 7.56
CA GLU I 34 11.79 44.30 7.95
C GLU I 34 12.20 42.84 7.96
N ALA I 35 11.37 41.97 8.54
CA ALA I 35 11.70 40.56 8.60
C ALA I 35 11.78 39.95 7.20
N ALA I 36 10.84 40.30 6.33
CA ALA I 36 10.85 39.75 4.98
C ALA I 36 12.09 40.19 4.21
N PHE I 37 12.45 41.47 4.32
CA PHE I 37 13.65 41.94 3.63
C PHE I 37 14.90 41.28 4.19
N GLU I 38 14.95 41.10 5.51
CA GLU I 38 16.10 40.41 6.10
C GLU I 38 16.20 38.98 5.59
N ALA I 39 15.07 38.27 5.53
CA ALA I 39 15.09 36.90 5.02
C ALA I 39 15.54 36.85 3.57
N ALA I 40 15.05 37.79 2.75
CA ALA I 40 15.45 37.82 1.35
C ALA I 40 16.95 38.08 1.23
N GLU I 41 17.47 39.02 2.02
CA GLU I 41 18.90 39.31 1.97
C GLU I 41 19.71 38.08 2.35
N LEU I 42 19.30 37.39 3.41
CA LEU I 42 20.01 36.19 3.84
C LEU I 42 19.97 35.11 2.75
N TYR I 43 18.81 34.93 2.12
CA TYR I 43 18.66 33.81 1.18
C TYR I 43 19.40 34.09 -0.13
N THR I 44 19.10 35.21 -0.77
CA THR I 44 19.68 35.46 -2.10
C THR I 44 21.10 36.01 -2.02
N GLY I 45 21.52 36.50 -0.86
CA GLY I 45 22.86 37.01 -0.69
C GLY I 45 23.12 38.38 -1.29
N MET I 46 22.07 39.06 -1.75
CA MET I 46 22.23 40.39 -2.37
C MET I 46 22.20 41.45 -1.29
N SER I 47 23.34 42.06 -1.01
CA SER I 47 23.40 43.11 -0.01
C SER I 47 22.54 44.29 -0.44
N PHE I 48 21.84 44.89 0.52
CA PHE I 48 20.89 45.95 0.23
C PHE I 48 21.59 47.31 0.31
N THR I 49 20.80 48.38 0.35
CA THR I 49 21.21 49.74 0.02
C THR I 49 22.52 50.18 0.66
N PRO I 50 22.72 49.99 1.97
CA PRO I 50 23.91 50.57 2.61
C PRO I 50 25.19 50.12 1.95
N GLN I 51 26.14 51.05 1.82
CA GLN I 51 27.46 50.75 1.26
C GLN I 51 28.47 50.67 2.42
N LYS I 52 28.54 49.49 3.02
CA LYS I 52 29.39 49.30 4.19
C LYS I 52 30.81 48.94 3.76
N THR I 53 31.79 49.60 4.38
CA THR I 53 33.19 49.22 4.20
C THR I 53 33.50 48.00 5.05
N ILE I 54 34.18 47.03 4.44
CA ILE I 54 34.38 45.71 5.05
C ILE I 54 35.86 45.45 5.16
N VAL I 55 36.31 45.08 6.35
CA VAL I 55 37.69 44.66 6.62
C VAL I 55 37.66 43.46 7.54
N GLU I 56 38.37 42.40 7.17
CA GLU I 56 38.40 41.18 7.95
C GLU I 56 39.70 40.45 7.68
N PRO I 57 40.19 39.66 8.64
CA PRO I 57 41.43 38.90 8.41
C PRO I 57 41.19 37.67 7.56
N VAL I 58 42.30 37.11 7.07
CA VAL I 58 42.28 35.91 6.25
C VAL I 58 43.43 34.99 6.66
N ARG I 59 43.28 33.72 6.30
CA ARG I 59 44.35 32.73 6.40
C ARG I 59 44.54 32.08 5.04
N ILE I 60 45.78 31.70 4.73
CA ILE I 60 46.07 31.07 3.44
C ILE I 60 45.39 29.72 3.40
N LYS I 61 44.32 29.60 2.60
CA LYS I 61 43.51 28.39 2.60
C LYS I 61 44.30 27.17 2.16
N ASN I 62 45.09 27.29 1.09
CA ASN I 62 45.75 26.13 0.52
C ASN I 62 47.17 26.50 0.12
N ARG I 63 47.95 25.47 -0.19
CA ARG I 63 49.33 25.65 -0.64
C ARG I 63 49.41 26.28 -2.01
N LYS I 64 48.34 26.19 -2.81
CA LYS I 64 48.38 26.68 -4.18
C LYS I 64 48.31 28.21 -4.22
N GLY I 65 47.85 28.84 -3.14
CA GLY I 65 47.72 30.28 -3.12
C GLY I 65 46.28 30.75 -3.28
N LYS I 66 45.36 30.11 -2.58
CA LYS I 66 43.94 30.46 -2.61
C LYS I 66 43.55 31.07 -1.26
N ILE I 67 42.81 32.17 -1.32
CA ILE I 67 42.24 32.81 -0.13
C ILE I 67 40.81 33.22 -0.45
N VAL I 68 39.97 33.23 0.58
CA VAL I 68 38.54 33.46 0.42
C VAL I 68 38.10 34.57 1.37
N LEU I 69 37.17 35.40 0.90
CA LEU I 69 36.57 36.46 1.69
C LEU I 69 35.10 36.15 1.94
N SER I 70 34.49 36.90 2.86
CA SER I 70 33.20 36.49 3.39
C SER I 70 32.02 37.13 2.66
N GLN I 71 32.19 38.34 2.11
CA GLN I 71 31.08 39.04 1.46
C GLN I 71 31.49 39.49 0.05
N VAL I 72 30.49 39.69 -0.79
CA VAL I 72 30.68 40.05 -2.20
C VAL I 72 31.07 41.51 -2.30
N PRO I 73 32.15 41.86 -3.01
CA PRO I 73 32.46 43.28 -3.24
C PRO I 73 31.61 43.87 -4.35
N ILE I 74 31.61 45.20 -4.42
CA ILE I 74 30.99 45.89 -5.55
C ILE I 74 31.98 45.98 -6.69
N ALA I 75 31.48 45.84 -7.92
CA ALA I 75 32.35 45.89 -9.08
C ALA I 75 33.00 47.26 -9.22
N GLY I 76 34.17 47.27 -9.84
CA GLY I 76 34.92 48.51 -10.05
C GLY I 76 35.96 48.84 -9.01
N ARG I 77 35.57 48.95 -7.74
CA ARG I 77 36.52 49.34 -6.71
C ARG I 77 37.45 48.17 -6.39
N PRO I 78 38.77 48.33 -6.51
CA PRO I 78 39.67 47.22 -6.21
C PRO I 78 39.61 46.82 -4.74
N VAL I 79 39.85 45.53 -4.48
CA VAL I 79 40.03 45.05 -3.12
C VAL I 79 41.49 45.21 -2.73
N VAL I 80 41.73 45.84 -1.58
CA VAL I 80 43.08 46.20 -1.16
C VAL I 80 43.49 45.33 0.02
N PHE I 81 44.80 45.16 0.16
CA PHE I 81 45.38 44.36 1.23
C PHE I 81 46.26 45.23 2.11
N THR I 82 46.29 44.91 3.41
CA THR I 82 47.08 45.67 4.36
C THR I 82 47.57 44.74 5.46
N GLY I 83 48.63 45.18 6.15
CA GLY I 83 49.08 44.50 7.35
C GLY I 83 49.65 43.13 7.10
N GLY I 84 49.87 42.41 8.20
CA GLY I 84 50.37 41.05 8.15
C GLY I 84 51.87 40.91 7.94
N GLY I 85 52.61 42.02 7.94
CA GLY I 85 54.03 41.96 7.73
C GLY I 85 54.46 41.74 6.29
N LEU I 86 53.51 41.78 5.35
CA LEU I 86 53.85 41.55 3.96
C LEU I 86 54.65 42.72 3.40
N GLY I 87 55.07 42.58 2.14
CA GLY I 87 55.93 43.58 1.54
C GLY I 87 55.32 44.97 1.54
N SER I 88 54.06 45.09 1.12
CA SER I 88 53.36 46.37 1.14
C SER I 88 51.92 46.12 0.71
N PRO I 89 51.00 47.00 1.10
CA PRO I 89 49.61 46.87 0.63
C PRO I 89 49.54 46.55 -0.85
N LEU I 90 48.51 45.77 -1.22
CA LEU I 90 48.30 45.39 -2.60
C LEU I 90 46.84 45.58 -2.96
N GLU I 91 46.58 45.94 -4.22
CA GLU I 91 45.24 46.22 -4.72
C GLU I 91 44.92 45.26 -5.85
N LEU I 92 43.74 44.65 -5.77
CA LEU I 92 43.26 43.70 -6.78
C LEU I 92 41.87 44.10 -7.23
N ILE I 93 41.57 43.86 -8.51
CA ILE I 93 40.22 44.07 -9.03
C ILE I 93 39.36 42.89 -8.64
N PRO I 94 38.17 43.11 -8.05
CA PRO I 94 37.37 41.97 -7.59
C PRO I 94 36.69 41.25 -8.75
N PHE I 95 36.69 39.93 -8.68
CA PHE I 95 35.92 39.14 -9.63
C PHE I 95 34.43 39.29 -9.31
N PRO I 96 33.63 39.88 -10.21
CA PRO I 96 32.22 40.08 -9.87
C PRO I 96 31.51 38.78 -9.55
N ASN I 97 30.60 38.84 -8.58
CA ASN I 97 29.82 37.71 -8.11
C ASN I 97 30.68 36.64 -7.45
N SER I 98 31.91 36.98 -7.06
CA SER I 98 32.80 36.04 -6.39
C SER I 98 33.67 36.78 -5.41
N ASN I 99 34.15 36.05 -4.40
CA ASN I 99 35.04 36.63 -3.39
C ASN I 99 36.21 35.68 -3.12
N VAL I 100 36.83 35.18 -4.19
CA VAL I 100 37.99 34.30 -4.09
C VAL I 100 39.21 35.04 -4.58
N LEU I 101 40.37 34.69 -4.02
CA LEU I 101 41.61 35.42 -4.24
C LEU I 101 42.58 34.59 -5.07
N HIS I 102 43.30 35.26 -5.96
CA HIS I 102 44.40 34.68 -6.71
C HIS I 102 45.63 35.56 -6.56
N PHE I 103 46.79 34.93 -6.40
CA PHE I 103 48.06 35.66 -6.36
C PHE I 103 48.83 35.44 -7.65
N GLN I 125 47.34 39.20 11.84
CA GLN I 125 47.45 38.34 10.67
C GLN I 125 47.16 39.13 9.39
N LEU I 126 47.17 38.44 8.26
CA LEU I 126 46.94 39.11 6.98
C LEU I 126 45.54 39.72 6.94
N MET I 127 45.42 40.84 6.23
CA MET I 127 44.18 41.60 6.18
C MET I 127 43.86 41.99 4.74
N ALA I 128 42.58 42.24 4.50
CA ALA I 128 42.09 42.76 3.23
C ALA I 128 40.77 43.47 3.49
N THR I 129 40.38 44.34 2.57
CA THR I 129 39.16 45.11 2.75
C THR I 129 38.57 45.52 1.41
N TYR I 130 37.25 45.65 1.38
CA TYR I 130 36.51 46.05 0.18
C TYR I 130 35.20 46.69 0.63
N VAL I 131 34.31 46.94 -0.33
CA VAL I 131 33.04 47.60 -0.07
C VAL I 131 31.92 46.75 -0.64
N ALA I 132 30.79 46.70 0.09
CA ALA I 132 29.60 45.99 -0.34
C ALA I 132 28.39 46.87 -0.14
N GLY I 133 27.45 46.79 -1.09
CA GLY I 133 26.25 47.60 -1.05
C GLY I 133 25.79 47.93 -2.46
N ARG I 134 24.86 48.88 -2.54
CA ARG I 134 24.28 49.30 -3.80
C ARG I 134 24.24 50.82 -3.88
N ARG I 135 24.51 51.35 -5.07
CA ARG I 135 24.52 52.80 -5.25
C ARG I 135 23.11 53.39 -5.29
N CYS I 136 22.18 52.72 -5.97
CA CYS I 136 20.83 53.25 -6.13
C CYS I 136 19.81 52.17 -5.79
N GLU I 137 18.66 52.61 -5.26
CA GLU I 137 17.63 51.68 -4.80
C GLU I 137 16.70 51.25 -5.93
N SER I 138 16.75 51.90 -7.08
CA SER I 138 15.92 51.48 -8.22
C SER I 138 16.40 50.18 -8.85
N SER I 139 17.59 49.70 -8.46
CA SER I 139 18.16 48.50 -9.05
C SER I 139 17.54 47.21 -8.52
N VAL I 140 16.64 47.30 -7.54
CA VAL I 140 16.01 46.11 -6.97
C VAL I 140 15.22 45.40 -8.06
N PRO I 141 15.49 44.12 -8.34
CA PRO I 141 14.67 43.40 -9.32
C PRO I 141 13.25 43.21 -8.82
N ALA I 142 12.32 43.07 -9.77
CA ALA I 142 10.91 42.95 -9.41
C ALA I 142 10.64 41.65 -8.65
N GLY I 143 11.33 40.57 -9.01
CA GLY I 143 11.05 39.29 -8.39
C GLY I 143 11.21 39.30 -6.88
N ILE I 144 12.20 40.03 -6.37
CA ILE I 144 12.39 40.11 -4.93
C ILE I 144 11.17 40.72 -4.27
N ILE I 145 10.67 41.83 -4.84
CA ILE I 145 9.48 42.47 -4.30
C ILE I 145 8.29 41.54 -4.38
N MET I 146 8.15 40.82 -5.49
CA MET I 146 7.02 39.90 -5.65
C MET I 146 7.04 38.83 -4.57
N GLY I 147 8.22 38.26 -4.29
CA GLY I 147 8.32 37.26 -3.25
C GLY I 147 8.06 37.83 -1.86
N VAL I 148 8.58 39.03 -1.60
CA VAL I 148 8.36 39.66 -0.30
C VAL I 148 6.88 39.90 -0.07
N LEU I 149 6.15 40.29 -1.14
CA LEU I 149 4.71 40.49 -1.00
C LEU I 149 4.02 39.21 -0.55
N LYS I 150 4.35 38.08 -1.19
CA LYS I 150 3.74 36.82 -0.79
C LYS I 150 4.10 36.45 0.63
N LEU I 151 5.36 36.63 1.02
CA LEU I 151 5.76 36.27 2.39
C LEU I 151 5.02 37.11 3.42
N ILE I 152 4.91 38.41 3.17
CA ILE I 152 4.18 39.27 4.11
C ILE I 152 2.71 38.91 4.15
N ALA I 153 2.13 38.59 2.99
CA ALA I 153 0.73 38.17 2.98
C ALA I 153 0.54 36.91 3.81
N TRP I 154 1.45 35.95 3.69
CA TRP I 154 1.37 34.74 4.51
C TRP I 154 1.47 35.08 5.99
N ASN I 155 2.44 35.91 6.36
CA ASN I 155 2.62 36.21 7.77
C ASN I 155 1.42 36.96 8.34
N ILE I 156 0.72 37.74 7.52
CA ILE I 156 -0.41 38.50 8.03
C ILE I 156 -1.54 37.57 8.46
N ASN I 157 -1.76 36.49 7.73
CA ASN I 157 -2.93 35.64 7.93
C ASN I 157 -2.68 34.52 8.95
N ASN I 158 -1.60 33.76 8.79
CA ASN I 158 -1.36 32.57 9.61
C ASN I 158 -0.38 32.89 10.72
N PRO I 159 -0.80 32.97 11.98
CA PRO I 159 0.14 33.26 13.07
C PRO I 159 1.00 32.07 13.49
N GLY I 160 0.76 30.88 12.95
CA GLY I 160 1.55 29.71 13.27
C GLY I 160 1.09 28.93 14.49
N ASP I 161 -0.15 29.10 14.93
CA ASP I 161 -0.68 28.38 16.08
C ASP I 161 -1.56 27.21 15.68
N GLU I 162 -1.59 26.85 14.40
CA GLU I 162 -2.40 25.75 13.91
C GLU I 162 -1.63 25.03 12.82
N ILE I 163 -2.10 23.84 12.46
CA ILE I 163 -1.48 23.05 11.40
C ILE I 163 -2.50 22.82 10.30
N MET I 164 -2.50 23.69 9.29
CA MET I 164 -3.41 23.56 8.17
C MET I 164 -3.04 24.56 7.08
N ASN I 182 3.78 25.31 8.46
CA ASN I 182 3.96 26.61 9.09
C ASN I 182 5.27 27.26 8.65
N ASN I 183 6.06 26.55 7.85
CA ASN I 183 7.30 27.09 7.31
C ASN I 183 6.94 28.07 6.20
N GLY I 184 6.65 29.30 6.61
CA GLY I 184 6.07 30.27 5.69
C GLY I 184 6.94 30.50 4.46
N ALA I 185 8.25 30.62 4.66
CA ALA I 185 9.14 30.97 3.55
C ALA I 185 9.03 29.98 2.40
N VAL I 186 8.66 28.73 2.69
CA VAL I 186 8.63 27.69 1.66
C VAL I 186 7.22 27.53 1.11
N VAL I 187 6.26 27.22 1.98
CA VAL I 187 4.91 26.92 1.51
C VAL I 187 4.24 28.14 0.89
N SER I 188 4.52 29.35 1.38
CA SER I 188 3.91 30.54 0.80
C SER I 188 4.35 30.74 -0.65
N GLY I 189 5.47 30.16 -1.06
CA GLY I 189 5.96 30.30 -2.41
C GLY I 189 6.92 31.44 -2.62
N ALA I 190 7.15 32.28 -1.61
CA ALA I 190 8.05 33.41 -1.78
C ALA I 190 9.48 32.94 -2.04
N GLN I 191 9.92 31.90 -1.33
CA GLN I 191 11.31 31.49 -1.45
C GLN I 191 11.64 31.04 -2.87
N ASP I 192 10.74 30.28 -3.50
CA ASP I 192 11.01 29.77 -4.84
C ASP I 192 11.18 30.90 -5.86
N GLU I 193 10.51 32.03 -5.67
CA GLU I 193 10.69 33.14 -6.60
C GLU I 193 12.14 33.63 -6.59
N TRP I 194 12.74 33.73 -5.40
CA TRP I 194 14.10 34.22 -5.29
C TRP I 194 15.12 33.23 -5.84
N PHE I 195 14.73 31.98 -6.07
CA PHE I 195 15.70 30.97 -6.50
C PHE I 195 16.30 31.28 -7.86
N ARG I 196 15.69 32.19 -8.63
CA ARG I 196 16.21 32.50 -9.96
C ARG I 196 17.62 33.08 -9.87
N TYR I 197 18.02 33.58 -8.71
CA TYR I 197 19.27 34.30 -8.56
C TYR I 197 20.30 33.58 -7.70
N ARG I 198 19.99 32.40 -7.16
CA ARG I 198 20.89 31.79 -6.19
C ARG I 198 22.02 31.03 -6.86
N ARG I 199 22.26 31.30 -8.15
CA ARG I 199 23.50 30.93 -8.84
C ARG I 199 23.84 29.45 -8.63
N VAL I 200 22.97 28.58 -9.13
CA VAL I 200 23.32 27.17 -9.23
C VAL I 200 24.49 27.01 -10.19
N ILE I 201 25.29 25.96 -9.98
CA ILE I 201 26.47 25.77 -10.80
C ILE I 201 26.05 25.19 -12.16
N LEU I 202 26.46 25.86 -13.23
CA LEU I 202 26.05 25.48 -14.58
C LEU I 202 26.68 24.16 -15.01
N MET J 1 10.98 48.65 -20.16
CA MET J 1 10.58 48.86 -21.59
C MET J 1 9.07 49.02 -21.68
N ASN J 2 8.59 49.49 -22.83
CA ASN J 2 7.18 49.81 -23.03
C ASN J 2 6.35 48.52 -23.17
N TYR J 3 6.32 47.75 -22.08
CA TYR J 3 5.56 46.50 -22.07
C TYR J 3 4.12 46.71 -22.48
N GLU J 4 3.54 47.89 -22.16
CA GLU J 4 2.16 48.14 -22.51
C GLU J 4 1.91 47.97 -24.00
N THR J 5 2.92 48.22 -24.83
CA THR J 5 2.75 48.03 -26.27
C THR J 5 2.61 46.56 -26.63
N LEU J 6 3.22 45.67 -25.84
CA LEU J 6 3.22 44.25 -26.16
C LEU J 6 2.00 43.52 -25.63
N LEU J 7 1.46 43.94 -24.48
CA LEU J 7 0.38 43.22 -23.83
C LEU J 7 -0.51 44.22 -23.09
N PRO J 8 -1.57 44.69 -23.74
CA PRO J 8 -2.47 45.64 -23.07
C PRO J 8 -3.12 45.03 -21.83
N LEU J 9 -3.37 45.87 -20.84
CA LEU J 9 -4.03 45.41 -19.63
C LEU J 9 -5.39 44.79 -19.94
N GLN J 10 -6.09 45.33 -20.93
CA GLN J 10 -7.39 44.78 -21.30
C GLN J 10 -7.26 43.33 -21.73
N THR J 11 -6.22 43.00 -22.49
CA THR J 11 -6.02 41.62 -22.91
C THR J 11 -5.82 40.72 -21.69
N ILE J 12 -4.99 41.15 -20.74
CA ILE J 12 -4.76 40.34 -19.55
C ILE J 12 -6.06 40.12 -18.79
N ARG J 13 -6.86 41.18 -18.63
CA ARG J 13 -8.12 41.02 -17.92
C ARG J 13 -9.06 40.08 -18.66
N GLU J 14 -9.11 40.17 -19.99
CA GLU J 14 -9.95 39.25 -20.75
C GLU J 14 -9.47 37.81 -20.61
N HIS J 15 -8.17 37.60 -20.45
CA HIS J 15 -7.66 36.24 -20.32
C HIS J 15 -7.97 35.68 -18.94
N ALA J 16 -7.53 36.37 -17.88
CA ALA J 16 -7.74 35.89 -16.52
C ALA J 16 -9.20 35.91 -16.09
N LYS J 17 -10.07 36.55 -16.86
CA LYS J 17 -11.49 36.66 -16.52
C LYS J 17 -11.65 37.42 -15.21
N CYS J 18 -11.06 38.61 -15.18
CA CYS J 18 -11.05 39.46 -14.00
C CYS J 18 -11.43 40.89 -14.37
N ASP J 19 -12.50 41.05 -15.14
CA ASP J 19 -12.99 42.36 -15.52
C ASP J 19 -13.99 42.94 -14.53
N ASP J 20 -14.04 42.40 -13.30
CA ASP J 20 -14.88 42.94 -12.24
C ASP J 20 -14.19 42.96 -10.89
N ASN J 21 -12.87 42.78 -10.84
CA ASN J 21 -12.19 42.54 -9.57
C ASN J 21 -12.46 43.69 -8.60
N PRO J 22 -12.88 43.42 -7.36
CA PRO J 22 -13.25 44.51 -6.44
C PRO J 22 -12.09 45.11 -5.67
N ARG J 23 -10.89 44.51 -5.71
CA ARG J 23 -9.76 45.02 -4.95
C ARG J 23 -8.46 45.10 -5.73
N VAL J 24 -8.34 44.47 -6.90
CA VAL J 24 -7.08 44.44 -7.66
C VAL J 24 -7.07 45.65 -8.59
N THR J 25 -6.31 46.67 -8.23
CA THR J 25 -6.20 47.86 -9.05
C THR J 25 -5.13 47.66 -10.13
N ASP J 26 -5.01 48.65 -11.01
CA ASP J 26 -4.05 48.57 -12.11
C ASP J 26 -2.61 48.74 -11.64
N THR J 27 -2.38 49.50 -10.57
CA THR J 27 -1.01 49.73 -10.11
C THR J 27 -0.33 48.43 -9.68
N LEU J 28 -1.11 47.46 -9.21
CA LEU J 28 -0.54 46.19 -8.81
C LEU J 28 -0.43 45.24 -10.01
N LEU J 29 -1.40 45.33 -10.93
CA LEU J 29 -1.37 44.47 -12.11
C LEU J 29 -0.16 44.80 -12.99
N SER J 30 0.19 46.09 -13.07
CA SER J 30 1.39 46.46 -13.80
C SER J 30 2.65 45.85 -13.19
N LEU J 31 2.76 45.86 -11.86
CA LEU J 31 3.89 45.19 -11.21
C LEU J 31 3.90 43.70 -11.52
N TYR J 32 2.73 43.07 -11.48
CA TYR J 32 2.66 41.66 -11.85
C TYR J 32 3.19 41.43 -13.25
N ARG J 33 2.75 42.25 -14.21
CA ARG J 33 3.20 42.08 -15.58
C ARG J 33 4.71 42.27 -15.70
N GLU J 34 5.24 43.29 -15.03
CA GLU J 34 6.68 43.51 -15.04
C GLU J 34 7.43 42.30 -14.53
N ALA J 35 7.00 41.76 -13.38
CA ALA J 35 7.67 40.59 -12.82
C ALA J 35 7.57 39.39 -13.75
N ALA J 36 6.41 39.16 -14.35
CA ALA J 36 6.25 38.01 -15.23
C ALA J 36 7.16 38.13 -16.45
N PHE J 37 7.24 39.32 -17.06
CA PHE J 37 8.14 39.48 -18.19
C PHE J 37 9.60 39.31 -17.79
N GLU J 38 9.98 39.81 -16.61
CA GLU J 38 11.34 39.59 -16.14
C GLU J 38 11.63 38.09 -16.01
N ALA J 39 10.68 37.34 -15.43
CA ALA J 39 10.88 35.92 -15.26
C ALA J 39 11.02 35.21 -16.60
N ALA J 40 10.17 35.58 -17.57
CA ALA J 40 10.26 34.96 -18.89
C ALA J 40 11.60 35.26 -19.54
N GLU J 41 12.05 36.51 -19.47
CA GLU J 41 13.33 36.88 -20.08
C GLU J 41 14.47 36.12 -19.43
N LEU J 42 14.45 36.00 -18.10
CA LEU J 42 15.50 35.27 -17.42
C LEU J 42 15.48 33.79 -17.82
N TYR J 43 14.30 33.19 -17.92
CA TYR J 43 14.22 31.77 -18.22
C TYR J 43 14.69 31.45 -19.64
N THR J 44 14.19 32.19 -20.64
CA THR J 44 14.54 31.88 -22.01
C THR J 44 15.78 32.61 -22.50
N GLY J 45 16.10 33.77 -21.94
CA GLY J 45 17.23 34.55 -22.39
C GLY J 45 16.98 35.41 -23.59
N MET J 46 15.75 35.45 -24.10
CA MET J 46 15.41 36.25 -25.28
C MET J 46 15.12 37.68 -24.82
N SER J 47 16.21 38.44 -24.64
CA SER J 47 16.10 39.81 -24.17
C SER J 47 15.50 40.71 -25.24
N PHE J 48 15.44 42.01 -24.97
CA PHE J 48 14.79 42.98 -25.84
C PHE J 48 15.80 44.02 -26.35
N THR J 49 15.28 45.03 -27.03
CA THR J 49 16.08 46.02 -27.75
C THR J 49 17.09 46.76 -26.88
N PRO J 50 16.69 47.22 -25.68
CA PRO J 50 17.61 48.05 -24.89
C PRO J 50 18.92 47.34 -24.60
N GLN J 51 19.99 48.14 -24.46
CA GLN J 51 21.35 47.62 -24.39
C GLN J 51 22.05 48.16 -23.16
N LYS J 52 23.08 47.43 -22.72
CA LYS J 52 23.88 47.79 -21.56
C LYS J 52 25.30 47.31 -21.77
N THR J 53 26.23 47.96 -21.06
CA THR J 53 27.66 47.66 -21.18
C THR J 53 28.19 47.08 -19.87
N ILE J 54 29.24 46.25 -19.98
CA ILE J 54 29.83 45.57 -18.84
C ILE J 54 31.33 45.53 -19.01
N VAL J 55 32.05 45.51 -17.88
CA VAL J 55 33.50 45.36 -17.85
C VAL J 55 33.85 44.39 -16.71
N GLU J 56 34.78 43.48 -16.99
CA GLU J 56 35.11 42.44 -16.02
C GLU J 56 36.51 41.91 -16.32
N PRO J 57 37.16 41.31 -15.33
CA PRO J 57 38.39 40.57 -15.62
C PRO J 57 38.08 39.11 -15.95
N VAL J 58 38.98 38.49 -16.71
CA VAL J 58 38.77 37.13 -17.20
C VAL J 58 40.05 36.33 -17.05
N ARG J 59 39.89 35.00 -17.10
CA ARG J 59 41.01 34.05 -17.06
C ARG J 59 40.76 32.96 -18.10
N ILE J 60 41.84 32.57 -18.79
CA ILE J 60 41.73 31.53 -19.81
C ILE J 60 41.37 30.20 -19.16
N LYS J 61 40.66 29.36 -19.91
CA LYS J 61 40.15 28.10 -19.36
C LYS J 61 41.10 26.93 -19.56
N ASN J 62 41.57 26.70 -20.78
CA ASN J 62 42.39 25.53 -21.08
C ASN J 62 43.50 25.93 -22.04
N ARG J 63 44.35 24.95 -22.35
CA ARG J 63 45.43 25.17 -23.31
C ARG J 63 44.88 25.50 -24.69
N LYS J 64 43.67 25.01 -25.01
CA LYS J 64 43.07 25.27 -26.31
C LYS J 64 42.66 26.72 -26.50
N GLY J 65 42.56 27.49 -25.43
CA GLY J 65 42.30 28.91 -25.53
C GLY J 65 40.85 29.32 -25.42
N LYS J 66 39.95 28.43 -25.01
CA LYS J 66 38.56 28.80 -24.83
C LYS J 66 38.42 29.72 -23.62
N ILE J 67 37.61 30.77 -23.79
CA ILE J 67 37.41 31.78 -22.76
C ILE J 67 35.91 32.01 -22.58
N VAL J 68 35.50 32.25 -21.33
CA VAL J 68 34.09 32.39 -20.98
C VAL J 68 33.88 33.78 -20.42
N LEU J 69 32.86 34.47 -20.93
CA LEU J 69 32.47 35.78 -20.42
C LEU J 69 31.22 35.65 -19.56
N SER J 70 31.00 36.64 -18.70
CA SER J 70 29.91 36.60 -17.73
C SER J 70 28.53 36.82 -18.35
N GLN J 71 28.48 37.43 -19.54
CA GLN J 71 27.19 37.67 -20.19
C GLN J 71 27.41 37.66 -21.70
N VAL J 72 26.33 37.40 -22.43
CA VAL J 72 26.38 37.24 -23.88
C VAL J 72 26.55 38.61 -24.53
N PRO J 73 27.61 38.85 -25.31
CA PRO J 73 27.71 40.11 -26.05
C PRO J 73 26.68 40.17 -27.16
N ILE J 74 26.37 41.40 -27.58
CA ILE J 74 25.40 41.61 -28.66
C ILE J 74 25.86 40.84 -29.90
N ALA J 75 24.89 40.35 -30.67
CA ALA J 75 25.20 39.62 -31.89
C ALA J 75 25.65 40.59 -32.97
N GLY J 76 26.92 40.96 -32.95
CA GLY J 76 27.40 42.00 -33.85
C GLY J 76 28.81 42.47 -33.57
N ARG J 77 28.96 43.79 -33.42
CA ARG J 77 30.26 44.45 -33.40
C ARG J 77 31.21 43.76 -32.42
N PRO J 78 32.52 43.96 -32.59
CA PRO J 78 33.50 43.13 -31.89
C PRO J 78 33.45 43.30 -30.37
N VAL J 79 34.04 42.32 -29.69
CA VAL J 79 34.24 42.36 -28.24
C VAL J 79 35.71 42.66 -27.99
N VAL J 80 35.97 43.68 -27.16
CA VAL J 80 37.32 44.20 -26.95
C VAL J 80 37.91 43.59 -25.69
N PHE J 81 39.23 43.35 -25.74
CA PHE J 81 39.99 42.92 -24.59
C PHE J 81 41.19 43.84 -24.42
N THR J 82 41.65 44.01 -23.18
CA THR J 82 42.74 44.90 -22.88
C THR J 82 43.67 44.24 -21.86
N GLY J 83 44.89 44.76 -21.78
CA GLY J 83 45.87 44.19 -20.86
C GLY J 83 46.51 42.95 -21.45
N GLY J 84 46.81 41.99 -20.58
CA GLY J 84 47.43 40.76 -21.01
C GLY J 84 48.92 40.85 -21.25
N GLY J 85 49.58 41.89 -20.75
CA GLY J 85 51.01 42.03 -20.90
C GLY J 85 51.40 42.77 -22.17
N LEU J 86 50.74 42.46 -23.27
CA LEU J 86 51.05 43.11 -24.54
C LEU J 86 50.72 44.60 -24.47
N GLY J 87 51.48 45.39 -25.23
CA GLY J 87 51.36 46.83 -25.18
C GLY J 87 50.15 47.40 -25.91
N SER J 88 49.44 46.58 -26.67
CA SER J 88 48.27 47.05 -27.41
C SER J 88 47.13 46.06 -27.19
N PRO J 89 45.88 46.51 -27.28
CA PRO J 89 44.75 45.60 -27.05
C PRO J 89 44.62 44.58 -28.18
N LEU J 90 43.68 43.65 -27.98
CA LEU J 90 43.33 42.65 -28.99
C LEU J 90 41.82 42.52 -29.03
N GLU J 91 41.30 42.21 -30.22
CA GLU J 91 39.86 42.17 -30.43
C GLU J 91 39.48 40.94 -31.22
N LEU J 92 38.30 40.40 -30.90
CA LEU J 92 37.75 39.23 -31.57
C LEU J 92 36.28 39.46 -31.88
N ILE J 93 35.77 38.75 -32.86
CA ILE J 93 34.36 38.84 -33.27
C ILE J 93 33.58 37.84 -32.41
N PRO J 94 32.57 38.28 -31.67
CA PRO J 94 31.84 37.34 -30.80
C PRO J 94 30.79 36.57 -31.59
N PHE J 95 30.71 35.28 -31.29
CA PHE J 95 29.71 34.42 -31.93
C PHE J 95 28.35 34.66 -31.28
N PRO J 96 27.30 34.91 -32.06
CA PRO J 96 25.94 35.15 -31.46
C PRO J 96 25.36 33.96 -30.70
N ASN J 97 24.40 34.27 -29.84
CA ASN J 97 23.69 33.28 -29.03
C ASN J 97 24.64 32.47 -28.15
N SER J 98 25.78 33.04 -27.78
CA SER J 98 26.75 32.35 -26.95
C SER J 98 27.60 33.38 -26.21
N ASN J 99 28.15 32.96 -25.07
CA ASN J 99 29.04 33.78 -24.28
C ASN J 99 30.50 33.36 -24.39
N VAL J 100 30.79 32.33 -25.19
CA VAL J 100 32.13 31.76 -25.26
C VAL J 100 32.90 32.37 -26.43
N LEU J 101 34.16 32.68 -26.19
CA LEU J 101 35.07 33.18 -27.22
C LEU J 101 36.30 32.29 -27.26
N HIS J 102 37.11 32.50 -28.29
CA HIS J 102 38.35 31.76 -28.48
C HIS J 102 39.51 32.73 -28.66
N PHE J 103 40.64 32.42 -28.03
CA PHE J 103 41.83 33.26 -28.15
C PHE J 103 42.54 32.98 -29.46
N GLN J 125 46.84 40.33 -15.75
CA GLN J 125 45.46 39.92 -15.97
C GLN J 125 44.90 40.54 -17.24
N LEU J 126 43.81 39.97 -17.74
CA LEU J 126 43.17 40.42 -18.97
C LEU J 126 41.78 40.95 -18.64
N MET J 127 41.50 42.18 -19.07
CA MET J 127 40.21 42.80 -18.87
C MET J 127 39.38 42.72 -20.15
N ALA J 128 38.09 42.51 -19.98
CA ALA J 128 37.17 42.35 -21.10
C ALA J 128 35.99 43.29 -20.94
N THR J 129 35.51 43.82 -22.07
CA THR J 129 34.36 44.71 -22.09
C THR J 129 33.52 44.39 -23.31
N TYR J 130 32.24 44.73 -23.22
CA TYR J 130 31.29 44.43 -24.30
C TYR J 130 30.00 45.19 -24.03
N VAL J 131 29.01 44.96 -24.88
CA VAL J 131 27.68 45.54 -24.74
C VAL J 131 26.66 44.42 -24.88
N ALA J 132 25.62 44.47 -24.04
CA ALA J 132 24.58 43.46 -24.00
C ALA J 132 23.30 44.03 -24.58
N GLY J 133 22.45 43.14 -25.09
CA GLY J 133 21.20 43.54 -25.69
C GLY J 133 20.87 42.66 -26.88
N ARG J 134 19.65 42.84 -27.39
CA ARG J 134 19.16 42.08 -28.53
C ARG J 134 18.58 43.01 -29.58
N ARG J 135 18.06 42.39 -30.65
CA ARG J 135 17.66 43.09 -31.87
C ARG J 135 16.24 43.63 -31.76
N CYS J 136 15.64 43.96 -32.91
CA CYS J 136 14.44 44.79 -32.94
C CYS J 136 13.37 44.30 -31.97
N GLU J 137 12.46 45.23 -31.64
CA GLU J 137 11.53 45.02 -30.53
C GLU J 137 10.52 43.91 -30.80
N SER J 138 10.03 43.79 -32.04
CA SER J 138 8.88 42.94 -32.33
C SER J 138 9.24 41.45 -32.40
N SER J 139 10.42 41.06 -31.90
CA SER J 139 10.86 39.67 -32.05
C SER J 139 10.00 38.68 -31.29
N VAL J 140 9.18 39.13 -30.35
CA VAL J 140 8.48 38.23 -29.43
C VAL J 140 7.53 37.31 -30.20
N PRO J 141 7.68 35.98 -30.08
CA PRO J 141 6.66 35.08 -30.63
C PRO J 141 5.48 34.93 -29.69
N ALA J 142 4.52 34.10 -30.10
CA ALA J 142 3.27 33.96 -29.36
C ALA J 142 3.43 33.13 -28.10
N GLY J 143 4.25 32.06 -28.15
CA GLY J 143 4.33 31.16 -27.01
C GLY J 143 4.74 31.86 -25.73
N ILE J 144 5.71 32.77 -25.83
CA ILE J 144 6.16 33.52 -24.65
C ILE J 144 5.00 34.35 -24.11
N ILE J 145 4.22 34.96 -24.99
CA ILE J 145 3.08 35.76 -24.55
C ILE J 145 2.09 34.88 -23.81
N MET J 146 1.82 33.68 -24.34
CA MET J 146 0.88 32.77 -23.67
C MET J 146 1.40 32.37 -22.29
N GLY J 147 2.70 32.08 -22.19
CA GLY J 147 3.26 31.74 -20.90
C GLY J 147 3.15 32.89 -19.90
N VAL J 148 3.41 34.10 -20.37
CA VAL J 148 3.30 35.27 -19.49
C VAL J 148 1.87 35.44 -19.01
N LEU J 149 0.90 35.25 -19.92
CA LEU J 149 -0.50 35.36 -19.52
C LEU J 149 -0.84 34.32 -18.47
N LYS J 150 -0.38 33.08 -18.66
CA LYS J 150 -0.65 32.05 -17.66
C LYS J 150 -0.03 32.40 -16.32
N LEU J 151 1.21 32.90 -16.32
CA LEU J 151 1.86 33.25 -15.07
C LEU J 151 1.11 34.37 -14.35
N ILE J 152 0.67 35.38 -15.10
CA ILE J 152 -0.07 36.48 -14.49
C ILE J 152 -1.39 35.98 -13.91
N ALA J 153 -2.10 35.14 -14.66
CA ALA J 153 -3.36 34.61 -14.16
C ALA J 153 -3.15 33.82 -12.88
N TRP J 154 -2.09 33.01 -12.83
CA TRP J 154 -1.79 32.28 -11.60
C TRP J 154 -1.46 33.23 -10.46
N ASN J 155 -0.67 34.27 -10.72
CA ASN J 155 -0.27 35.18 -9.66
C ASN J 155 -1.45 35.94 -9.08
N ILE J 156 -2.44 36.29 -9.91
CA ILE J 156 -3.57 37.06 -9.40
C ILE J 156 -4.30 36.30 -8.32
N ASN J 157 -4.54 35.00 -8.53
CA ASN J 157 -5.38 34.21 -7.64
C ASN J 157 -4.58 33.37 -6.66
N ASN J 158 -3.43 33.87 -6.19
CA ASN J 158 -2.59 33.16 -5.22
C ASN J 158 -1.69 34.13 -4.49
N PRO J 159 -2.23 34.87 -3.52
CA PRO J 159 -1.35 35.64 -2.62
C PRO J 159 -0.60 34.77 -1.64
N GLY J 160 -0.88 33.47 -1.60
CA GLY J 160 -0.11 32.50 -0.85
C GLY J 160 -0.84 31.91 0.33
N ASP J 161 -1.46 30.74 0.11
CA ASP J 161 -2.07 29.93 1.16
C ASP J 161 -2.30 28.56 0.56
N GLU J 162 -1.64 27.53 1.10
CA GLU J 162 -1.77 26.20 0.50
C GLU J 162 -1.43 25.10 1.49
N ILE J 163 -2.44 24.30 1.84
CA ILE J 163 -2.25 22.95 2.36
C ILE J 163 -3.10 22.00 1.53
N MET J 164 -4.07 22.56 0.79
CA MET J 164 -5.03 21.77 0.03
C MET J 164 -4.33 20.69 -0.79
N ASN J 182 6.95 23.94 -5.10
CA ASN J 182 5.76 24.76 -5.20
C ASN J 182 6.10 26.15 -5.73
N ASN J 183 6.47 26.21 -7.01
CA ASN J 183 6.83 27.45 -7.69
C ASN J 183 5.68 27.85 -8.60
N GLY J 184 5.37 29.15 -8.62
CA GLY J 184 4.27 29.63 -9.44
C GLY J 184 4.47 29.37 -10.92
N ALA J 185 5.70 29.55 -11.41
CA ALA J 185 5.95 29.38 -12.83
C ALA J 185 5.91 27.92 -13.26
N VAL J 186 6.11 26.99 -12.34
CA VAL J 186 6.12 25.56 -12.70
C VAL J 186 4.71 25.00 -12.69
N VAL J 187 4.00 25.18 -11.57
CA VAL J 187 2.67 24.60 -11.43
C VAL J 187 1.70 25.22 -12.43
N SER J 188 1.90 26.48 -12.79
CA SER J 188 0.99 27.18 -13.69
C SER J 188 1.12 26.72 -15.14
N GLY J 189 2.16 25.99 -15.49
CA GLY J 189 2.35 25.51 -16.84
C GLY J 189 3.04 26.48 -17.77
N ALA J 190 3.34 27.69 -17.33
CA ALA J 190 4.03 28.65 -18.19
C ALA J 190 5.42 28.13 -18.58
N GLN J 191 6.13 27.55 -17.62
CA GLN J 191 7.45 27.03 -17.89
C GLN J 191 7.44 25.87 -18.88
N ASP J 192 6.29 25.22 -19.06
CA ASP J 192 6.12 24.23 -20.11
C ASP J 192 5.83 24.87 -21.46
N GLU J 193 5.26 26.07 -21.47
CA GLU J 193 5.09 26.81 -22.73
C GLU J 193 6.41 27.37 -23.21
N TRP J 194 7.24 27.88 -22.30
CA TRP J 194 8.52 28.45 -22.69
C TRP J 194 9.55 27.39 -23.03
N PHE J 195 9.34 26.14 -22.63
CA PHE J 195 10.35 25.12 -22.81
C PHE J 195 10.65 24.86 -24.28
N ARG J 196 9.71 25.18 -25.17
CA ARG J 196 9.90 24.88 -26.58
C ARG J 196 11.06 25.67 -27.21
N TYR J 197 11.55 26.70 -26.53
CA TYR J 197 12.59 27.55 -27.08
C TYR J 197 13.95 27.36 -26.40
N ARG J 198 14.13 26.31 -25.60
CA ARG J 198 15.37 26.15 -24.85
C ARG J 198 16.36 25.25 -25.57
N ARG J 199 15.90 24.11 -26.09
CA ARG J 199 16.78 23.20 -26.81
C ARG J 199 17.93 22.73 -25.93
N VAL J 200 17.61 21.98 -24.87
CA VAL J 200 18.61 21.45 -23.95
C VAL J 200 19.30 20.26 -24.60
N ILE J 201 20.63 20.25 -24.55
CA ILE J 201 21.43 19.07 -24.84
C ILE J 201 22.15 18.68 -23.56
N LEU J 202 22.02 17.41 -23.16
CA LEU J 202 22.39 16.98 -21.82
C LEU J 202 23.87 16.64 -21.71
N MET K 1 9.47 19.62 48.53
CA MET K 1 9.79 21.00 48.95
C MET K 1 8.50 21.83 49.08
N ASN K 2 8.63 23.06 49.57
CA ASN K 2 7.49 23.96 49.71
C ASN K 2 7.16 24.48 48.31
N TYR K 3 6.44 23.65 47.55
CA TYR K 3 6.12 24.00 46.16
C TYR K 3 5.27 25.25 46.06
N GLU K 4 4.59 25.64 47.14
CA GLU K 4 3.71 26.80 47.06
C GLU K 4 4.46 28.04 46.59
N THR K 5 5.75 28.15 46.91
CA THR K 5 6.53 29.31 46.47
C THR K 5 6.90 29.21 45.00
N LEU K 6 7.14 28.01 44.49
CA LEU K 6 7.57 27.86 43.10
C LEU K 6 6.43 28.13 42.13
N LEU K 7 5.23 27.62 42.42
CA LEU K 7 4.11 27.71 41.48
C LEU K 7 2.82 27.79 42.27
N PRO K 8 2.29 28.99 42.50
CA PRO K 8 1.04 29.12 43.23
C PRO K 8 -0.10 28.41 42.51
N LEU K 9 -1.05 27.91 43.29
CA LEU K 9 -2.21 27.25 42.70
C LEU K 9 -2.96 28.19 41.77
N GLN K 10 -2.86 29.50 41.99
CA GLN K 10 -3.57 30.45 41.15
C GLN K 10 -3.14 30.36 39.70
N THR K 11 -1.84 30.23 39.45
CA THR K 11 -1.37 30.14 38.07
C THR K 11 -1.88 28.87 37.40
N ILE K 12 -1.86 27.75 38.11
CA ILE K 12 -2.37 26.50 37.55
C ILE K 12 -3.85 26.63 37.23
N ARG K 13 -4.62 27.22 38.15
CA ARG K 13 -6.05 27.39 37.91
C ARG K 13 -6.31 28.31 36.72
N GLU K 14 -5.47 29.32 36.52
CA GLU K 14 -5.66 30.24 35.40
C GLU K 14 -5.30 29.58 34.08
N HIS K 15 -4.18 28.86 34.03
CA HIS K 15 -3.76 28.25 32.78
C HIS K 15 -4.76 27.21 32.30
N ALA K 16 -5.24 26.36 33.21
CA ALA K 16 -6.19 25.32 32.86
C ALA K 16 -7.62 25.81 32.83
N LYS K 17 -7.87 27.06 33.20
CA LYS K 17 -9.20 27.65 33.18
C LYS K 17 -10.19 26.75 33.92
N CYS K 18 -9.92 26.56 35.22
CA CYS K 18 -10.77 25.74 36.07
C CYS K 18 -11.01 26.39 37.44
N ASP K 19 -10.89 27.71 37.55
CA ASP K 19 -11.06 28.37 38.83
C ASP K 19 -12.51 28.38 39.28
N ASP K 20 -13.46 28.21 38.38
CA ASP K 20 -14.87 28.14 38.72
C ASP K 20 -15.38 26.71 38.85
N ASN K 21 -14.50 25.72 38.69
CA ASN K 21 -14.88 24.31 38.73
C ASN K 21 -14.75 23.80 40.16
N PRO K 22 -15.84 23.34 40.80
CA PRO K 22 -15.72 22.82 42.17
C PRO K 22 -15.34 21.36 42.25
N ARG K 23 -15.18 20.67 41.11
CA ARG K 23 -14.88 19.25 41.12
C ARG K 23 -13.38 18.96 41.23
N VAL K 24 -12.54 19.98 41.31
CA VAL K 24 -11.10 19.79 41.45
C VAL K 24 -10.62 20.59 42.65
N THR K 25 -10.55 19.93 43.80
CA THR K 25 -10.21 20.59 45.04
C THR K 25 -8.71 20.77 45.18
N ASP K 26 -8.32 21.58 46.17
CA ASP K 26 -6.90 21.85 46.39
C ASP K 26 -6.12 20.56 46.67
N THR K 27 -6.75 19.59 47.32
CA THR K 27 -6.04 18.36 47.65
C THR K 27 -5.58 17.64 46.38
N LEU K 28 -6.42 17.60 45.35
CA LEU K 28 -6.06 16.90 44.13
C LEU K 28 -5.05 17.68 43.31
N LEU K 29 -5.19 19.01 43.26
CA LEU K 29 -4.22 19.83 42.55
C LEU K 29 -2.84 19.73 43.20
N SER K 30 -2.79 19.65 44.54
CA SER K 30 -1.51 19.46 45.19
C SER K 30 -0.86 18.15 44.74
N LEU K 31 -1.64 17.08 44.65
CA LEU K 31 -1.11 15.80 44.20
C LEU K 31 -0.59 15.90 42.77
N TYR K 32 -1.38 16.53 41.88
CA TYR K 32 -0.96 16.65 40.49
C TYR K 32 0.33 17.46 40.39
N ARG K 33 0.41 18.59 41.10
CA ARG K 33 1.59 19.43 41.04
C ARG K 33 2.82 18.69 41.57
N GLU K 34 2.65 17.98 42.69
CA GLU K 34 3.77 17.24 43.26
C GLU K 34 4.25 16.16 42.29
N ALA K 35 3.31 15.43 41.69
CA ALA K 35 3.69 14.39 40.75
C ALA K 35 4.41 14.97 39.54
N ALA K 36 3.90 16.09 39.00
CA ALA K 36 4.55 16.70 37.84
C ALA K 36 5.96 17.16 38.18
N PHE K 37 6.12 17.83 39.32
CA PHE K 37 7.45 18.30 39.69
C PHE K 37 8.41 17.15 39.94
N GLU K 38 7.93 16.08 40.57
CA GLU K 38 8.79 14.92 40.79
C GLU K 38 9.19 14.28 39.47
N ALA K 39 8.26 14.19 38.52
CA ALA K 39 8.59 13.65 37.22
C ALA K 39 9.64 14.50 36.52
N ALA K 40 9.48 15.82 36.57
CA ALA K 40 10.48 16.70 35.95
C ALA K 40 11.84 16.53 36.61
N GLU K 41 11.86 16.44 37.95
CA GLU K 41 13.12 16.27 38.66
C GLU K 41 13.80 14.97 38.27
N LEU K 42 13.02 13.88 38.18
CA LEU K 42 13.60 12.62 37.74
C LEU K 42 14.13 12.71 36.31
N TYR K 43 13.39 13.38 35.43
CA TYR K 43 13.82 13.46 34.03
C TYR K 43 15.10 14.26 33.86
N THR K 44 15.05 15.56 34.19
CA THR K 44 16.19 16.41 33.88
C THR K 44 17.31 16.28 34.90
N GLY K 45 17.03 15.70 36.06
CA GLY K 45 18.05 15.47 37.06
C GLY K 45 18.51 16.71 37.80
N MET K 46 17.92 17.88 37.50
CA MET K 46 18.30 19.13 38.16
C MET K 46 17.43 19.33 39.38
N SER K 47 17.93 18.91 40.54
CA SER K 47 17.22 19.17 41.77
C SER K 47 17.06 20.68 41.96
N PHE K 48 15.96 21.08 42.57
CA PHE K 48 15.58 22.49 42.57
C PHE K 48 16.45 23.28 43.54
N THR K 49 16.07 24.51 43.85
CA THR K 49 17.06 25.51 44.23
C THR K 49 17.02 25.93 45.70
N PRO K 50 17.28 25.03 46.63
CA PRO K 50 17.89 25.46 47.89
C PRO K 50 19.38 25.63 47.68
N GLN K 51 19.88 26.86 47.64
CA GLN K 51 21.23 27.10 47.16
C GLN K 51 22.23 26.24 47.94
N LYS K 52 23.16 25.64 47.21
CA LYS K 52 23.93 24.53 47.75
C LYS K 52 25.20 24.34 46.93
N THR K 53 26.35 24.39 47.60
CA THR K 53 27.59 23.95 46.96
C THR K 53 27.63 22.43 46.92
N ILE K 54 28.57 21.89 46.15
CA ILE K 54 28.59 20.48 45.82
C ILE K 54 29.91 19.86 46.24
N VAL K 55 29.82 18.76 46.99
CA VAL K 55 30.96 17.90 47.32
C VAL K 55 30.46 16.46 47.28
N GLU K 56 31.04 15.64 46.41
CA GLU K 56 30.53 14.31 46.14
C GLU K 56 31.70 13.35 45.94
N PRO K 57 31.47 12.04 46.12
CA PRO K 57 32.54 11.08 45.91
C PRO K 57 32.76 10.76 44.43
N VAL K 58 33.95 10.24 44.13
CA VAL K 58 34.33 9.93 42.76
C VAL K 58 35.39 8.83 42.77
N ARG K 59 35.43 8.05 41.69
CA ARG K 59 36.48 7.06 41.46
C ARG K 59 36.95 7.17 40.01
N ILE K 60 38.26 7.08 39.82
CA ILE K 60 38.85 7.31 38.51
C ILE K 60 38.29 6.30 37.50
N LYS K 61 38.14 6.74 36.25
CA LYS K 61 37.50 5.92 35.24
C LYS K 61 38.50 5.13 34.41
N ASN K 62 39.68 5.68 34.15
CA ASN K 62 40.65 5.02 33.28
C ASN K 62 42.03 5.62 33.52
N ARG K 63 43.01 5.06 32.82
CA ARG K 63 44.39 5.54 32.96
C ARG K 63 44.53 7.00 32.57
N LYS K 64 43.66 7.49 31.69
CA LYS K 64 43.70 8.89 31.29
C LYS K 64 43.40 9.82 32.46
N GLY K 65 42.83 9.30 33.55
CA GLY K 65 42.49 10.12 34.69
C GLY K 65 41.12 10.76 34.62
N LYS K 66 40.28 10.36 33.68
CA LYS K 66 38.96 10.94 33.56
C LYS K 66 38.10 10.60 34.77
N ILE K 67 37.42 11.61 35.31
CA ILE K 67 36.48 11.45 36.41
C ILE K 67 35.21 12.19 36.08
N VAL K 68 34.07 11.56 36.35
CA VAL K 68 32.76 12.09 36.00
C VAL K 68 32.08 12.62 37.25
N LEU K 69 31.64 13.87 37.20
CA LEU K 69 30.92 14.51 38.30
C LEU K 69 29.42 14.46 38.03
N SER K 70 28.65 14.99 38.98
CA SER K 70 27.19 14.91 38.90
C SER K 70 26.59 16.15 38.26
N GLN K 71 26.96 17.33 38.74
CA GLN K 71 26.35 18.58 38.28
C GLN K 71 27.41 19.50 37.70
N VAL K 72 26.95 20.49 36.95
CA VAL K 72 27.82 21.43 36.25
C VAL K 72 28.38 22.45 37.23
N PRO K 73 29.71 22.59 37.33
CA PRO K 73 30.26 23.68 38.14
C PRO K 73 29.97 25.05 37.53
N ILE K 74 29.94 26.07 38.39
CA ILE K 74 29.74 27.44 37.94
C ILE K 74 31.01 27.96 37.30
N ALA K 75 30.85 28.98 36.46
CA ALA K 75 31.99 29.56 35.78
C ALA K 75 32.64 30.64 36.62
N GLY K 76 33.97 30.59 36.73
CA GLY K 76 34.72 31.63 37.40
C GLY K 76 35.04 31.39 38.85
N ARG K 77 34.87 30.16 39.34
CA ARG K 77 35.21 29.83 40.73
C ARG K 77 35.83 28.42 40.73
N PRO K 78 37.14 28.31 40.82
CA PRO K 78 37.80 27.00 40.63
C PRO K 78 37.33 25.95 41.62
N VAL K 79 37.27 24.71 41.14
CA VAL K 79 37.02 23.55 41.99
C VAL K 79 38.24 23.26 42.85
N VAL K 80 38.04 22.56 43.96
CA VAL K 80 39.12 22.13 44.82
C VAL K 80 38.95 20.63 45.10
N PHE K 81 40.06 19.96 45.37
CA PHE K 81 40.11 18.51 45.45
C PHE K 81 40.71 18.07 46.79
N THR K 82 40.22 16.95 47.31
CA THR K 82 40.70 16.39 48.56
C THR K 82 40.53 14.88 48.50
N GLY K 83 40.67 14.23 49.66
CA GLY K 83 40.41 12.81 49.75
C GLY K 83 41.53 11.94 49.21
N GLY K 84 41.33 10.64 49.34
CA GLY K 84 42.31 9.68 48.85
C GLY K 84 43.64 9.85 49.54
N GLY K 85 44.72 9.78 48.75
CA GLY K 85 46.07 9.93 49.25
C GLY K 85 46.68 11.30 49.05
N LEU K 86 45.88 12.31 48.68
CA LEU K 86 46.42 13.65 48.48
C LEU K 86 46.75 14.30 49.81
N GLY K 87 47.86 15.02 49.86
CA GLY K 87 48.30 15.66 51.08
C GLY K 87 48.31 17.18 51.03
N SER K 88 48.05 17.75 49.85
CA SER K 88 48.10 19.19 49.67
C SER K 88 46.87 19.66 48.90
N PRO K 89 46.43 20.90 49.09
CA PRO K 89 45.29 21.41 48.32
C PRO K 89 45.64 21.62 46.86
N LEU K 90 44.60 21.65 46.03
CA LEU K 90 44.75 21.88 44.60
C LEU K 90 43.45 22.48 44.07
N GLU K 91 43.58 23.41 43.13
CA GLU K 91 42.41 24.06 42.54
C GLU K 91 42.60 24.17 41.03
N LEU K 92 41.56 23.82 40.28
CA LEU K 92 41.59 23.84 38.81
C LEU K 92 40.35 24.56 38.29
N ILE K 93 40.51 25.28 37.19
CA ILE K 93 39.41 26.01 36.56
C ILE K 93 38.52 25.02 35.81
N PRO K 94 37.21 24.99 36.08
CA PRO K 94 36.35 24.05 35.37
C PRO K 94 35.94 24.56 33.99
N PHE K 95 35.78 23.61 33.06
CA PHE K 95 35.31 23.95 31.73
C PHE K 95 33.81 24.23 31.77
N PRO K 96 33.33 25.24 31.03
CA PRO K 96 31.90 25.55 31.08
C PRO K 96 31.03 24.38 30.65
N ASN K 97 29.90 24.21 31.34
CA ASN K 97 28.93 23.19 31.00
C ASN K 97 29.47 21.78 31.23
N SER K 98 30.67 21.67 31.78
CA SER K 98 31.31 20.37 31.94
C SER K 98 30.82 19.68 33.20
N ASN K 99 30.96 18.35 33.21
CA ASN K 99 30.69 17.54 34.39
C ASN K 99 31.73 16.45 34.57
N VAL K 100 32.89 16.58 33.92
CA VAL K 100 33.98 15.61 34.01
C VAL K 100 35.27 16.37 34.31
N LEU K 101 36.05 15.86 35.25
CA LEU K 101 37.31 16.49 35.65
C LEU K 101 38.41 15.44 35.65
N HIS K 102 39.63 15.90 35.34
CA HIS K 102 40.80 15.05 35.34
C HIS K 102 42.03 15.89 35.68
N PHE K 103 43.04 15.25 36.26
CA PHE K 103 44.22 15.96 36.73
C PHE K 103 45.04 16.51 35.57
N GLN K 125 38.97 6.61 49.03
CA GLN K 125 38.22 7.23 47.96
C GLN K 125 38.59 8.70 47.82
N LEU K 126 38.37 9.25 46.62
CA LEU K 126 38.77 10.62 46.31
C LEU K 126 37.62 11.58 46.60
N MET K 127 37.99 12.79 47.04
CA MET K 127 37.03 13.82 47.39
C MET K 127 37.34 15.08 46.58
N ALA K 128 36.31 15.91 46.40
CA ALA K 128 36.48 17.21 45.78
C ALA K 128 35.15 17.96 45.91
N THR K 129 35.25 19.28 46.02
CA THR K 129 34.08 20.13 46.18
C THR K 129 34.19 21.33 45.25
N TYR K 130 33.03 21.81 44.81
CA TYR K 130 32.95 22.95 43.91
C TYR K 130 31.64 23.67 44.18
N VAL K 131 31.53 24.88 43.64
CA VAL K 131 30.35 25.72 43.82
C VAL K 131 29.55 25.71 42.53
N ALA K 132 28.23 25.53 42.67
CA ALA K 132 27.36 25.41 41.51
C ALA K 132 25.92 25.59 41.97
N GLY K 133 24.99 25.34 41.05
CA GLY K 133 23.58 25.41 41.38
C GLY K 133 22.97 26.75 41.02
N ARG K 134 21.87 27.07 41.70
CA ARG K 134 21.12 28.30 41.48
C ARG K 134 20.83 28.97 42.81
N ARG K 135 20.70 30.29 42.78
CA ARG K 135 20.58 31.09 43.99
C ARG K 135 19.12 31.37 44.35
N CYS K 136 18.36 31.97 43.42
CA CYS K 136 17.01 32.43 43.70
C CYS K 136 16.00 31.57 42.95
N GLU K 137 14.80 31.47 43.54
CA GLU K 137 13.76 30.65 42.94
C GLU K 137 13.34 31.17 41.57
N SER K 138 13.46 32.48 41.35
CA SER K 138 13.13 33.05 40.04
C SER K 138 14.07 32.55 38.95
N SER K 139 15.20 31.96 39.31
CA SER K 139 16.14 31.41 38.34
C SER K 139 15.69 30.06 37.82
N VAL K 140 14.67 29.45 38.42
CA VAL K 140 14.09 28.22 37.91
C VAL K 140 13.67 28.49 36.47
N PRO K 141 14.34 27.91 35.48
CA PRO K 141 14.06 28.30 34.08
C PRO K 141 12.60 28.11 33.72
N ALA K 142 12.07 29.07 32.97
CA ALA K 142 10.64 29.06 32.66
C ALA K 142 10.22 27.81 31.90
N GLY K 143 11.15 27.16 31.20
CA GLY K 143 10.80 25.96 30.46
C GLY K 143 10.26 24.87 31.36
N ILE K 144 10.87 24.70 32.53
CA ILE K 144 10.42 23.68 33.47
C ILE K 144 9.00 23.99 33.93
N ILE K 145 8.72 25.26 34.22
CA ILE K 145 7.39 25.65 34.66
C ILE K 145 6.38 25.41 33.55
N MET K 146 6.74 25.73 32.31
CA MET K 146 5.83 25.48 31.19
C MET K 146 5.54 23.99 31.04
N GLY K 147 6.58 23.16 31.17
CA GLY K 147 6.35 21.73 31.08
C GLY K 147 5.44 21.22 32.18
N VAL K 148 5.65 21.71 33.41
CA VAL K 148 4.80 21.29 34.52
C VAL K 148 3.36 21.71 34.27
N LEU K 149 3.16 22.94 33.79
CA LEU K 149 1.81 23.41 33.50
C LEU K 149 1.15 22.54 32.43
N LYS K 150 1.89 22.20 31.37
CA LYS K 150 1.31 21.37 30.33
C LYS K 150 0.95 19.98 30.86
N LEU K 151 1.82 19.39 31.67
CA LEU K 151 1.53 18.06 32.21
C LEU K 151 0.30 18.10 33.12
N ILE K 152 0.20 19.13 33.97
CA ILE K 152 -0.97 19.24 34.84
C ILE K 152 -2.23 19.42 34.02
N ALA K 153 -2.18 20.26 32.97
CA ALA K 153 -3.34 20.46 32.12
C ALA K 153 -3.77 19.16 31.46
N TRP K 154 -2.81 18.36 30.99
CA TRP K 154 -3.16 17.06 30.43
C TRP K 154 -3.81 16.16 31.49
N ASN K 155 -3.24 16.14 32.69
CA ASN K 155 -3.78 15.26 33.73
C ASN K 155 -5.19 15.65 34.13
N ILE K 156 -5.50 16.95 34.12
CA ILE K 156 -6.82 17.38 34.56
C ILE K 156 -7.92 16.81 33.67
N ASN K 157 -7.72 16.84 32.35
CA ASN K 157 -8.81 16.58 31.40
C ASN K 157 -8.91 15.13 30.96
N ASN K 158 -7.87 14.31 31.17
CA ASN K 158 -7.81 12.95 30.64
C ASN K 158 -7.55 11.98 31.79
N PRO K 159 -8.59 11.44 32.42
CA PRO K 159 -8.38 10.54 33.56
C PRO K 159 -7.59 9.29 33.22
N GLY K 160 -7.60 8.85 31.98
CA GLY K 160 -6.84 7.69 31.56
C GLY K 160 -7.65 6.46 31.20
N ASP K 161 -8.91 6.61 30.79
CA ASP K 161 -9.74 5.49 30.38
C ASP K 161 -10.27 5.66 28.96
N GLU K 162 -9.48 6.30 28.08
CA GLU K 162 -9.90 6.52 26.71
C GLU K 162 -8.67 6.37 25.82
N ILE K 163 -8.91 6.38 24.51
CA ILE K 163 -7.85 6.18 23.53
C ILE K 163 -7.79 7.37 22.57
N MET K 164 -8.80 8.24 22.64
CA MET K 164 -8.83 9.43 21.80
C MET K 164 -8.06 10.56 22.46
N ASN K 182 -1.83 7.03 25.95
CA ASN K 182 -2.14 7.76 27.17
C ASN K 182 -0.89 8.07 27.97
N ASN K 183 0.26 8.07 27.30
CA ASN K 183 1.53 8.44 27.92
C ASN K 183 1.54 9.96 28.07
N GLY K 184 0.95 10.43 29.19
CA GLY K 184 0.69 11.85 29.33
C GLY K 184 1.93 12.70 29.21
N ALA K 185 3.03 12.26 29.80
CA ALA K 185 4.23 13.10 29.82
C ALA K 185 4.70 13.47 28.42
N VAL K 186 4.45 12.60 27.43
CA VAL K 186 5.01 12.78 26.10
C VAL K 186 4.00 13.49 25.19
N VAL K 187 2.82 12.89 25.00
CA VAL K 187 1.88 13.42 24.04
C VAL K 187 1.46 14.84 24.39
N SER K 188 1.39 15.18 25.68
CA SER K 188 1.05 16.53 26.08
C SER K 188 2.15 17.53 25.75
N GLY K 189 3.36 17.07 25.41
CA GLY K 189 4.45 17.95 25.07
C GLY K 189 5.28 18.42 26.23
N ALA K 190 4.88 18.14 27.46
CA ALA K 190 5.68 18.57 28.61
C ALA K 190 7.06 17.92 28.58
N GLN K 191 7.12 16.64 28.23
CA GLN K 191 8.40 15.95 28.14
C GLN K 191 9.34 16.62 27.16
N ASP K 192 8.82 17.05 26.00
CA ASP K 192 9.68 17.69 25.01
C ASP K 192 10.26 19.00 25.51
N GLU K 193 9.51 19.77 26.30
CA GLU K 193 10.03 21.04 26.80
C GLU K 193 11.25 20.85 27.69
N TRP K 194 11.36 19.69 28.34
CA TRP K 194 12.47 19.44 29.25
C TRP K 194 13.70 18.88 28.54
N PHE K 195 13.61 18.54 27.25
CA PHE K 195 14.74 17.94 26.56
C PHE K 195 15.85 18.92 26.27
N ARG K 196 15.60 20.23 26.39
CA ARG K 196 16.65 21.20 26.11
C ARG K 196 17.81 21.08 27.09
N TYR K 197 17.58 20.47 28.26
CA TYR K 197 18.58 20.46 29.32
C TYR K 197 19.34 19.15 29.42
N ARG K 198 18.72 18.01 29.15
CA ARG K 198 19.40 16.74 29.41
C ARG K 198 20.71 16.63 28.63
N ARG K 199 20.83 17.35 27.51
CA ARG K 199 22.13 17.57 26.90
C ARG K 199 22.85 16.27 26.55
N VAL K 200 22.32 15.52 25.58
CA VAL K 200 23.04 14.36 25.06
C VAL K 200 24.43 14.80 24.61
N ILE K 201 25.38 13.85 24.64
CA ILE K 201 26.76 14.17 24.30
C ILE K 201 26.80 14.88 22.96
N LEU K 202 27.67 15.89 22.86
CA LEU K 202 27.71 16.77 21.69
C LEU K 202 28.29 16.05 20.47
N MET L 1 14.58 41.47 33.37
CA MET L 1 14.95 42.39 32.26
C MET L 1 13.70 43.01 31.64
N ASN L 2 13.86 44.19 31.06
CA ASN L 2 12.74 44.91 30.47
C ASN L 2 12.30 44.30 29.15
N TYR L 3 11.79 43.08 29.19
CA TYR L 3 11.28 42.44 27.99
C TYR L 3 10.19 43.27 27.34
N GLU L 4 9.49 44.11 28.12
CA GLU L 4 8.49 44.99 27.54
C GLU L 4 9.05 45.79 26.37
N THR L 5 10.28 46.27 26.50
CA THR L 5 10.90 47.05 25.44
C THR L 5 11.26 46.17 24.24
N LEU L 6 11.76 44.96 24.49
CA LEU L 6 12.09 44.06 23.38
C LEU L 6 10.86 43.70 22.57
N LEU L 7 9.75 43.41 23.22
CA LEU L 7 8.53 43.03 22.53
C LEU L 7 7.32 43.40 23.38
N PRO L 8 6.59 44.47 23.03
CA PRO L 8 5.47 44.89 23.86
C PRO L 8 4.34 43.86 23.87
N LEU L 9 3.56 43.88 24.95
CA LEU L 9 2.42 42.99 25.05
C LEU L 9 1.41 43.26 23.93
N GLN L 10 1.24 44.54 23.59
CA GLN L 10 0.24 44.90 22.58
C GLN L 10 0.55 44.24 21.24
N THR L 11 1.82 44.28 20.81
CA THR L 11 2.19 43.65 19.56
C THR L 11 1.95 42.14 19.60
N ILE L 12 2.30 41.51 20.72
CA ILE L 12 2.07 40.08 20.85
C ILE L 12 0.58 39.77 20.71
N ARG L 13 -0.27 40.56 21.37
CA ARG L 13 -1.70 40.34 21.28
C ARG L 13 -2.19 40.54 19.85
N GLU L 14 -1.70 41.56 19.17
CA GLU L 14 -2.16 41.85 17.81
C GLU L 14 -1.76 40.73 16.85
N HIS L 15 -0.52 40.27 16.92
CA HIS L 15 -0.07 39.24 15.99
C HIS L 15 -0.85 37.95 16.20
N ALA L 16 -1.05 37.56 17.45
CA ALA L 16 -1.72 36.31 17.77
C ALA L 16 -3.21 36.34 17.47
N LYS L 17 -3.77 37.49 17.12
CA LYS L 17 -5.20 37.64 16.88
C LYS L 17 -5.99 37.24 18.13
N CYS L 18 -5.54 37.77 19.26
CA CYS L 18 -6.15 37.46 20.56
C CYS L 18 -6.35 38.73 21.38
N ASP L 19 -6.71 39.84 20.73
CA ASP L 19 -6.99 41.08 21.44
C ASP L 19 -8.45 41.20 21.87
N ASP L 20 -9.21 40.10 21.80
CA ASP L 20 -10.57 40.02 22.35
C ASP L 20 -10.66 38.65 23.03
N ASN L 21 -10.27 38.61 24.30
CA ASN L 21 -10.09 37.35 25.02
C ASN L 21 -10.81 37.42 26.36
N PRO L 22 -11.61 36.41 26.72
CA PRO L 22 -12.35 36.47 27.99
C PRO L 22 -11.64 35.89 29.21
N ARG L 23 -10.59 35.09 29.04
CA ARG L 23 -9.95 34.42 30.18
C ARG L 23 -8.43 34.46 30.19
N VAL L 24 -7.75 34.83 29.11
CA VAL L 24 -6.29 34.81 29.07
C VAL L 24 -5.79 36.12 29.67
N THR L 25 -5.13 36.02 30.83
CA THR L 25 -4.69 37.19 31.56
C THR L 25 -3.28 37.58 31.14
N ASP L 26 -2.98 38.88 31.25
CA ASP L 26 -1.65 39.36 30.91
C ASP L 26 -0.59 38.75 31.80
N THR L 27 -0.92 38.49 33.06
CA THR L 27 0.05 37.92 33.99
C THR L 27 0.58 36.59 33.46
N LEU L 28 -0.28 35.79 32.85
CA LEU L 28 0.15 34.51 32.30
C LEU L 28 0.96 34.70 31.03
N LEU L 29 0.55 35.66 30.18
CA LEU L 29 1.26 35.89 28.93
C LEU L 29 2.69 36.37 29.19
N SER L 30 2.88 37.11 30.27
CA SER L 30 4.23 37.53 30.66
C SER L 30 5.13 36.36 31.00
N LEU L 31 4.57 35.18 31.27
CA LEU L 31 5.37 33.99 31.49
C LEU L 31 5.74 33.34 30.16
N TYR L 32 4.78 33.29 29.23
CA TYR L 32 5.06 32.71 27.92
C TYR L 32 6.13 33.52 27.19
N ARG L 33 6.09 34.85 27.33
CA ARG L 33 7.10 35.67 26.67
C ARG L 33 8.50 35.31 27.16
N GLU L 34 8.68 35.24 28.49
CA GLU L 34 9.97 34.89 29.04
C GLU L 34 10.40 33.49 28.63
N ALA L 35 9.45 32.54 28.62
CA ALA L 35 9.79 31.18 28.20
C ALA L 35 10.27 31.16 26.76
N ALA L 36 9.59 31.89 25.87
CA ALA L 36 9.99 31.91 24.47
C ALA L 36 11.38 32.53 24.31
N PHE L 37 11.64 33.63 25.02
CA PHE L 37 12.97 34.23 24.92
C PHE L 37 14.05 33.29 25.44
N GLU L 38 13.79 32.59 26.54
CA GLU L 38 14.77 31.64 27.05
C GLU L 38 14.99 30.50 26.06
N ALA L 39 13.92 30.05 25.41
CA ALA L 39 14.07 29.00 24.40
C ALA L 39 14.93 29.47 23.23
N ALA L 40 14.71 30.69 22.78
CA ALA L 40 15.56 31.23 21.72
C ALA L 40 17.02 31.31 22.17
N GLU L 41 17.24 31.77 23.39
CA GLU L 41 18.59 31.80 23.95
C GLU L 41 19.23 30.43 23.87
N LEU L 42 18.53 29.40 24.33
CA LEU L 42 19.10 28.05 24.30
C LEU L 42 19.34 27.56 22.89
N TYR L 43 18.43 27.83 21.96
CA TYR L 43 18.58 27.31 20.60
C TYR L 43 19.71 27.99 19.83
N THR L 44 19.91 29.30 19.98
CA THR L 44 20.92 30.00 19.21
C THR L 44 22.16 30.39 20.00
N GLY L 45 22.06 30.59 21.31
CA GLY L 45 23.20 31.00 22.10
C GLY L 45 23.54 32.47 22.02
N MET L 46 22.76 33.26 21.29
CA MET L 46 23.00 34.69 21.17
C MET L 46 22.34 35.40 22.33
N SER L 47 23.14 35.91 23.26
CA SER L 47 22.60 36.61 24.42
C SER L 47 22.06 37.98 24.00
N PHE L 48 21.14 38.49 24.82
CA PHE L 48 20.53 39.79 24.58
C PHE L 48 21.35 40.90 25.24
N THR L 49 20.77 42.09 25.33
CA THR L 49 21.50 43.26 25.81
C THR L 49 22.47 42.98 26.95
N PRO L 50 22.14 42.20 27.98
CA PRO L 50 23.11 42.00 29.07
C PRO L 50 24.35 41.26 28.61
N GLN L 51 25.49 41.95 28.57
CA GLN L 51 26.72 41.34 28.14
C GLN L 51 27.35 40.52 29.26
N LYS L 52 28.12 39.50 28.88
CA LYS L 52 28.65 38.52 29.81
C LYS L 52 30.14 38.38 29.60
N THR L 53 30.89 38.35 30.70
CA THR L 53 32.33 38.12 30.63
C THR L 53 32.62 36.64 30.44
N ILE L 54 33.65 36.34 29.64
CA ILE L 54 34.04 34.96 29.36
C ILE L 54 35.53 34.82 29.63
N VAL L 55 35.87 34.00 30.62
CA VAL L 55 37.23 33.53 30.83
C VAL L 55 37.14 32.02 31.09
N GLU L 56 37.82 31.24 30.26
CA GLU L 56 37.61 29.80 30.24
C GLU L 56 38.95 29.11 30.02
N PRO L 57 39.07 27.83 30.39
CA PRO L 57 40.30 27.06 30.13
C PRO L 57 40.37 26.54 28.70
N VAL L 58 40.80 27.42 27.78
CA VAL L 58 40.88 27.04 26.38
C VAL L 58 41.94 25.96 26.20
N ARG L 59 41.90 25.30 25.06
CA ARG L 59 42.81 24.19 24.76
C ARG L 59 43.07 24.13 23.27
N ILE L 60 44.15 23.45 22.90
CA ILE L 60 44.48 23.23 21.49
C ILE L 60 43.89 21.91 21.05
N LYS L 61 43.15 21.93 19.94
CA LYS L 61 42.48 20.72 19.46
C LYS L 61 43.46 19.75 18.81
N ASN L 62 44.46 20.26 18.10
CA ASN L 62 45.36 19.40 17.34
C ASN L 62 46.63 20.18 16.99
N ARG L 63 47.57 19.46 16.37
CA ARG L 63 48.86 20.06 16.02
C ARG L 63 48.70 21.18 14.99
N LYS L 64 47.57 21.25 14.30
CA LYS L 64 47.35 22.30 13.30
C LYS L 64 47.24 23.68 13.93
N GLY L 65 47.12 23.77 15.25
CA GLY L 65 46.96 25.05 15.91
C GLY L 65 45.53 25.49 16.09
N LYS L 66 44.58 24.57 16.14
CA LYS L 66 43.17 24.92 16.22
C LYS L 66 42.73 25.04 17.68
N ILE L 67 42.12 26.16 18.03
CA ILE L 67 41.60 26.42 19.36
C ILE L 67 40.13 26.75 19.24
N VAL L 68 39.31 26.12 20.09
CA VAL L 68 37.85 26.27 20.04
C VAL L 68 37.41 27.08 21.25
N LEU L 69 36.67 28.15 21.00
CA LEU L 69 36.11 28.97 22.07
C LEU L 69 34.67 28.54 22.35
N SER L 70 34.23 28.79 23.58
CA SER L 70 32.88 28.36 23.96
C SER L 70 31.80 29.24 23.34
N GLN L 71 32.11 30.52 23.08
CA GLN L 71 31.15 31.42 22.47
C GLN L 71 31.88 32.38 21.55
N VAL L 72 31.13 32.94 20.60
CA VAL L 72 31.69 33.90 19.65
C VAL L 72 32.19 35.12 20.42
N PRO L 73 33.29 35.75 20.02
CA PRO L 73 33.78 36.91 20.76
C PRO L 73 33.15 38.20 20.26
N ILE L 74 33.19 39.22 21.11
CA ILE L 74 32.69 40.55 20.75
C ILE L 74 33.30 40.95 19.42
N ALA L 75 32.45 41.35 18.47
CA ALA L 75 32.88 41.51 17.10
C ALA L 75 33.90 42.63 16.96
N GLY L 76 34.92 42.38 16.15
CA GLY L 76 35.89 43.40 15.78
C GLY L 76 37.07 43.52 16.72
N ARG L 77 36.82 43.46 18.03
CA ARG L 77 37.89 43.69 18.99
C ARG L 77 38.85 42.50 19.00
N PRO L 78 40.16 42.73 19.03
CA PRO L 78 41.10 41.62 19.13
C PRO L 78 40.91 40.84 20.43
N VAL L 79 41.42 39.61 20.45
CA VAL L 79 41.32 38.72 21.60
C VAL L 79 42.72 38.44 22.12
N VAL L 80 42.87 38.45 23.44
CA VAL L 80 44.17 38.36 24.10
C VAL L 80 44.34 36.96 24.67
N PHE L 81 45.59 36.56 24.85
CA PHE L 81 45.94 35.25 25.39
C PHE L 81 47.07 35.42 26.39
N THR L 82 47.07 34.57 27.42
CA THR L 82 48.11 34.60 28.44
C THR L 82 48.11 33.25 29.16
N GLY L 83 49.23 32.96 29.82
CA GLY L 83 49.38 31.73 30.58
C GLY L 83 50.31 30.76 29.91
N GLY L 84 50.62 29.69 30.66
CA GLY L 84 51.51 28.66 30.15
C GLY L 84 52.96 29.06 30.07
N GLY L 85 53.38 30.05 30.86
CA GLY L 85 54.73 30.57 30.85
C GLY L 85 54.89 31.84 30.04
N LEU L 86 53.92 32.18 29.21
CA LEU L 86 53.96 33.41 28.41
C LEU L 86 53.50 34.57 29.29
N GLY L 87 54.43 35.10 30.09
CA GLY L 87 54.10 36.21 30.95
C GLY L 87 53.60 37.43 30.20
N SER L 88 54.23 37.76 29.08
CA SER L 88 53.79 38.90 28.30
C SER L 88 52.45 38.58 27.62
N PRO L 89 51.60 39.60 27.42
CA PRO L 89 50.31 39.36 26.77
C PRO L 89 50.48 38.99 25.31
N LEU L 90 49.50 38.26 24.78
CA LEU L 90 49.49 37.82 23.40
C LEU L 90 48.06 37.93 22.87
N GLU L 91 47.92 38.41 21.64
CA GLU L 91 46.60 38.65 21.08
C GLU L 91 46.62 38.51 19.57
N LEU L 92 45.48 38.09 19.02
CA LEU L 92 45.29 37.93 17.58
C LEU L 92 43.95 38.54 17.20
N ILE L 93 43.75 38.69 15.89
CA ILE L 93 42.49 39.22 15.36
C ILE L 93 41.57 38.05 15.05
N PRO L 94 40.45 37.90 15.77
CA PRO L 94 39.59 36.73 15.55
C PRO L 94 38.75 36.87 14.29
N PHE L 95 38.23 35.73 13.83
CA PHE L 95 37.32 35.75 12.69
C PHE L 95 35.93 36.22 13.15
N PRO L 96 35.22 36.97 12.32
CA PRO L 96 33.86 37.37 12.70
C PRO L 96 32.91 36.18 12.69
N ASN L 97 31.97 36.20 13.63
CA ASN L 97 30.91 35.20 13.70
C ASN L 97 31.48 33.78 13.70
N SER L 98 32.55 33.59 14.46
CA SER L 98 33.20 32.29 14.55
C SER L 98 33.95 32.21 15.87
N ASN L 99 34.32 30.99 16.25
CA ASN L 99 34.96 30.73 17.54
C ASN L 99 36.17 29.82 17.38
N VAL L 100 37.03 30.13 16.41
CA VAL L 100 38.25 29.36 16.18
C VAL L 100 39.42 30.33 16.07
N LEU L 101 40.47 30.07 16.84
CA LEU L 101 41.69 30.87 16.84
C LEU L 101 42.89 29.95 16.74
N HIS L 102 44.05 30.56 16.49
CA HIS L 102 45.30 29.81 16.37
C HIS L 102 46.43 30.60 17.01
N PHE L 103 47.45 29.89 17.46
CA PHE L 103 48.64 30.52 18.04
C PHE L 103 49.45 31.22 16.97
N GLN L 125 48.59 26.77 33.18
CA GLN L 125 47.82 26.27 32.05
C GLN L 125 47.37 27.42 31.16
N LEU L 126 47.00 27.10 29.92
CA LEU L 126 46.59 28.13 28.97
C LEU L 126 45.33 28.83 29.44
N MET L 127 45.25 30.13 29.15
CA MET L 127 44.10 30.93 29.55
C MET L 127 43.82 31.97 28.48
N ALA L 128 42.56 32.35 28.36
CA ALA L 128 42.14 33.38 27.42
C ALA L 128 40.87 34.02 27.95
N THR L 129 40.55 35.20 27.43
CA THR L 129 39.40 35.95 27.91
C THR L 129 38.80 36.78 26.79
N TYR L 130 37.50 37.01 26.89
CA TYR L 130 36.78 37.89 25.98
C TYR L 130 35.37 38.07 26.53
N VAL L 131 34.61 38.96 25.88
CA VAL L 131 33.27 39.31 26.34
C VAL L 131 32.28 39.00 25.22
N ALA L 132 31.09 38.55 25.62
CA ALA L 132 30.02 38.25 24.68
C ALA L 132 28.76 38.99 25.10
N GLY L 133 27.93 39.32 24.11
CA GLY L 133 26.73 40.08 24.36
C GLY L 133 26.35 40.99 23.21
N ARG L 134 25.41 41.90 23.44
CA ARG L 134 24.91 42.79 22.39
C ARG L 134 24.73 44.18 22.95
N ARG L 135 24.71 45.16 22.05
CA ARG L 135 24.71 46.56 22.46
C ARG L 135 23.47 46.92 23.26
N CYS L 136 22.29 46.62 22.72
CA CYS L 136 21.05 47.10 23.33
C CYS L 136 19.88 46.43 22.64
N GLU L 137 18.67 46.86 23.03
CA GLU L 137 17.44 46.26 22.51
C GLU L 137 17.31 46.41 21.00
N SER L 138 17.83 47.49 20.42
CA SER L 138 17.58 47.80 19.02
C SER L 138 18.43 46.98 18.06
N SER L 139 19.41 46.22 18.55
CA SER L 139 20.31 45.49 17.67
C SER L 139 19.87 44.05 17.44
N VAL L 140 18.73 43.63 17.98
CA VAL L 140 18.27 42.25 17.84
C VAL L 140 17.71 42.03 16.44
N PRO L 141 18.18 41.01 15.70
CA PRO L 141 17.64 40.76 14.37
C PRO L 141 16.14 40.48 14.42
N ALA L 142 15.43 40.91 13.37
CA ALA L 142 13.98 40.79 13.35
C ALA L 142 13.53 39.33 13.29
N GLY L 143 14.29 38.47 12.61
CA GLY L 143 13.88 37.08 12.49
C GLY L 143 13.70 36.39 13.83
N ILE L 144 14.55 36.73 14.80
CA ILE L 144 14.39 36.19 16.15
C ILE L 144 13.01 36.54 16.68
N ILE L 145 12.60 37.80 16.51
CA ILE L 145 11.29 38.24 17.01
C ILE L 145 10.17 37.53 16.26
N MET L 146 10.34 37.36 14.94
CA MET L 146 9.31 36.70 14.17
C MET L 146 9.10 35.26 14.62
N GLY L 147 10.18 34.53 14.89
CA GLY L 147 10.04 33.18 15.42
C GLY L 147 9.45 33.17 16.81
N VAL L 148 9.90 34.11 17.66
CA VAL L 148 9.41 34.15 19.03
C VAL L 148 7.90 34.35 19.05
N LEU L 149 7.41 35.28 18.22
CA LEU L 149 5.98 35.55 18.20
C LEU L 149 5.18 34.30 17.81
N LYS L 150 5.68 33.56 16.84
CA LYS L 150 5.04 32.29 16.47
C LYS L 150 5.01 31.35 17.66
N LEU L 151 6.11 31.27 18.40
CA LEU L 151 6.14 30.37 19.56
C LEU L 151 5.12 30.77 20.61
N ILE L 152 5.01 32.07 20.92
CA ILE L 152 4.00 32.50 21.88
C ILE L 152 2.60 32.18 21.36
N ALA L 153 2.35 32.42 20.07
CA ALA L 153 1.02 32.10 19.54
C ALA L 153 0.70 30.63 19.74
N TRP L 154 1.65 29.75 19.42
CA TRP L 154 1.43 28.32 19.60
C TRP L 154 1.15 27.99 21.06
N ASN L 155 1.95 28.51 21.98
CA ASN L 155 1.73 28.24 23.39
C ASN L 155 0.39 28.76 23.88
N ILE L 156 -0.09 29.87 23.32
CA ILE L 156 -1.41 30.37 23.67
C ILE L 156 -2.51 29.46 23.17
N ASN L 157 -2.34 28.86 21.98
CA ASN L 157 -3.39 28.02 21.42
C ASN L 157 -3.06 26.53 21.58
N ASN L 158 -2.43 26.16 22.70
CA ASN L 158 -2.15 24.75 23.01
C ASN L 158 -1.83 24.62 24.49
N PRO L 159 -2.85 24.68 25.35
CA PRO L 159 -2.61 24.47 26.79
C PRO L 159 -2.07 23.09 27.10
N GLY L 160 -2.33 22.09 26.26
CA GLY L 160 -1.79 20.76 26.47
C GLY L 160 -2.84 19.71 26.75
N ASP L 161 -4.03 19.86 26.17
CA ASP L 161 -5.12 18.94 26.44
C ASP L 161 -5.21 17.81 25.43
N GLU L 162 -4.87 18.06 24.17
CA GLU L 162 -4.95 17.01 23.16
C GLU L 162 -3.86 17.25 22.12
N ILE L 163 -3.58 16.21 21.33
CA ILE L 163 -2.40 16.19 20.47
C ILE L 163 -2.49 17.19 19.32
N MET L 164 -3.68 17.38 18.75
CA MET L 164 -3.83 18.27 17.59
C MET L 164 -3.13 19.60 17.81
N ASN L 182 6.45 15.25 17.63
CA ASN L 182 5.47 16.26 18.02
C ASN L 182 6.03 17.12 19.17
N ASN L 183 6.76 18.17 18.80
CA ASN L 183 7.34 19.12 19.74
C ASN L 183 6.82 20.51 19.44
N GLY L 184 6.58 21.30 20.49
CA GLY L 184 5.99 22.61 20.31
C GLY L 184 6.89 23.58 19.56
N ALA L 185 8.18 23.60 19.86
CA ALA L 185 9.07 24.60 19.28
C ALA L 185 9.33 24.36 17.80
N VAL L 186 9.02 23.18 17.28
CA VAL L 186 9.29 22.83 15.89
C VAL L 186 8.04 22.95 15.04
N VAL L 187 6.93 22.35 15.47
CA VAL L 187 5.70 22.41 14.68
C VAL L 187 5.23 23.84 14.49
N SER L 188 5.44 24.71 15.48
CA SER L 188 5.03 26.10 15.36
C SER L 188 5.82 26.86 14.30
N GLY L 189 6.97 26.34 13.87
CA GLY L 189 7.75 26.98 12.84
C GLY L 189 8.75 28.01 13.32
N ALA L 190 8.77 28.32 14.61
CA ALA L 190 9.73 29.30 15.13
C ALA L 190 11.15 28.78 14.97
N GLN L 191 11.36 27.48 15.22
CA GLN L 191 12.71 26.93 15.11
C GLN L 191 13.24 27.07 13.69
N ASP L 192 12.39 26.90 12.68
CA ASP L 192 12.83 27.12 11.30
C ASP L 192 13.24 28.56 11.06
N GLU L 193 12.50 29.53 11.62
CA GLU L 193 12.89 30.93 11.50
C GLU L 193 14.25 31.18 12.14
N TRP L 194 14.48 30.60 13.33
CA TRP L 194 15.76 30.81 14.00
C TRP L 194 16.89 30.04 13.30
N PHE L 195 16.56 29.00 12.53
CA PHE L 195 17.59 28.15 11.95
C PHE L 195 18.53 28.93 11.05
N ARG L 196 18.06 30.03 10.46
CA ARG L 196 18.87 30.74 9.49
C ARG L 196 20.17 31.28 10.09
N TYR L 197 20.22 31.39 11.42
CA TYR L 197 21.38 31.97 12.09
C TYR L 197 22.29 30.95 12.75
N ARG L 198 21.98 29.65 12.65
CA ARG L 198 22.76 28.65 13.37
C ARG L 198 24.03 28.24 12.63
N ARG L 199 24.21 28.67 11.37
CA ARG L 199 25.48 28.62 10.66
C ARG L 199 26.15 27.25 10.77
N VAL L 200 25.48 26.26 10.19
CA VAL L 200 26.08 24.94 10.02
C VAL L 200 27.19 25.03 8.98
N ILE L 201 28.14 24.08 9.03
CA ILE L 201 29.30 24.12 8.16
C ILE L 201 28.84 24.24 6.71
N LEU L 202 29.51 25.11 5.96
CA LEU L 202 29.17 25.36 4.56
C LEU L 202 29.60 24.21 3.67
#